data_8H02
# 
_entry.id   8H02 
# 
_audit_conform.dict_name       mmcif_pdbx.dic 
_audit_conform.dict_version    5.380 
_audit_conform.dict_location   http://mmcif.pdb.org/dictionaries/ascii/mmcif_pdbx.dic 
# 
loop_
_database_2.database_id 
_database_2.database_code 
_database_2.pdbx_database_accession 
_database_2.pdbx_DOI 
PDB   8H02         pdb_00008h02 10.2210/pdb8h02/pdb 
WWPDB D_1300032496 ?            ?                   
# 
_pdbx_database_status.status_code                     REL 
_pdbx_database_status.status_code_sf                  REL 
_pdbx_database_status.status_code_mr                  ? 
_pdbx_database_status.entry_id                        8H02 
_pdbx_database_status.recvd_initial_deposition_date   2022-09-27 
_pdbx_database_status.SG_entry                        N 
_pdbx_database_status.deposit_site                    PDBJ 
_pdbx_database_status.process_site                    PDBC 
_pdbx_database_status.status_code_cs                  ? 
_pdbx_database_status.status_code_nmr_data            ? 
_pdbx_database_status.methods_development_category    ? 
_pdbx_database_status.pdb_format_compatible           Y 
# 
loop_
_audit_author.name 
_audit_author.pdbx_ordinal 
_audit_author.identifier_ORCID 
'Shen, L.Q.' 1 0000-0002-8862-1586 
'Zhang, Y.'  2 ?                   
# 
_citation.abstract                  ? 
_citation.abstract_id_CAS           ? 
_citation.book_id_ISBN              ? 
_citation.book_publisher            ? 
_citation.book_publisher_city       ? 
_citation.book_title                ? 
_citation.coordinate_linkage        ? 
_citation.country                   US 
_citation.database_id_Medline       ? 
_citation.details                   ? 
_citation.id                        primary 
_citation.journal_abbrev            Proc.Natl.Acad.Sci.USA 
_citation.journal_id_ASTM           PNASA6 
_citation.journal_id_CSD            0040 
_citation.journal_id_ISSN           1091-6490 
_citation.journal_full              ? 
_citation.journal_issue             ? 
_citation.journal_volume            120 
_citation.language                  ? 
_citation.page_first                e2219290120 
_citation.page_last                 e2219290120 
_citation.title                     'An SI3-sigma arch stabilizes cyanobacteria transcription initiation complex.' 
_citation.year                      2023 
_citation.database_id_CSD           ? 
_citation.pdbx_database_id_DOI      10.1073/pnas.2219290120 
_citation.pdbx_database_id_PubMed   37036976 
_citation.pdbx_database_id_patent   ? 
_citation.unpublished_flag          ? 
# 
loop_
_citation_author.citation_id 
_citation_author.name 
_citation_author.ordinal 
_citation_author.identifier_ORCID 
primary 'Shen, L.'      1  0000-0002-8862-1586 
primary 'Lai, G.'       2  0000-0002-6879-7672 
primary 'You, L.'       3  ?                   
primary 'Shi, J.'       4  ?                   
primary 'Wu, X.'        5  ?                   
primary 'Puiu, M.'      6  ?                   
primary 'Gu, Z.'        7  ?                   
primary 'Feng, Y.'      8  0000-0003-4239-8320 
primary 'Yuzenkova, Y.' 9  ?                   
primary 'Zhang, Y.'     10 0000-0002-1778-8389 
# 
_cell.angle_alpha                  90.000 
_cell.angle_alpha_esd              ? 
_cell.angle_beta                   90.000 
_cell.angle_beta_esd               ? 
_cell.angle_gamma                  90.000 
_cell.angle_gamma_esd              ? 
_cell.entry_id                     8H02 
_cell.details                      ? 
_cell.formula_units_Z              ? 
_cell.length_a                     32.133 
_cell.length_a_esd                 ? 
_cell.length_b                     32.133 
_cell.length_b_esd                 ? 
_cell.length_c                     82.399 
_cell.length_c_esd                 ? 
_cell.volume                       ? 
_cell.volume_esd                   ? 
_cell.Z_PDB                        4 
_cell.reciprocal_angle_alpha       ? 
_cell.reciprocal_angle_beta        ? 
_cell.reciprocal_angle_gamma       ? 
_cell.reciprocal_angle_alpha_esd   ? 
_cell.reciprocal_angle_beta_esd    ? 
_cell.reciprocal_angle_gamma_esd   ? 
_cell.reciprocal_length_a          ? 
_cell.reciprocal_length_b          ? 
_cell.reciprocal_length_c          ? 
_cell.reciprocal_length_a_esd      ? 
_cell.reciprocal_length_b_esd      ? 
_cell.reciprocal_length_c_esd      ? 
_cell.pdbx_unique_axis             ? 
_cell.pdbx_esd_method              ? 
# 
_symmetry.entry_id                         8H02 
_symmetry.cell_setting                     ? 
_symmetry.Int_Tables_number                76 
_symmetry.space_group_name_Hall            ? 
_symmetry.space_group_name_H-M             'P 41' 
_symmetry.pdbx_full_space_group_name_H-M   ? 
# 
loop_
_entity.id 
_entity.type 
_entity.src_method 
_entity.pdbx_description 
_entity.formula_weight 
_entity.pdbx_number_of_molecules 
_entity.pdbx_ec 
_entity.pdbx_mutation 
_entity.pdbx_fragment 
_entity.details 
1 polymer man 
;DNA-directed RNA polymerase subunit beta'
;
9046.376 1  2.7.7.6 ? SI3-tail ? 
2 water   nat water                                       18.015   72 ?       ? ?        ? 
# 
_entity_name_com.entity_id   1 
_entity_name_com.name        
;RNAP subunit beta',RNA polymerase subunit beta',Transcriptase subunit beta'
;
# 
_entity_poly.entity_id                      1 
_entity_poly.type                           'polypeptide(L)' 
_entity_poly.nstd_linkage                   no 
_entity_poly.nstd_monomer                   no 
_entity_poly.pdbx_seq_one_letter_code       
;GETARLLRAPVAGTIKLGKKARTRPYRTRHGEEALLAEANFDLVLEGKGRKETFAILQGSTIFVQDGDKVAAEAILAEVP
VSGR
;
_entity_poly.pdbx_seq_one_letter_code_can   
;GETARLLRAPVAGTIKLGKKARTRPYRTRHGEEALLAEANFDLVLEGKGRKETFAILQGSTIFVQDGDKVAAEAILAEVP
VSGR
;
_entity_poly.pdbx_strand_id                 A 
_entity_poly.pdbx_target_identifier         ? 
# 
loop_
_entity_poly_seq.entity_id 
_entity_poly_seq.num 
_entity_poly_seq.mon_id 
_entity_poly_seq.hetero 
1 1  GLY n 
1 2  GLU n 
1 3  THR n 
1 4  ALA n 
1 5  ARG n 
1 6  LEU n 
1 7  LEU n 
1 8  ARG n 
1 9  ALA n 
1 10 PRO n 
1 11 VAL n 
1 12 ALA n 
1 13 GLY n 
1 14 THR n 
1 15 ILE n 
1 16 LYS n 
1 17 LEU n 
1 18 GLY n 
1 19 LYS n 
1 20 LYS n 
1 21 ALA n 
1 22 ARG n 
1 23 THR n 
1 24 ARG n 
1 25 PRO n 
1 26 TYR n 
1 27 ARG n 
1 28 THR n 
1 29 ARG n 
1 30 HIS n 
1 31 GLY n 
1 32 GLU n 
1 33 GLU n 
1 34 ALA n 
1 35 LEU n 
1 36 LEU n 
1 37 ALA n 
1 38 GLU n 
1 39 ALA n 
1 40 ASN n 
1 41 PHE n 
1 42 ASP n 
1 43 LEU n 
1 44 VAL n 
1 45 LEU n 
1 46 GLU n 
1 47 GLY n 
1 48 LYS n 
1 49 GLY n 
1 50 ARG n 
1 51 LYS n 
1 52 GLU n 
1 53 THR n 
1 54 PHE n 
1 55 ALA n 
1 56 ILE n 
1 57 LEU n 
1 58 GLN n 
1 59 GLY n 
1 60 SER n 
1 61 THR n 
1 62 ILE n 
1 63 PHE n 
1 64 VAL n 
1 65 GLN n 
1 66 ASP n 
1 67 GLY n 
1 68 ASP n 
1 69 LYS n 
1 70 VAL n 
1 71 ALA n 
1 72 ALA n 
1 73 GLU n 
1 74 ALA n 
1 75 ILE n 
1 76 LEU n 
1 77 ALA n 
1 78 GLU n 
1 79 VAL n 
1 80 PRO n 
1 81 VAL n 
1 82 SER n 
1 83 GLY n 
1 84 ARG n 
# 
_entity_src_gen.entity_id                          1 
_entity_src_gen.pdbx_src_id                        1 
_entity_src_gen.pdbx_alt_source_flag               sample 
_entity_src_gen.pdbx_seq_type                      'Biological sequence' 
_entity_src_gen.pdbx_beg_seq_num                   1 
_entity_src_gen.pdbx_end_seq_num                   84 
_entity_src_gen.gene_src_common_name               'Anacystis nidulans R2' 
_entity_src_gen.gene_src_genus                     ? 
_entity_src_gen.pdbx_gene_src_gene                 'rpoC2, Synpcc7942_1524' 
_entity_src_gen.gene_src_species                   ? 
_entity_src_gen.gene_src_strain                    'PCC 7942 / FACHB-805' 
_entity_src_gen.gene_src_tissue                    ? 
_entity_src_gen.gene_src_tissue_fraction           ? 
_entity_src_gen.gene_src_details                   ? 
_entity_src_gen.pdbx_gene_src_fragment             ? 
_entity_src_gen.pdbx_gene_src_scientific_name      'Synechococcus elongatus (strain PCC 7942 / FACHB-805)' 
_entity_src_gen.pdbx_gene_src_ncbi_taxonomy_id     1140 
_entity_src_gen.pdbx_gene_src_variant              ? 
_entity_src_gen.pdbx_gene_src_cell_line            ? 
_entity_src_gen.pdbx_gene_src_atcc                 ? 
_entity_src_gen.pdbx_gene_src_organ                ? 
_entity_src_gen.pdbx_gene_src_organelle            ? 
_entity_src_gen.pdbx_gene_src_cell                 ? 
_entity_src_gen.pdbx_gene_src_cellular_location    ? 
_entity_src_gen.host_org_common_name               ? 
_entity_src_gen.pdbx_host_org_scientific_name      'Escherichia coli BL21(DE3)' 
_entity_src_gen.pdbx_host_org_ncbi_taxonomy_id     469008 
_entity_src_gen.host_org_genus                     ? 
_entity_src_gen.pdbx_host_org_gene                 ? 
_entity_src_gen.pdbx_host_org_organ                ? 
_entity_src_gen.host_org_species                   ? 
_entity_src_gen.pdbx_host_org_tissue               ? 
_entity_src_gen.pdbx_host_org_tissue_fraction      ? 
_entity_src_gen.pdbx_host_org_strain               ? 
_entity_src_gen.pdbx_host_org_variant              ? 
_entity_src_gen.pdbx_host_org_cell_line            ? 
_entity_src_gen.pdbx_host_org_atcc                 ? 
_entity_src_gen.pdbx_host_org_culture_collection   ? 
_entity_src_gen.pdbx_host_org_cell                 ? 
_entity_src_gen.pdbx_host_org_organelle            ? 
_entity_src_gen.pdbx_host_org_cellular_location    ? 
_entity_src_gen.pdbx_host_org_vector_type          ? 
_entity_src_gen.pdbx_host_org_vector               ? 
_entity_src_gen.host_org_details                   ? 
_entity_src_gen.expression_system_id               ? 
_entity_src_gen.plasmid_name                       ? 
_entity_src_gen.plasmid_details                    ? 
_entity_src_gen.pdbx_description                   ? 
# 
_struct_ref.id                         1 
_struct_ref.db_name                    UNP 
_struct_ref.db_code                    RPOC2_SYNE7 
_struct_ref.pdbx_db_accession          Q31N15 
_struct_ref.pdbx_db_isoform            ? 
_struct_ref.entity_id                  1 
_struct_ref.pdbx_seq_one_letter_code   
;GETARLLRAPVAGTIKLGKKARTRPYRTRHGEEALLAEANFDLVLEGKGRKETFAILQGSTIFVQDGDKVAAEAILAEVP
VSGR
;
_struct_ref.pdbx_align_begin           350 
# 
_struct_ref_seq.align_id                      1 
_struct_ref_seq.ref_id                        1 
_struct_ref_seq.pdbx_PDB_id_code              8H02 
_struct_ref_seq.pdbx_strand_id                A 
_struct_ref_seq.seq_align_beg                 1 
_struct_ref_seq.pdbx_seq_align_beg_ins_code   ? 
_struct_ref_seq.seq_align_end                 84 
_struct_ref_seq.pdbx_seq_align_end_ins_code   ? 
_struct_ref_seq.pdbx_db_accession             Q31N15 
_struct_ref_seq.db_align_beg                  350 
_struct_ref_seq.pdbx_db_align_beg_ins_code    ? 
_struct_ref_seq.db_align_end                  433 
_struct_ref_seq.pdbx_db_align_end_ins_code    ? 
_struct_ref_seq.pdbx_auth_seq_align_beg       350 
_struct_ref_seq.pdbx_auth_seq_align_end       433 
# 
loop_
_chem_comp.id 
_chem_comp.type 
_chem_comp.mon_nstd_flag 
_chem_comp.name 
_chem_comp.pdbx_synonyms 
_chem_comp.formula 
_chem_comp.formula_weight 
ALA 'L-peptide linking' y ALANINE         ? 'C3 H7 N O2'     89.093  
ARG 'L-peptide linking' y ARGININE        ? 'C6 H15 N4 O2 1' 175.209 
ASN 'L-peptide linking' y ASPARAGINE      ? 'C4 H8 N2 O3'    132.118 
ASP 'L-peptide linking' y 'ASPARTIC ACID' ? 'C4 H7 N O4'     133.103 
GLN 'L-peptide linking' y GLUTAMINE       ? 'C5 H10 N2 O3'   146.144 
GLU 'L-peptide linking' y 'GLUTAMIC ACID' ? 'C5 H9 N O4'     147.129 
GLY 'peptide linking'   y GLYCINE         ? 'C2 H5 N O2'     75.067  
HIS 'L-peptide linking' y HISTIDINE       ? 'C6 H10 N3 O2 1' 156.162 
HOH non-polymer         . WATER           ? 'H2 O'           18.015  
ILE 'L-peptide linking' y ISOLEUCINE      ? 'C6 H13 N O2'    131.173 
LEU 'L-peptide linking' y LEUCINE         ? 'C6 H13 N O2'    131.173 
LYS 'L-peptide linking' y LYSINE          ? 'C6 H15 N2 O2 1' 147.195 
PHE 'L-peptide linking' y PHENYLALANINE   ? 'C9 H11 N O2'    165.189 
PRO 'L-peptide linking' y PROLINE         ? 'C5 H9 N O2'     115.130 
SER 'L-peptide linking' y SERINE          ? 'C3 H7 N O3'     105.093 
THR 'L-peptide linking' y THREONINE       ? 'C4 H9 N O3'     119.119 
TYR 'L-peptide linking' y TYROSINE        ? 'C9 H11 N O3'    181.189 
VAL 'L-peptide linking' y VALINE          ? 'C5 H11 N O2'    117.146 
# 
_exptl.absorpt_coefficient_mu     ? 
_exptl.absorpt_correction_T_max   ? 
_exptl.absorpt_correction_T_min   ? 
_exptl.absorpt_correction_type    ? 
_exptl.absorpt_process_details    ? 
_exptl.entry_id                   8H02 
_exptl.crystals_number            1 
_exptl.details                    ? 
_exptl.method                     'X-RAY DIFFRACTION' 
_exptl.method_details             ? 
# 
_exptl_crystal.colour                       ? 
_exptl_crystal.density_diffrn               ? 
_exptl_crystal.density_Matthews             2.35 
_exptl_crystal.density_method               ? 
_exptl_crystal.density_percent_sol          47.69 
_exptl_crystal.description                  ? 
_exptl_crystal.F_000                        ? 
_exptl_crystal.id                           1 
_exptl_crystal.preparation                  ? 
_exptl_crystal.size_max                     ? 
_exptl_crystal.size_mid                     ? 
_exptl_crystal.size_min                     ? 
_exptl_crystal.size_rad                     ? 
_exptl_crystal.colour_lustre                ? 
_exptl_crystal.colour_modifier              ? 
_exptl_crystal.colour_primary               ? 
_exptl_crystal.density_meas                 ? 
_exptl_crystal.density_meas_esd             ? 
_exptl_crystal.density_meas_gt              ? 
_exptl_crystal.density_meas_lt              ? 
_exptl_crystal.density_meas_temp            ? 
_exptl_crystal.density_meas_temp_esd        ? 
_exptl_crystal.density_meas_temp_gt         ? 
_exptl_crystal.density_meas_temp_lt         ? 
_exptl_crystal.pdbx_crystal_image_url       ? 
_exptl_crystal.pdbx_crystal_image_format    ? 
_exptl_crystal.pdbx_mosaicity               ? 
_exptl_crystal.pdbx_mosaicity_esd           ? 
_exptl_crystal.pdbx_mosaic_method           ? 
_exptl_crystal.pdbx_mosaic_block_size       ? 
_exptl_crystal.pdbx_mosaic_block_size_esd   ? 
# 
_exptl_crystal_grow.apparatus       ? 
_exptl_crystal_grow.atmosphere      ? 
_exptl_crystal_grow.crystal_id      1 
_exptl_crystal_grow.details         ? 
_exptl_crystal_grow.method          'VAPOR DIFFUSION, HANGING DROP' 
_exptl_crystal_grow.method_ref      ? 
_exptl_crystal_grow.pH              8.5 
_exptl_crystal_grow.pressure        ? 
_exptl_crystal_grow.pressure_esd    ? 
_exptl_crystal_grow.seeding         ? 
_exptl_crystal_grow.seeding_ref     ? 
_exptl_crystal_grow.temp            295 
_exptl_crystal_grow.temp_details    ? 
_exptl_crystal_grow.temp_esd        ? 
_exptl_crystal_grow.time            ? 
_exptl_crystal_grow.pdbx_details    '0.2 M Ammonium acetate, 0.1 M Tris pH 8.5, 25% w/v Polyethylene glycol 3,350' 
_exptl_crystal_grow.pdbx_pH_range   ? 
# 
_diffrn.ambient_environment              ? 
_diffrn.ambient_temp                     100 
_diffrn.ambient_temp_details             ? 
_diffrn.ambient_temp_esd                 ? 
_diffrn.crystal_id                       1 
_diffrn.crystal_support                  ? 
_diffrn.crystal_treatment                ? 
_diffrn.details                          ? 
_diffrn.id                               1 
_diffrn.ambient_pressure                 ? 
_diffrn.ambient_pressure_esd             ? 
_diffrn.ambient_pressure_gt              ? 
_diffrn.ambient_pressure_lt              ? 
_diffrn.ambient_temp_gt                  ? 
_diffrn.ambient_temp_lt                  ? 
_diffrn.pdbx_serial_crystal_experiment   N 
# 
_diffrn_detector.details                      ? 
_diffrn_detector.detector                     PIXEL 
_diffrn_detector.diffrn_id                    1 
_diffrn_detector.type                         'DECTRIS PILATUS3 6M' 
_diffrn_detector.area_resol_mean              ? 
_diffrn_detector.dtime                        ? 
_diffrn_detector.pdbx_frames_total            ? 
_diffrn_detector.pdbx_collection_time_total   ? 
_diffrn_detector.pdbx_collection_date         2020-04-24 
_diffrn_detector.pdbx_frequency               ? 
# 
_diffrn_radiation.collimation                      ? 
_diffrn_radiation.diffrn_id                        1 
_diffrn_radiation.filter_edge                      ? 
_diffrn_radiation.inhomogeneity                    ? 
_diffrn_radiation.monochromator                    ? 
_diffrn_radiation.polarisn_norm                    ? 
_diffrn_radiation.polarisn_ratio                   ? 
_diffrn_radiation.probe                            ? 
_diffrn_radiation.type                             ? 
_diffrn_radiation.xray_symbol                      ? 
_diffrn_radiation.wavelength_id                    1 
_diffrn_radiation.pdbx_monochromatic_or_laue_m_l   M 
_diffrn_radiation.pdbx_wavelength_list             ? 
_diffrn_radiation.pdbx_wavelength                  ? 
_diffrn_radiation.pdbx_diffrn_protocol             'SINGLE WAVELENGTH' 
_diffrn_radiation.pdbx_analyzer                    ? 
_diffrn_radiation.pdbx_scattering_type             x-ray 
# 
_diffrn_radiation_wavelength.id           1 
_diffrn_radiation_wavelength.wavelength   0.979 
_diffrn_radiation_wavelength.wt           1.0 
# 
_diffrn_source.current                     ? 
_diffrn_source.details                     ? 
_diffrn_source.diffrn_id                   1 
_diffrn_source.power                       ? 
_diffrn_source.size                        ? 
_diffrn_source.source                      SYNCHROTRON 
_diffrn_source.target                      ? 
_diffrn_source.type                        'SSRF BEAMLINE BL19U1' 
_diffrn_source.voltage                     ? 
_diffrn_source.take-off_angle              ? 
_diffrn_source.pdbx_wavelength_list        0.979 
_diffrn_source.pdbx_wavelength             ? 
_diffrn_source.pdbx_synchrotron_beamline   BL19U1 
_diffrn_source.pdbx_synchrotron_site       SSRF 
# 
_reflns.B_iso_Wilson_estimate                          ? 
_reflns.entry_id                                       8H02 
_reflns.data_reduction_details                         ? 
_reflns.data_reduction_method                          ? 
_reflns.d_resolution_high                              1.55 
_reflns.d_resolution_low                               50.00 
_reflns.details                                        ? 
_reflns.limit_h_max                                    ? 
_reflns.limit_h_min                                    ? 
_reflns.limit_k_max                                    ? 
_reflns.limit_k_min                                    ? 
_reflns.limit_l_max                                    ? 
_reflns.limit_l_min                                    ? 
_reflns.number_all                                     ? 
_reflns.number_obs                                     11917 
_reflns.observed_criterion                             ? 
_reflns.observed_criterion_F_max                       ? 
_reflns.observed_criterion_F_min                       ? 
_reflns.observed_criterion_I_max                       ? 
_reflns.observed_criterion_I_min                       ? 
_reflns.observed_criterion_sigma_F                     ? 
_reflns.observed_criterion_sigma_I                     ? 
_reflns.percent_possible_obs                           98.5 
_reflns.R_free_details                                 ? 
_reflns.Rmerge_F_all                                   ? 
_reflns.Rmerge_F_obs                                   ? 
_reflns.Friedel_coverage                               ? 
_reflns.number_gt                                      ? 
_reflns.threshold_expression                           ? 
_reflns.pdbx_redundancy                                7.2 
_reflns.pdbx_Rmerge_I_obs                              0.066 
_reflns.pdbx_Rmerge_I_all                              ? 
_reflns.pdbx_Rsym_value                                ? 
_reflns.pdbx_netI_over_av_sigmaI                       ? 
_reflns.pdbx_netI_over_sigmaI                          26.3 
_reflns.pdbx_res_netI_over_av_sigmaI_2                 ? 
_reflns.pdbx_res_netI_over_sigmaI_2                    ? 
_reflns.pdbx_chi_squared                               ? 
_reflns.pdbx_scaling_rejects                           ? 
_reflns.pdbx_d_res_high_opt                            ? 
_reflns.pdbx_d_res_low_opt                             ? 
_reflns.pdbx_d_res_opt_method                          ? 
_reflns.phase_calculation_details                      ? 
_reflns.pdbx_Rrim_I_all                                ? 
_reflns.pdbx_Rpim_I_all                                ? 
_reflns.pdbx_d_opt                                     ? 
_reflns.pdbx_number_measured_all                       ? 
_reflns.pdbx_diffrn_id                                 1 
_reflns.pdbx_ordinal                                   1 
_reflns.pdbx_CC_half                                   0.981 
_reflns.pdbx_CC_star                                   ? 
_reflns.pdbx_R_split                                   ? 
_reflns.pdbx_aniso_diffraction_limit_axis_1_ortho[1]   ? 
_reflns.pdbx_aniso_diffraction_limit_axis_1_ortho[2]   ? 
_reflns.pdbx_aniso_diffraction_limit_axis_1_ortho[3]   ? 
_reflns.pdbx_aniso_diffraction_limit_axis_2_ortho[1]   ? 
_reflns.pdbx_aniso_diffraction_limit_axis_2_ortho[2]   ? 
_reflns.pdbx_aniso_diffraction_limit_axis_2_ortho[3]   ? 
_reflns.pdbx_aniso_diffraction_limit_axis_3_ortho[1]   ? 
_reflns.pdbx_aniso_diffraction_limit_axis_3_ortho[2]   ? 
_reflns.pdbx_aniso_diffraction_limit_axis_3_ortho[3]   ? 
_reflns.pdbx_aniso_diffraction_limit_1                 ? 
_reflns.pdbx_aniso_diffraction_limit_2                 ? 
_reflns.pdbx_aniso_diffraction_limit_3                 ? 
_reflns.pdbx_aniso_B_tensor_eigenvector_1_ortho[1]     ? 
_reflns.pdbx_aniso_B_tensor_eigenvector_1_ortho[2]     ? 
_reflns.pdbx_aniso_B_tensor_eigenvector_1_ortho[3]     ? 
_reflns.pdbx_aniso_B_tensor_eigenvector_2_ortho[1]     ? 
_reflns.pdbx_aniso_B_tensor_eigenvector_2_ortho[2]     ? 
_reflns.pdbx_aniso_B_tensor_eigenvector_2_ortho[3]     ? 
_reflns.pdbx_aniso_B_tensor_eigenvector_3_ortho[1]     ? 
_reflns.pdbx_aniso_B_tensor_eigenvector_3_ortho[2]     ? 
_reflns.pdbx_aniso_B_tensor_eigenvector_3_ortho[3]     ? 
_reflns.pdbx_aniso_B_tensor_eigenvalue_1               ? 
_reflns.pdbx_aniso_B_tensor_eigenvalue_2               ? 
_reflns.pdbx_aniso_B_tensor_eigenvalue_3               ? 
_reflns.pdbx_orthogonalization_convention              ? 
_reflns.pdbx_percent_possible_ellipsoidal              ? 
_reflns.pdbx_percent_possible_spherical                ? 
_reflns.pdbx_percent_possible_ellipsoidal_anomalous    ? 
_reflns.pdbx_percent_possible_spherical_anomalous      ? 
_reflns.pdbx_redundancy_anomalous                      ? 
_reflns.pdbx_CC_half_anomalous                         ? 
_reflns.pdbx_absDiff_over_sigma_anomalous              ? 
_reflns.pdbx_percent_possible_anomalous                ? 
_reflns.pdbx_observed_signal_threshold                 ? 
_reflns.pdbx_signal_type                               ? 
_reflns.pdbx_signal_details                            ? 
_reflns.pdbx_signal_software_id                        ? 
_reflns.pdbx_CC_split_method                           ? 
# 
_reflns_shell.d_res_high                                    1.55 
_reflns_shell.d_res_low                                     1.58 
_reflns_shell.meanI_over_sigI_all                           ? 
_reflns_shell.meanI_over_sigI_obs                           ? 
_reflns_shell.number_measured_all                           ? 
_reflns_shell.number_measured_obs                           ? 
_reflns_shell.number_possible                               ? 
_reflns_shell.number_unique_all                             ? 
_reflns_shell.number_unique_obs                             609 
_reflns_shell.percent_possible_all                          ? 
_reflns_shell.percent_possible_obs                          ? 
_reflns_shell.Rmerge_F_all                                  ? 
_reflns_shell.Rmerge_F_obs                                  ? 
_reflns_shell.Rmerge_I_all                                  ? 
_reflns_shell.Rmerge_I_obs                                  0.165 
_reflns_shell.meanI_over_sigI_gt                            ? 
_reflns_shell.meanI_over_uI_all                             ? 
_reflns_shell.meanI_over_uI_gt                              ? 
_reflns_shell.number_measured_gt                            ? 
_reflns_shell.number_unique_gt                              ? 
_reflns_shell.percent_possible_gt                           ? 
_reflns_shell.Rmerge_F_gt                                   ? 
_reflns_shell.Rmerge_I_gt                                   ? 
_reflns_shell.pdbx_redundancy                               ? 
_reflns_shell.pdbx_Rsym_value                               ? 
_reflns_shell.pdbx_chi_squared                              ? 
_reflns_shell.pdbx_netI_over_sigmaI_all                     ? 
_reflns_shell.pdbx_netI_over_sigmaI_obs                     ? 
_reflns_shell.pdbx_Rrim_I_all                               ? 
_reflns_shell.pdbx_Rpim_I_all                               ? 
_reflns_shell.pdbx_rejects                                  ? 
_reflns_shell.pdbx_ordinal                                  1 
_reflns_shell.pdbx_diffrn_id                                1 
_reflns_shell.pdbx_CC_half                                  ? 
_reflns_shell.pdbx_CC_star                                  ? 
_reflns_shell.pdbx_R_split                                  ? 
_reflns_shell.pdbx_percent_possible_ellipsoidal             ? 
_reflns_shell.pdbx_percent_possible_spherical               ? 
_reflns_shell.pdbx_percent_possible_ellipsoidal_anomalous   ? 
_reflns_shell.pdbx_percent_possible_spherical_anomalous     ? 
_reflns_shell.pdbx_redundancy_anomalous                     ? 
_reflns_shell.pdbx_CC_half_anomalous                        ? 
_reflns_shell.pdbx_absDiff_over_sigma_anomalous             ? 
_reflns_shell.pdbx_percent_possible_anomalous               ? 
# 
_refine.aniso_B[1][1]                            ? 
_refine.aniso_B[1][2]                            ? 
_refine.aniso_B[1][3]                            ? 
_refine.aniso_B[2][2]                            ? 
_refine.aniso_B[2][3]                            ? 
_refine.aniso_B[3][3]                            ? 
_refine.B_iso_max                                99.010 
_refine.B_iso_mean                               37.3338 
_refine.B_iso_min                                19.050 
_refine.correlation_coeff_Fo_to_Fc               ? 
_refine.correlation_coeff_Fo_to_Fc_free          ? 
_refine.details                                  ? 
_refine.diff_density_max                         ? 
_refine.diff_density_max_esd                     ? 
_refine.diff_density_min                         ? 
_refine.diff_density_min_esd                     ? 
_refine.diff_density_rms                         ? 
_refine.diff_density_rms_esd                     ? 
_refine.entry_id                                 8H02 
_refine.pdbx_refine_id                           'X-RAY DIFFRACTION' 
_refine.ls_abs_structure_details                 ? 
_refine.ls_abs_structure_Flack                   ? 
_refine.ls_abs_structure_Flack_esd               ? 
_refine.ls_abs_structure_Rogers                  ? 
_refine.ls_abs_structure_Rogers_esd              ? 
_refine.ls_d_res_high                            1.5520 
_refine.ls_d_res_low                             32.1330 
_refine.ls_extinction_coef                       ? 
_refine.ls_extinction_coef_esd                   ? 
_refine.ls_extinction_expression                 ? 
_refine.ls_extinction_method                     ? 
_refine.ls_goodness_of_fit_all                   ? 
_refine.ls_goodness_of_fit_all_esd               ? 
_refine.ls_goodness_of_fit_obs                   ? 
_refine.ls_goodness_of_fit_obs_esd               ? 
_refine.ls_hydrogen_treatment                    ? 
_refine.ls_matrix_type                           ? 
_refine.ls_number_constraints                    ? 
_refine.ls_number_parameters                     ? 
_refine.ls_number_reflns_all                     ? 
_refine.ls_number_reflns_obs                     11917 
_refine.ls_number_reflns_R_free                  1194 
_refine.ls_number_reflns_R_work                  10723 
_refine.ls_number_restraints                     ? 
_refine.ls_percent_reflns_obs                    98.4300 
_refine.ls_percent_reflns_R_free                 10.0200 
_refine.ls_R_factor_all                          ? 
_refine.ls_R_factor_obs                          0.2000 
_refine.ls_R_factor_R_free                       0.2221 
_refine.ls_R_factor_R_free_error                 ? 
_refine.ls_R_factor_R_free_error_details         ? 
_refine.ls_R_factor_R_work                       0.1976 
_refine.ls_R_Fsqd_factor_obs                     ? 
_refine.ls_R_I_factor_obs                        ? 
_refine.ls_redundancy_reflns_all                 ? 
_refine.ls_redundancy_reflns_obs                 ? 
_refine.ls_restrained_S_all                      ? 
_refine.ls_restrained_S_obs                      ? 
_refine.ls_shift_over_esd_max                    ? 
_refine.ls_shift_over_esd_mean                   ? 
_refine.ls_structure_factor_coef                 ? 
_refine.ls_weighting_details                     ? 
_refine.ls_weighting_scheme                      ? 
_refine.ls_wR_factor_all                         ? 
_refine.ls_wR_factor_obs                         ? 
_refine.ls_wR_factor_R_free                      ? 
_refine.ls_wR_factor_R_work                      ? 
_refine.occupancy_max                            ? 
_refine.occupancy_min                            ? 
_refine.solvent_model_details                    'FLAT BULK SOLVENT MODEL' 
_refine.solvent_model_param_bsol                 ? 
_refine.solvent_model_param_ksol                 ? 
_refine.pdbx_R_complete                          ? 
_refine.ls_R_factor_gt                           ? 
_refine.ls_goodness_of_fit_gt                    ? 
_refine.ls_goodness_of_fit_ref                   ? 
_refine.ls_shift_over_su_max                     ? 
_refine.ls_shift_over_su_max_lt                  ? 
_refine.ls_shift_over_su_mean                    ? 
_refine.ls_shift_over_su_mean_lt                 ? 
_refine.pdbx_ls_sigma_I                          ? 
_refine.pdbx_ls_sigma_F                          1.480 
_refine.pdbx_ls_sigma_Fsqd                       ? 
_refine.pdbx_data_cutoff_high_absF               ? 
_refine.pdbx_data_cutoff_high_rms_absF           ? 
_refine.pdbx_data_cutoff_low_absF                ? 
_refine.pdbx_isotropic_thermal_model             ? 
_refine.pdbx_ls_cross_valid_method               THROUGHOUT 
_refine.pdbx_method_to_determine_struct          'MOLECULAR REPLACEMENT' 
_refine.pdbx_starting_model                      2AUK 
_refine.pdbx_stereochemistry_target_values       ML 
_refine.pdbx_R_Free_selection_details            ? 
_refine.pdbx_stereochem_target_val_spec_case     ? 
_refine.pdbx_overall_ESU_R                       ? 
_refine.pdbx_overall_ESU_R_Free                  ? 
_refine.pdbx_solvent_vdw_probe_radii             1.1100 
_refine.pdbx_solvent_ion_probe_radii             ? 
_refine.pdbx_solvent_shrinkage_radii             0.9000 
_refine.pdbx_real_space_R                        ? 
_refine.pdbx_density_correlation                 ? 
_refine.pdbx_pd_number_of_powder_patterns        ? 
_refine.pdbx_pd_number_of_points                 ? 
_refine.pdbx_pd_meas_number_of_points            ? 
_refine.pdbx_pd_proc_ls_prof_R_factor            ? 
_refine.pdbx_pd_proc_ls_prof_wR_factor           ? 
_refine.pdbx_pd_Marquardt_correlation_coeff      ? 
_refine.pdbx_pd_Fsqrd_R_factor                   ? 
_refine.pdbx_pd_ls_matrix_band_width             ? 
_refine.pdbx_overall_phase_error                 24.8300 
_refine.pdbx_overall_SU_R_free_Cruickshank_DPI   ? 
_refine.pdbx_overall_SU_R_free_Blow_DPI          ? 
_refine.pdbx_overall_SU_R_Blow_DPI               ? 
_refine.pdbx_TLS_residual_ADP_flag               ? 
_refine.pdbx_diffrn_id                           1 
_refine.overall_SU_B                             ? 
_refine.overall_SU_ML                            0.1500 
_refine.overall_SU_R_Cruickshank_DPI             ? 
_refine.overall_SU_R_free                        ? 
_refine.overall_FOM_free_R_set                   ? 
_refine.overall_FOM_work_R_set                   ? 
_refine.pdbx_average_fsc_overall                 ? 
_refine.pdbx_average_fsc_work                    ? 
_refine.pdbx_average_fsc_free                    ? 
# 
_refine_hist.pdbx_refine_id                   'X-RAY DIFFRACTION' 
_refine_hist.cycle_id                         final 
_refine_hist.details                          ? 
_refine_hist.d_res_high                       1.5520 
_refine_hist.d_res_low                        32.1330 
_refine_hist.number_atoms_solvent             72 
_refine_hist.number_atoms_total               669 
_refine_hist.number_reflns_all                ? 
_refine_hist.number_reflns_obs                ? 
_refine_hist.number_reflns_R_free             ? 
_refine_hist.number_reflns_R_work             ? 
_refine_hist.R_factor_all                     ? 
_refine_hist.R_factor_obs                     ? 
_refine_hist.R_factor_R_free                  ? 
_refine_hist.R_factor_R_work                  ? 
_refine_hist.pdbx_number_residues_total       79 
_refine_hist.pdbx_B_iso_mean_ligand           ? 
_refine_hist.pdbx_B_iso_mean_solvent          47.88 
_refine_hist.pdbx_number_atoms_protein        597 
_refine_hist.pdbx_number_atoms_nucleic_acid   0 
_refine_hist.pdbx_number_atoms_ligand         0 
_refine_hist.pdbx_number_atoms_lipid          ? 
_refine_hist.pdbx_number_atoms_carb           ? 
_refine_hist.pdbx_pseudo_atom_details         ? 
# 
loop_
_refine_ls_shell.pdbx_refine_id 
_refine_ls_shell.d_res_high 
_refine_ls_shell.d_res_low 
_refine_ls_shell.number_reflns_all 
_refine_ls_shell.number_reflns_obs 
_refine_ls_shell.number_reflns_R_free 
_refine_ls_shell.number_reflns_R_work 
_refine_ls_shell.percent_reflns_obs 
_refine_ls_shell.percent_reflns_R_free 
_refine_ls_shell.R_factor_all 
_refine_ls_shell.R_factor_obs 
_refine_ls_shell.R_factor_R_free 
_refine_ls_shell.R_factor_R_free_error 
_refine_ls_shell.R_factor_R_work 
_refine_ls_shell.redundancy_reflns_all 
_refine_ls_shell.redundancy_reflns_obs 
_refine_ls_shell.wR_factor_all 
_refine_ls_shell.wR_factor_obs 
_refine_ls_shell.wR_factor_R_free 
_refine_ls_shell.wR_factor_R_work 
_refine_ls_shell.pdbx_R_complete 
_refine_ls_shell.pdbx_total_number_of_bins_used 
_refine_ls_shell.pdbx_phase_error 
_refine_ls_shell.pdbx_fsc_work 
_refine_ls_shell.pdbx_fsc_free 
'X-RAY DIFFRACTION' 1.5520 1.6139  . . 136 1223 99.0000  . . . 0.2525 0.0000 0.2093 . . . . . . . . . . . 
'X-RAY DIFFRACTION' 1.6139 1.6873  . . 130 1201 100.0000 . . . 0.2668 0.0000 0.2006 . . . . . . . . . . . 
'X-RAY DIFFRACTION' 1.6873 1.7763  . . 133 1194 100.0000 . . . 0.2495 0.0000 0.2069 . . . . . . . . . . . 
'X-RAY DIFFRACTION' 1.7763 1.8876  . . 137 1226 100.0000 . . . 0.2828 0.0000 0.2019 . . . . . . . . . . . 
'X-RAY DIFFRACTION' 1.8876 2.0333  . . 128 1189 100.0000 . . . 0.2458 0.0000 0.2048 . . . . . . . . . . . 
'X-RAY DIFFRACTION' 2.0333 2.2378  . . 136 1198 100.0000 . . . 0.2489 0.0000 0.2094 . . . . . . . . . . . 
'X-RAY DIFFRACTION' 2.2378 2.5616  . . 131 1209 100.0000 . . . 0.2523 0.0000 0.2011 . . . . . . . . . . . 
'X-RAY DIFFRACTION' 2.5616 3.2268  . . 132 1200 97.0000  . . . 0.2198 0.0000 0.2151 . . . . . . . . . . . 
'X-RAY DIFFRACTION' 3.2268 32.1330 . . 131 1083 90.0000  . . . 0.1904 0.0000 0.1785 . . . . . . . . . . . 
# 
_struct.entry_id                     8H02 
_struct.title                        'Crystal structure of Synechococcus elongatus PCC 7942 RNA polymerase SI3-tail' 
_struct.pdbx_model_details           ? 
_struct.pdbx_formula_weight          ? 
_struct.pdbx_formula_weight_method   ? 
_struct.pdbx_model_type_details      ? 
_struct.pdbx_CASP_flag               N 
# 
_struct_keywords.entry_id        8H02 
_struct_keywords.text            'RNA polymerase, SI3, TRANSCRIPTION' 
_struct_keywords.pdbx_keywords   TRANSCRIPTION 
# 
loop_
_struct_asym.id 
_struct_asym.pdbx_blank_PDB_chainid_flag 
_struct_asym.pdbx_modified 
_struct_asym.entity_id 
_struct_asym.details 
A N N 1 ? 
B N N 2 ? 
# 
loop_
_struct_sheet.id 
_struct_sheet.type 
_struct_sheet.number_strands 
_struct_sheet.details 
AA1 ? 5 ? 
AA2 ? 4 ? 
# 
loop_
_struct_sheet_order.sheet_id 
_struct_sheet_order.range_id_1 
_struct_sheet_order.range_id_2 
_struct_sheet_order.offset 
_struct_sheet_order.sense 
AA1 1 2 ? anti-parallel 
AA1 2 3 ? anti-parallel 
AA1 3 4 ? anti-parallel 
AA1 4 5 ? anti-parallel 
AA2 1 2 ? anti-parallel 
AA2 2 3 ? anti-parallel 
AA2 3 4 ? anti-parallel 
# 
loop_
_struct_sheet_range.sheet_id 
_struct_sheet_range.id 
_struct_sheet_range.beg_label_comp_id 
_struct_sheet_range.beg_label_asym_id 
_struct_sheet_range.beg_label_seq_id 
_struct_sheet_range.pdbx_beg_PDB_ins_code 
_struct_sheet_range.end_label_comp_id 
_struct_sheet_range.end_label_asym_id 
_struct_sheet_range.end_label_seq_id 
_struct_sheet_range.pdbx_end_PDB_ins_code 
_struct_sheet_range.beg_auth_comp_id 
_struct_sheet_range.beg_auth_asym_id 
_struct_sheet_range.beg_auth_seq_id 
_struct_sheet_range.end_auth_comp_id 
_struct_sheet_range.end_auth_asym_id 
_struct_sheet_range.end_auth_seq_id 
AA1 1 ALA A 4  ? ARG A 8  ? ALA A 353 ARG A 357 
AA1 2 ILE A 75 ? PRO A 80 ? ILE A 424 PRO A 429 
AA1 3 THR A 61 ? ILE A 62 ? THR A 410 ILE A 411 
AA1 4 GLU A 33 ? ALA A 37 ? GLU A 382 ALA A 386 
AA1 5 THR A 23 ? ARG A 27 ? THR A 372 ARG A 376 
AA2 1 LYS A 51 ? ILE A 56 ? LYS A 400 ILE A 405 
AA2 2 PHE A 41 ? GLY A 47 ? PHE A 390 GLY A 396 
AA2 3 GLY A 13 ? LYS A 16 ? GLY A 362 LYS A 365 
AA2 4 LYS A 69 ? VAL A 70 ? LYS A 418 VAL A 419 
# 
loop_
_pdbx_struct_sheet_hbond.sheet_id 
_pdbx_struct_sheet_hbond.range_id_1 
_pdbx_struct_sheet_hbond.range_id_2 
_pdbx_struct_sheet_hbond.range_1_label_atom_id 
_pdbx_struct_sheet_hbond.range_1_label_comp_id 
_pdbx_struct_sheet_hbond.range_1_label_asym_id 
_pdbx_struct_sheet_hbond.range_1_label_seq_id 
_pdbx_struct_sheet_hbond.range_1_PDB_ins_code 
_pdbx_struct_sheet_hbond.range_1_auth_atom_id 
_pdbx_struct_sheet_hbond.range_1_auth_comp_id 
_pdbx_struct_sheet_hbond.range_1_auth_asym_id 
_pdbx_struct_sheet_hbond.range_1_auth_seq_id 
_pdbx_struct_sheet_hbond.range_2_label_atom_id 
_pdbx_struct_sheet_hbond.range_2_label_comp_id 
_pdbx_struct_sheet_hbond.range_2_label_asym_id 
_pdbx_struct_sheet_hbond.range_2_label_seq_id 
_pdbx_struct_sheet_hbond.range_2_PDB_ins_code 
_pdbx_struct_sheet_hbond.range_2_auth_atom_id 
_pdbx_struct_sheet_hbond.range_2_auth_comp_id 
_pdbx_struct_sheet_hbond.range_2_auth_asym_id 
_pdbx_struct_sheet_hbond.range_2_auth_seq_id 
AA1 1 2 N LEU A 7  ? N LEU A 356 O LEU A 76 ? O LEU A 425 
AA1 2 3 O GLU A 78 ? O GLU A 427 N THR A 61 ? N THR A 410 
AA1 3 4 O ILE A 62 ? O ILE A 411 N LEU A 35 ? N LEU A 384 
AA1 4 5 O ALA A 34 ? O ALA A 383 N TYR A 26 ? N TYR A 375 
AA2 1 2 O ILE A 56 ? O ILE A 405 N PHE A 41 ? N PHE A 390 
AA2 2 3 O GLU A 46 ? O GLU A 395 N THR A 14 ? N THR A 363 
AA2 3 4 N GLY A 13 ? N GLY A 362 O VAL A 70 ? O VAL A 419 
# 
_atom_sites.entry_id                    8H02 
_atom_sites.Cartn_transf_matrix[1][1]   ? 
_atom_sites.Cartn_transf_matrix[1][2]   ? 
_atom_sites.Cartn_transf_matrix[1][3]   ? 
_atom_sites.Cartn_transf_matrix[2][1]   ? 
_atom_sites.Cartn_transf_matrix[2][2]   ? 
_atom_sites.Cartn_transf_matrix[2][3]   ? 
_atom_sites.Cartn_transf_matrix[3][1]   ? 
_atom_sites.Cartn_transf_matrix[3][2]   ? 
_atom_sites.Cartn_transf_matrix[3][3]   ? 
_atom_sites.Cartn_transf_vector[1]      ? 
_atom_sites.Cartn_transf_vector[2]      ? 
_atom_sites.Cartn_transf_vector[3]      ? 
_atom_sites.fract_transf_matrix[1][1]   -0.00275052 
_atom_sites.fract_transf_matrix[1][2]   0.02415540 
_atom_sites.fract_transf_matrix[1][3]   0.01942854 
_atom_sites.fract_transf_matrix[2][1]   -0.02114131 
_atom_sites.fract_transf_matrix[2][2]   0.01280331 
_atom_sites.fract_transf_matrix[2][3]   -0.01891129 
_atom_sites.fract_transf_matrix[3][1]   -0.00884101 
_atom_sites.fract_transf_matrix[3][2]   -0.00579862 
_atom_sites.fract_transf_matrix[3][3]   0.00595777 
_atom_sites.fract_transf_vector[1]      0.386909 
_atom_sites.fract_transf_vector[2]      0.168678 
_atom_sites.fract_transf_vector[3]      0.026215 
_atom_sites.solution_primary            ? 
_atom_sites.solution_secondary          ? 
_atom_sites.solution_hydrogens          ? 
_atom_sites.special_details             ? 
# 
loop_
_atom_type.symbol 
C 
N 
O 
# 
loop_
_atom_site.group_PDB 
_atom_site.id 
_atom_site.type_symbol 
_atom_site.label_atom_id 
_atom_site.label_alt_id 
_atom_site.label_comp_id 
_atom_site.label_asym_id 
_atom_site.label_entity_id 
_atom_site.label_seq_id 
_atom_site.pdbx_PDB_ins_code 
_atom_site.Cartn_x 
_atom_site.Cartn_y 
_atom_site.Cartn_z 
_atom_site.occupancy 
_atom_site.B_iso_or_equiv 
_atom_site.pdbx_formal_charge 
_atom_site.auth_seq_id 
_atom_site.auth_comp_id 
_atom_site.auth_asym_id 
_atom_site.auth_atom_id 
_atom_site.pdbx_PDB_model_num 
ATOM   1   N N   . THR A 1 3  ? -15.934 -2.907  -6.394  1.00 82.16 ? 352 THR A N   1 
ATOM   2   C CA  . THR A 1 3  ? -15.941 -1.454  -6.525  1.00 80.76 ? 352 THR A CA  1 
ATOM   3   C C   . THR A 1 3  ? -14.538 -0.903  -6.275  1.00 73.53 ? 352 THR A C   1 
ATOM   4   O O   . THR A 1 3  ? -14.284 0.294   -6.430  1.00 73.80 ? 352 THR A O   1 
ATOM   5   C CB  . THR A 1 3  ? -16.940 -0.800  -5.547  1.00 84.83 ? 352 THR A CB  1 
ATOM   6   O OG1 . THR A 1 3  ? -18.114 -1.616  -5.443  1.00 90.45 ? 352 THR A OG1 1 
ATOM   7   C CG2 . THR A 1 3  ? -17.349 0.583   -6.038  1.00 83.82 ? 352 THR A CG2 1 
ATOM   8   N N   . ALA A 1 4  ? -13.624 -1.790  -5.893  1.00 60.51 ? 353 ALA A N   1 
ATOM   9   C CA  . ALA A 1 4  ? -12.255 -1.407  -5.585  1.00 44.03 ? 353 ALA A CA  1 
ATOM   10  C C   . ALA A 1 4  ? -11.303 -2.459  -6.129  1.00 43.57 ? 353 ALA A C   1 
ATOM   11  O O   . ALA A 1 4  ? -11.622 -3.651  -6.135  1.00 51.01 ? 353 ALA A O   1 
ATOM   12  C CB  . ALA A 1 4  ? -12.053 -1.242  -4.076  1.00 42.55 ? 353 ALA A CB  1 
ATOM   13  N N   . ARG A 1 5  ? -10.136 -2.020  -6.584  1.00 35.88 ? 354 ARG A N   1 
ATOM   14  C CA  . ARG A 1 5  ? -9.127  -2.936  -7.097  1.00 37.52 ? 354 ARG A CA  1 
ATOM   15  C C   . ARG A 1 5  ? -8.076  -3.194  -6.027  1.00 32.40 ? 354 ARG A C   1 
ATOM   16  O O   . ARG A 1 5  ? -7.683  -2.282  -5.297  1.00 31.36 ? 354 ARG A O   1 
ATOM   17  C CB  . ARG A 1 5  ? -8.475  -2.399  -8.376  1.00 44.22 ? 354 ARG A CB  1 
ATOM   18  C CG  . ARG A 1 5  ? -7.766  -1.069  -8.238  1.00 51.84 ? 354 ARG A CG  1 
ATOM   19  C CD  . ARG A 1 5  ? -7.226  -0.569  -9.581  1.00 56.32 ? 354 ARG A CD  1 
ATOM   20  N NE  . ARG A 1 5  ? -6.703  0.786   -9.446  1.00 50.57 ? 354 ARG A NE  1 
ATOM   21  C CZ  . ARG A 1 5  ? -5.436  1.076   -9.164  1.00 54.27 ? 354 ARG A CZ  1 
ATOM   22  N NH1 . ARG A 1 5  ? -4.544  0.107   -9.013  1.00 54.92 ? 354 ARG A NH1 1 
ATOM   23  N NH2 . ARG A 1 5  ? -5.060  2.339   -9.035  1.00 60.03 ? 354 ARG A NH2 1 
ATOM   24  N N   . LEU A 1 6  ? -7.650  -4.452  -5.925  1.00 32.36 ? 355 LEU A N   1 
ATOM   25  C CA  . LEU A 1 6  ? -6.625  -4.874  -4.980  1.00 27.50 ? 355 LEU A CA  1 
ATOM   26  C C   . LEU A 1 6  ? -5.264  -4.834  -5.654  1.00 29.06 ? 355 LEU A C   1 
ATOM   27  O O   . LEU A 1 6  ? -5.075  -5.407  -6.732  1.00 34.48 ? 355 LEU A O   1 
ATOM   28  C CB  . LEU A 1 6  ? -6.903  -6.288  -4.467  1.00 33.37 ? 355 LEU A CB  1 
ATOM   29  C CG  . LEU A 1 6  ? -8.071  -6.409  -3.497  1.00 39.15 ? 355 LEU A CG  1 
ATOM   30  C CD1 . LEU A 1 6  ? -8.402  -7.873  -3.274  1.00 42.26 ? 355 LEU A CD1 1 
ATOM   31  C CD2 . LEU A 1 6  ? -7.733  -5.729  -2.187  1.00 36.72 ? 355 LEU A CD2 1 
ATOM   32  N N   . LEU A 1 7  ? -4.323  -4.170  -5.006  1.00 23.16 ? 356 LEU A N   1 
ATOM   33  C CA  . LEU A 1 7  ? -2.958  -4.041  -5.490  1.00 21.65 ? 356 LEU A CA  1 
ATOM   34  C C   . LEU A 1 7  ? -2.072  -5.018  -4.730  1.00 20.32 ? 356 LEU A C   1 
ATOM   35  O O   . LEU A 1 7  ? -2.033  -4.981  -3.490  1.00 22.85 ? 356 LEU A O   1 
ATOM   36  C CB  . LEU A 1 7  ? -2.489  -2.604  -5.280  1.00 26.15 ? 356 LEU A CB  1 
ATOM   37  C CG  . LEU A 1 7  ? -1.129  -2.094  -5.729  1.00 40.66 ? 356 LEU A CG  1 
ATOM   38  C CD1 . LEU A 1 7  ? -0.780  -2.613  -7.106  1.00 50.92 ? 356 LEU A CD1 1 
ATOM   39  C CD2 . LEU A 1 7  ? -1.230  -0.580  -5.732  1.00 43.15 ? 356 LEU A CD2 1 
ATOM   40  N N   . ARG A 1 8  ? -1.392  -5.901  -5.462  1.00 20.88 ? 357 ARG A N   1 
ATOM   41  C CA  . ARG A 1 8  ? -0.498  -6.897  -4.886  1.00 20.71 ? 357 ARG A CA  1 
ATOM   42  C C   . ARG A 1 8  ? 0.947   -6.630  -5.277  1.00 20.73 ? 357 ARG A C   1 
ATOM   43  O O   . ARG A 1 8  ? 1.229   -6.049  -6.335  1.00 24.53 ? 357 ARG A O   1 
ATOM   44  C CB  . ARG A 1 8  ? -0.858  -8.318  -5.330  1.00 22.42 ? 357 ARG A CB  1 
ATOM   45  C CG  . ARG A 1 8  ? -2.226  -8.806  -4.793  1.00 22.68 ? 357 ARG A CG  1 
ATOM   46  C CD  . ARG A 1 8  ? -2.525  -10.223 -5.233  1.00 24.31 ? 357 ARG A CD  1 
ATOM   47  N NE  . ARG A 1 8  ? -3.853  -10.625 -4.778  1.00 25.59 ? 357 ARG A NE  1 
ATOM   48  C CZ  . ARG A 1 8  ? -4.091  -11.209 -3.609  1.00 31.35 ? 357 ARG A CZ  1 
ATOM   49  N NH1 . ARG A 1 8  ? -3.084  -11.495 -2.789  1.00 27.90 ? 357 ARG A NH1 1 
ATOM   50  N NH2 . ARG A 1 8  ? -5.335  -11.532 -3.279  1.00 26.91 ? 357 ARG A NH2 1 
ATOM   51  N N   . ALA A 1 9  ? 1.849   -7.091  -4.434  1.00 19.05 ? 358 ALA A N   1 
ATOM   52  C CA  . ALA A 1 9  ? 3.291   -6.937  -4.732  1.00 20.50 ? 358 ALA A CA  1 
ATOM   53  C C   . ALA A 1 9  ? 3.670   -7.809  -5.920  1.00 23.42 ? 358 ALA A C   1 
ATOM   54  O O   . ALA A 1 9  ? 3.473   -9.028  -5.871  1.00 24.16 ? 358 ALA A O   1 
ATOM   55  C CB  . ALA A 1 9  ? 4.119   -7.331  -3.515  1.00 22.74 ? 358 ALA A CB  1 
ATOM   56  N N   . PRO A 1 10 ? 4.232   -7.260  -7.001  1.00 20.78 ? 359 PRO A N   1 
ATOM   57  C CA  . PRO A 1 10 ? 4.629   -8.138  -8.105  1.00 23.86 ? 359 PRO A CA  1 
ATOM   58  C C   . PRO A 1 10 ? 5.880   -8.947  -7.806  1.00 25.60 ? 359 PRO A C   1 
ATOM   59  O O   . PRO A 1 10 ? 6.085   -9.998  -8.422  1.00 28.48 ? 359 PRO A O   1 
ATOM   60  C CB  . PRO A 1 10 ? 4.860   -7.167  -9.276  1.00 27.15 ? 359 PRO A CB  1 
ATOM   61  C CG  . PRO A 1 10 ? 4.904   -5.826  -8.692  1.00 27.72 ? 359 PRO A CG  1 
ATOM   62  C CD  . PRO A 1 10 ? 4.259   -5.834  -7.347  1.00 23.12 ? 359 PRO A CD  1 
ATOM   63  N N   . VAL A 1 11 ? 6.711   -8.487  -6.868  1.00 24.32 ? 360 VAL A N   1 
ATOM   64  C CA  . VAL A 1 11 ? 7.949   -9.143  -6.471  1.00 25.44 ? 360 VAL A CA  1 
ATOM   65  C C   . VAL A 1 11 ? 8.087   -8.969  -4.963  1.00 23.84 ? 360 VAL A C   1 
ATOM   66  O O   . VAL A 1 11 ? 7.447   -8.108  -4.358  1.00 23.42 ? 360 VAL A O   1 
ATOM   67  C CB  . VAL A 1 11 ? 9.192   -8.541  -7.174  1.00 23.35 ? 360 VAL A CB  1 
ATOM   68  C CG1 . VAL A 1 11 ? 9.140   -8.800  -8.665  1.00 25.87 ? 360 VAL A CG1 1 
ATOM   69  C CG2 . VAL A 1 11 ? 9.263   -7.055  -6.891  1.00 29.49 ? 360 VAL A CG2 1 
ATOM   70  N N   . ALA A 1 12 ? 8.947   -9.784  -4.355  1.00 25.50 ? 361 ALA A N   1 
ATOM   71  C CA  . ALA A 1 12 ? 9.278   -9.547  -2.953  1.00 27.00 ? 361 ALA A CA  1 
ATOM   72  C C   . ALA A 1 12 ? 10.088  -8.260  -2.844  1.00 26.56 ? 361 ALA A C   1 
ATOM   73  O O   . ALA A 1 12 ? 10.858  -7.912  -3.743  1.00 26.62 ? 361 ALA A O   1 
ATOM   74  C CB  . ALA A 1 12 ? 10.076  -10.717 -2.372  1.00 26.79 ? 361 ALA A CB  1 
ATOM   75  N N   . GLY A 1 13 ? 9.920   -7.544  -1.740  1.00 23.70 ? 362 GLY A N   1 
ATOM   76  C CA  . GLY A 1 13 ? 10.746  -6.358  -1.539  1.00 22.72 ? 362 GLY A CA  1 
ATOM   77  C C   . GLY A 1 13 ? 10.340  -5.604  -0.293  1.00 26.70 ? 362 GLY A C   1 
ATOM   78  O O   . GLY A 1 13 ? 9.480   -6.053  0.477   1.00 26.97 ? 362 GLY A O   1 
ATOM   79  N N   . THR A 1 14 ? 10.956  -4.433  -0.104  1.00 23.00 ? 363 THR A N   1 
ATOM   80  C CA  . THR A 1 14 ? 10.686  -3.602  1.065   1.00 23.31 ? 363 THR A CA  1 
ATOM   81  C C   . THR A 1 14 ? 9.851   -2.382  0.668   1.00 24.12 ? 363 THR A C   1 
ATOM   82  O O   . THR A 1 14 ? 9.981   -1.853  -0.434  1.00 24.46 ? 363 THR A O   1 
ATOM   83  C CB  . THR A 1 14 ? 11.980  -3.170  1.751   1.00 29.73 ? 363 THR A CB  1 
ATOM   84  O OG1 . THR A 1 14 ? 12.852  -2.579  0.784   1.00 32.08 ? 363 THR A OG1 1 
ATOM   85  C CG2 . THR A 1 14 ? 12.680  -4.380  2.348   1.00 29.49 ? 363 THR A CG2 1 
ATOM   86  N N   . ILE A 1 15 ? 8.957   -1.975  1.566   1.00 23.63 ? 364 ILE A N   1 
ATOM   87  C CA  . ILE A 1 15 ? 7.975   -0.926  1.323   1.00 22.82 ? 364 ILE A CA  1 
ATOM   88  C C   . ILE A 1 15 ? 8.541   0.423   1.732   1.00 27.03 ? 364 ILE A C   1 
ATOM   89  O O   . ILE A 1 15 ? 9.121   0.572   2.817   1.00 28.49 ? 364 ILE A O   1 
ATOM   90  C CB  . ILE A 1 15 ? 6.681   -1.219  2.108   1.00 24.57 ? 364 ILE A CB  1 
ATOM   91  C CG1 . ILE A 1 15 ? 6.038   -2.505  1.597   1.00 25.41 ? 364 ILE A CG1 1 
ATOM   92  C CG2 . ILE A 1 15 ? 5.714   -0.035  2.027   1.00 24.78 ? 364 ILE A CG2 1 
ATOM   93  C CD1 . ILE A 1 15 ? 5.606   -2.443  0.152   1.00 23.57 ? 364 ILE A CD1 1 
ATOM   94  N N   . LYS A 1 16 ? 8.348   1.422   0.874   1.00 25.81 ? 365 LYS A N   1 
ATOM   95  C CA  . LYS A 1 16 ? 8.637   2.812   1.211   1.00 28.18 ? 365 LYS A CA  1 
ATOM   96  C C   . LYS A 1 16 ? 7.394   3.635   0.925   1.00 32.84 ? 365 LYS A C   1 
ATOM   97  O O   . LYS A 1 16 ? 6.954   3.707   -0.226  1.00 36.64 ? 365 LYS A O   1 
ATOM   98  C CB  . LYS A 1 16 ? 9.822   3.343   0.408   1.00 29.13 ? 365 LYS A CB  1 
ATOM   99  C CG  . LYS A 1 16 ? 11.129  2.671   0.741   1.00 39.32 ? 365 LYS A CG  1 
ATOM   100 C CD  . LYS A 1 16 ? 12.255  3.216   -0.128  1.00 45.27 ? 365 LYS A CD  1 
ATOM   101 C CE  . LYS A 1 16 ? 13.605  2.732   0.370   1.00 45.40 ? 365 LYS A CE  1 
ATOM   102 N NZ  . LYS A 1 16 ? 14.716  3.241   -0.476  1.00 43.89 ? 365 LYS A NZ  1 
ATOM   103 N N   . LEU A 1 17 ? 6.814   4.237   1.965   1.00 40.59 ? 366 LEU A N   1 
ATOM   104 C CA  . LEU A 1 17 ? 5.633   5.066   1.752   1.00 42.23 ? 366 LEU A CA  1 
ATOM   105 C C   . LEU A 1 17 ? 6.003   6.442   1.208   1.00 48.42 ? 366 LEU A C   1 
ATOM   106 O O   . LEU A 1 17 ? 5.291   6.989   0.358   1.00 54.56 ? 366 LEU A O   1 
ATOM   107 C CB  . LEU A 1 17 ? 4.840   5.196   3.049   1.00 42.26 ? 366 LEU A CB  1 
ATOM   108 C CG  . LEU A 1 17 ? 4.212   3.903   3.551   1.00 40.64 ? 366 LEU A CG  1 
ATOM   109 C CD1 . LEU A 1 17 ? 3.464   4.143   4.847   1.00 45.30 ? 366 LEU A CD1 1 
ATOM   110 C CD2 . LEU A 1 17 ? 3.276   3.332   2.504   1.00 45.11 ? 366 LEU A CD2 1 
ATOM   111 N N   . GLY A 1 18 ? 7.104   7.019   1.684   1.00 43.89 ? 367 GLY A N   1 
ATOM   112 C CA  . GLY A 1 18 ? 7.606   8.262   1.134   1.00 53.95 ? 367 GLY A CA  1 
ATOM   113 C C   . GLY A 1 18 ? 7.226   9.477   1.958   1.00 65.43 ? 367 GLY A C   1 
ATOM   114 O O   . GLY A 1 18 ? 6.582   9.399   3.010   1.00 54.21 ? 367 GLY A O   1 
ATOM   115 N N   . LYS A 1 19 ? 7.642   10.630  1.432   1.00 73.46 ? 368 LYS A N   1 
ATOM   116 C CA  . LYS A 1 19 ? 7.476   11.919  2.094   1.00 77.53 ? 368 LYS A CA  1 
ATOM   117 C C   . LYS A 1 19 ? 6.099   12.531  1.853   1.00 71.52 ? 368 LYS A C   1 
ATOM   118 O O   . LYS A 1 19 ? 5.504   13.095  2.777   1.00 72.27 ? 368 LYS A O   1 
ATOM   119 C CB  . LYS A 1 19 ? 8.573   12.882  1.624   1.00 82.58 ? 368 LYS A CB  1 
ATOM   120 C CG  . LYS A 1 19 ? 10.003  12.414  1.926   1.00 79.11 ? 368 LYS A CG  1 
ATOM   121 C CD  . LYS A 1 19 ? 11.006  13.053  0.967   1.00 77.04 ? 368 LYS A CD  1 
ATOM   122 C CE  . LYS A 1 19 ? 12.406  13.159  1.570   1.00 78.56 ? 368 LYS A CE  1 
ATOM   123 N NZ  . LYS A 1 19 ? 13.092  11.845  1.736   1.00 75.75 ? 368 LYS A NZ  1 
ATOM   124 N N   . LYS A 1 20 ? 5.574   12.430  0.629   1.00 63.23 ? 369 LYS A N   1 
ATOM   125 C CA  . LYS A 1 20 ? 4.250   12.968  0.328   1.00 58.44 ? 369 LYS A CA  1 
ATOM   126 C C   . LYS A 1 20 ? 3.120   12.146  0.935   1.00 51.16 ? 369 LYS A C   1 
ATOM   127 O O   . LYS A 1 20 ? 1.964   12.580  0.877   1.00 52.41 ? 369 LYS A O   1 
ATOM   128 C CB  . LYS A 1 20 ? 4.039   13.061  -1.187  1.00 55.08 ? 369 LYS A CB  1 
ATOM   129 C CG  . LYS A 1 20 ? 4.744   14.233  -1.854  1.00 52.14 ? 369 LYS A CG  1 
ATOM   130 N N   . ALA A 1 21 ? 3.416   10.982  1.507   1.00 45.46 ? 370 ALA A N   1 
ATOM   131 C CA  . ALA A 1 21 ? 2.363   10.112  2.008   1.00 38.12 ? 370 ALA A CA  1 
ATOM   132 C C   . ALA A 1 21 ? 1.719   10.693  3.261   1.00 42.50 ? 370 ALA A C   1 
ATOM   133 O O   . ALA A 1 21 ? 2.402   11.175  4.170   1.00 43.68 ? 370 ALA A O   1 
ATOM   134 C CB  . ALA A 1 21 ? 2.915   8.718   2.305   1.00 33.12 ? 370 ALA A CB  1 
ATOM   135 N N   . ARG A 1 22 ? 0.389   10.652  3.295   1.00 42.93 ? 371 ARG A N   1 
ATOM   136 C CA  . ARG A 1 22 ? -0.388  10.979  4.482   1.00 42.69 ? 371 ARG A CA  1 
ATOM   137 C C   . ARG A 1 22 ? -1.339  9.816   4.725   1.00 45.05 ? 371 ARG A C   1 
ATOM   138 O O   . ARG A 1 22 ? -2.164  9.501   3.862   1.00 46.16 ? 371 ARG A O   1 
ATOM   139 C CB  . ARG A 1 22 ? -1.167  12.286  4.308   1.00 49.76 ? 371 ARG A CB  1 
ATOM   140 C CG  . ARG A 1 22 ? -0.470  13.367  3.495   1.00 57.04 ? 371 ARG A CG  1 
ATOM   141 C CD  . ARG A 1 22 ? 0.553   14.148  4.307   1.00 64.97 ? 371 ARG A CD  1 
ATOM   142 N NE  . ARG A 1 22 ? 0.979   15.353  3.600   1.00 75.41 ? 371 ARG A NE  1 
ATOM   143 C CZ  . ARG A 1 22 ? 2.094   16.025  3.867   1.00 89.51 ? 371 ARG A CZ  1 
ATOM   144 N NH1 . ARG A 1 22 ? 2.908   15.606  4.828   1.00 96.84 ? 371 ARG A NH1 1 
ATOM   145 N NH2 . ARG A 1 22 ? 2.401   17.111  3.172   1.00 94.27 ? 371 ARG A NH2 1 
ATOM   146 N N   . THR A 1 23 ? -1.208  9.169   5.881   1.00 40.55 ? 372 THR A N   1 
ATOM   147 C CA  . THR A 1 23 ? -2.027  8.019   6.250   1.00 40.56 ? 372 THR A CA  1 
ATOM   148 C C   . THR A 1 23 ? -2.551  8.217   7.668   1.00 51.32 ? 372 THR A C   1 
ATOM   149 O O   . THR A 1 23 ? -2.188  9.177   8.356   1.00 53.15 ? 372 THR A O   1 
ATOM   150 C CB  . THR A 1 23 ? -1.238  6.708   6.155   1.00 42.32 ? 372 THR A CB  1 
ATOM   151 O OG1 . THR A 1 23 ? -0.075  6.789   6.988   1.00 43.34 ? 372 THR A OG1 1 
ATOM   152 C CG2 . THR A 1 23 ? -0.816  6.435   4.711   1.00 37.39 ? 372 THR A CG2 1 
ATOM   153 N N   . ARG A 1 24 ? -3.396  7.289   8.109   1.00 47.25 ? 373 ARG A N   1 
ATOM   154 C CA  . ARG A 1 24 ? -3.969  7.320   9.448   1.00 47.60 ? 373 ARG A CA  1 
ATOM   155 C C   . ARG A 1 24 ? -4.714  6.004   9.692   1.00 40.83 ? 373 ARG A C   1 
ATOM   156 O O   . ARG A 1 24 ? -5.105  5.323   8.736   1.00 33.63 ? 373 ARG A O   1 
ATOM   157 C CB  . ARG A 1 24 ? -4.910  8.520   9.623   1.00 51.75 ? 373 ARG A CB  1 
ATOM   158 C CG  . ARG A 1 24 ? -6.057  8.542   8.661   1.00 56.88 ? 373 ARG A CG  1 
ATOM   159 C CD  . ARG A 1 24 ? -7.136  9.454   9.182   1.00 70.71 ? 373 ARG A CD  1 
ATOM   160 N NE  . ARG A 1 24 ? -8.259  9.533   8.262   1.00 76.98 ? 373 ARG A NE  1 
ATOM   161 C CZ  . ARG A 1 24 ? -8.441  10.540  7.421   1.00 80.20 ? 373 ARG A CZ  1 
ATOM   162 N NH1 . ARG A 1 24 ? -9.485  10.547  6.605   1.00 83.26 ? 373 ARG A NH1 1 
ATOM   163 N NH2 . ARG A 1 24 ? -7.577  11.542  7.409   1.00 80.16 ? 373 ARG A NH2 1 
ATOM   164 N N   . PRO A 1 25 ? -4.931  5.637   10.962  1.00 36.54 ? 374 PRO A N   1 
ATOM   165 C CA  . PRO A 1 25 ? -5.507  4.320   11.260  1.00 30.80 ? 374 PRO A CA  1 
ATOM   166 C C   . PRO A 1 25 ? -6.873  4.140   10.618  1.00 29.10 ? 374 PRO A C   1 
ATOM   167 O O   . PRO A 1 25 ? -7.684  5.066   10.562  1.00 34.28 ? 374 PRO A O   1 
ATOM   168 C CB  . PRO A 1 25 ? -5.607  4.314   12.791  1.00 42.06 ? 374 PRO A CB  1 
ATOM   169 C CG  . PRO A 1 25 ? -4.578  5.277   13.225  1.00 38.88 ? 374 PRO A CG  1 
ATOM   170 C CD  . PRO A 1 25 ? -4.558  6.355   12.193  1.00 40.94 ? 374 PRO A CD  1 
ATOM   171 N N   . TYR A 1 26 ? -7.125  2.920   10.161  1.00 29.64 ? 375 TYR A N   1 
ATOM   172 C CA  . TYR A 1 26 ? -8.372  2.584   9.489   1.00 27.96 ? 375 TYR A CA  1 
ATOM   173 C C   . TYR A 1 26 ? -8.763  1.164   9.858   1.00 31.73 ? 375 TYR A C   1 
ATOM   174 O O   . TYR A 1 26 ? -7.946  0.244   9.751   1.00 40.60 ? 375 TYR A O   1 
ATOM   175 C CB  . TYR A 1 26 ? -8.207  2.703   7.974   1.00 25.54 ? 375 TYR A CB  1 
ATOM   176 C CG  . TYR A 1 26 ? -9.494  2.725   7.183   1.00 27.06 ? 375 TYR A CG  1 
ATOM   177 C CD1 . TYR A 1 26 ? -10.492 3.651   7.457   1.00 30.71 ? 375 TYR A CD1 1 
ATOM   178 C CD2 . TYR A 1 26 ? -9.682  1.857   6.123   1.00 29.38 ? 375 TYR A CD2 1 
ATOM   179 C CE1 . TYR A 1 26 ? -11.663 3.677   6.716   1.00 34.20 ? 375 TYR A CE1 1 
ATOM   180 C CE2 . TYR A 1 26 ? -10.838 1.881   5.378   1.00 29.78 ? 375 TYR A CE2 1 
ATOM   181 C CZ  . TYR A 1 26 ? -11.820 2.789   5.670   1.00 30.16 ? 375 TYR A CZ  1 
ATOM   182 O OH  . TYR A 1 26 ? -12.977 2.807   4.923   1.00 34.54 ? 375 TYR A OH  1 
ATOM   183 N N   . ARG A 1 27 ? -9.994  0.991   10.301  1.00 28.17 ? 376 ARG A N   1 
ATOM   184 C CA  . ARG A 1 27 ? -10.565 -0.333  10.485  1.00 28.25 ? 376 ARG A CA  1 
ATOM   185 C C   . ARG A 1 27 ? -11.387 -0.620  9.235   1.00 28.72 ? 376 ARG A C   1 
ATOM   186 O O   . ARG A 1 27 ? -12.322 0.124   8.924   1.00 29.41 ? 376 ARG A O   1 
ATOM   187 C CB  . ARG A 1 27 ? -11.413 -0.376  11.757  1.00 30.88 ? 376 ARG A CB  1 
ATOM   188 C CG  . ARG A 1 27 ? -11.951 -1.748  12.185  1.00 42.16 ? 376 ARG A CG  1 
ATOM   189 C CD  . ARG A 1 27 ? -11.011 -2.469  13.165  1.00 43.38 ? 376 ARG A CD  1 
ATOM   190 N NE  . ARG A 1 27 ? -10.612 -1.647  14.310  1.00 43.63 ? 376 ARG A NE  1 
ATOM   191 C CZ  . ARG A 1 27 ? -11.259 -1.606  15.475  1.00 39.20 ? 376 ARG A CZ  1 
ATOM   192 N NH1 . ARG A 1 27 ? -12.359 -2.330  15.661  1.00 40.13 ? 376 ARG A NH1 1 
ATOM   193 N NH2 . ARG A 1 27 ? -10.811 -0.836  16.463  1.00 34.69 ? 376 ARG A NH2 1 
ATOM   194 N N   . THR A 1 28 ? -11.018 -1.667  8.500   1.00 27.36 ? 377 THR A N   1 
ATOM   195 C CA  . THR A 1 28 ? -11.666 -1.930  7.222   1.00 24.99 ? 377 THR A CA  1 
ATOM   196 C C   . THR A 1 28 ? -13.087 -2.466  7.439   1.00 25.29 ? 377 THR A C   1 
ATOM   197 O O   . THR A 1 28 ? -13.525 -2.742  8.564   1.00 29.01 ? 377 THR A O   1 
ATOM   198 C CB  . THR A 1 28 ? -10.870 -2.943  6.407   1.00 25.52 ? 377 THR A CB  1 
ATOM   199 O OG1 . THR A 1 28 ? -11.037 -4.246  6.998   1.00 28.49 ? 377 THR A OG1 1 
ATOM   200 C CG2 . THR A 1 28 ? -9.382  -2.553  6.336   1.00 25.83 ? 377 THR A CG2 1 
ATOM   201 N N   . ARG A 1 29 ? -13.813 -2.646  6.327   1.00 26.73 ? 378 ARG A N   1 
ATOM   202 C CA  . ARG A 1 29 ? -15.193 -3.126  6.422   1.00 26.89 ? 378 ARG A CA  1 
ATOM   203 C C   . ARG A 1 29 ? -15.285 -4.538  6.984   1.00 29.71 ? 378 ARG A C   1 
ATOM   204 O O   . ARG A 1 29 ? -16.345 -4.921  7.505   1.00 31.64 ? 378 ARG A O   1 
ATOM   205 C CB  . ARG A 1 29 ? -15.869 -3.074  5.053   1.00 33.14 ? 378 ARG A CB  1 
ATOM   206 C CG  . ARG A 1 29 ? -15.333 -4.073  4.053   1.00 30.26 ? 378 ARG A CG  1 
ATOM   207 C CD  . ARG A 1 29 ? -15.865 -3.743  2.671   1.00 36.89 ? 378 ARG A CD  1 
ATOM   208 N NE  . ARG A 1 29 ? -15.170 -4.467  1.614   1.00 40.18 ? 378 ARG A NE  1 
ATOM   209 C CZ  . ARG A 1 29 ? -14.121 -3.986  0.946   1.00 40.51 ? 378 ARG A CZ  1 
ATOM   210 N NH1 . ARG A 1 29 ? -13.652 -2.782  1.231   1.00 37.55 ? 378 ARG A NH1 1 
ATOM   211 N NH2 . ARG A 1 29 ? -13.544 -4.707  -0.003  1.00 51.28 ? 378 ARG A NH2 1 
ATOM   212 N N   . HIS A 1 30 ? -14.200 -5.303  6.912   1.00 30.06 ? 379 HIS A N   1 
ATOM   213 C CA  . HIS A 1 30 ? -14.122 -6.642  7.473   1.00 32.67 ? 379 HIS A CA  1 
ATOM   214 C C   . HIS A 1 30 ? -13.481 -6.658  8.852   1.00 38.42 ? 379 HIS A C   1 
ATOM   215 O O   . HIS A 1 30 ? -13.207 -7.737  9.382   1.00 48.77 ? 379 HIS A O   1 
ATOM   216 C CB  . HIS A 1 30 ? -13.345 -7.568  6.532   1.00 38.43 ? 379 HIS A CB  1 
ATOM   217 C CG  . HIS A 1 30 ? -13.850 -7.565  5.122   1.00 41.44 ? 379 HIS A CG  1 
ATOM   218 N ND1 . HIS A 1 30 ? -15.138 -7.926  4.789   1.00 47.61 ? 379 HIS A ND1 1 
ATOM   219 C CD2 . HIS A 1 30 ? -13.232 -7.254  3.957   1.00 45.39 ? 379 HIS A CD2 1 
ATOM   220 C CE1 . HIS A 1 30 ? -15.293 -7.831  3.480   1.00 45.88 ? 379 HIS A CE1 1 
ATOM   221 N NE2 . HIS A 1 30 ? -14.153 -7.423  2.953   1.00 46.00 ? 379 HIS A NE2 1 
ATOM   222 N N   . GLY A 1 31 ? -13.225 -5.492  9.440   1.00 37.63 ? 380 GLY A N   1 
ATOM   223 C CA  . GLY A 1 31 ? -12.730 -5.421  10.801  1.00 38.74 ? 380 GLY A CA  1 
ATOM   224 C C   . GLY A 1 31 ? -11.228 -5.491  10.957  1.00 38.88 ? 380 GLY A C   1 
ATOM   225 O O   . GLY A 1 31 ? -10.750 -5.707  12.075  1.00 42.58 ? 380 GLY A O   1 
ATOM   226 N N   . GLU A 1 32 ? -10.468 -5.319  9.882   1.00 35.07 ? 381 GLU A N   1 
ATOM   227 C CA  . GLU A 1 32 ? -9.018  -5.416  9.942   1.00 36.93 ? 381 GLU A CA  1 
ATOM   228 C C   . GLU A 1 32 ? -8.393  -4.056  10.216  1.00 39.15 ? 381 GLU A C   1 
ATOM   229 O O   . GLU A 1 32 ? -8.822  -3.033  9.675   1.00 34.38 ? 381 GLU A O   1 
ATOM   230 C CB  . GLU A 1 32 ? -8.470  -5.981  8.630   1.00 49.55 ? 381 GLU A CB  1 
ATOM   231 C CG  . GLU A 1 32 ? -6.962  -6.156  8.604   1.00 67.37 ? 381 GLU A CG  1 
ATOM   232 C CD  . GLU A 1 32 ? -6.464  -6.672  7.271   1.00 78.20 ? 381 GLU A CD  1 
ATOM   233 O OE1 . GLU A 1 32 ? -7.309  -7.010  6.413   1.00 82.30 ? 381 GLU A OE1 1 
ATOM   234 O OE2 . GLU A 1 32 ? -5.231  -6.737  7.078   1.00 81.62 ? 381 GLU A OE2 1 
ATOM   235 N N   . GLU A 1 33 ? -7.355  -4.049  11.039  1.00 37.27 ? 382 GLU A N   1 
ATOM   236 C CA  A GLU A 1 33 ? -6.637  -2.818  11.336  0.45 36.02 ? 382 GLU A CA  1 
ATOM   237 C CA  B GLU A 1 33 ? -6.640  -2.816  11.332  0.55 35.39 ? 382 GLU A CA  1 
ATOM   238 C C   . GLU A 1 33 ? -5.679  -2.504  10.194  1.00 38.57 ? 382 GLU A C   1 
ATOM   239 O O   . GLU A 1 33 ? -4.780  -3.296  9.889   1.00 38.96 ? 382 GLU A O   1 
ATOM   240 C CB  A GLU A 1 33 ? -5.903  -2.948  12.669  0.45 39.79 ? 382 GLU A CB  1 
ATOM   241 C CB  B GLU A 1 33 ? -5.909  -2.927  12.668  0.55 40.08 ? 382 GLU A CB  1 
ATOM   242 C CG  A GLU A 1 33 ? -6.845  -3.287  13.813  0.45 40.95 ? 382 GLU A CG  1 
ATOM   243 C CG  B GLU A 1 33 ? -6.789  -2.545  13.845  0.55 43.10 ? 382 GLU A CG  1 
ATOM   244 C CD  A GLU A 1 33 ? -6.172  -3.288  15.171  0.45 42.22 ? 382 GLU A CD  1 
ATOM   245 C CD  B GLU A 1 33 ? -7.174  -1.073  13.824  0.55 43.98 ? 382 GLU A CD  1 
ATOM   246 O OE1 A GLU A 1 33 ? -5.204  -2.524  15.362  0.45 45.85 ? 382 GLU A OE1 1 
ATOM   247 O OE1 B GLU A 1 33 ? -6.399  -0.252  14.359  0.55 40.73 ? 382 GLU A OE1 1 
ATOM   248 O OE2 A GLU A 1 33 ? -6.617  -4.057  16.045  0.45 41.50 ? 382 GLU A OE2 1 
ATOM   249 O OE2 B GLU A 1 33 ? -8.235  -0.727  13.254  0.55 39.94 ? 382 GLU A OE2 1 
ATOM   250 N N   . ALA A 1 34 ? -5.881  -1.355  9.559   1.00 33.55 ? 383 ALA A N   1 
ATOM   251 C CA  . ALA A 1 34 ? -5.093  -0.987  8.396   1.00 30.43 ? 383 ALA A CA  1 
ATOM   252 C C   . ALA A 1 34 ? -4.823  0.511   8.407   1.00 30.04 ? 383 ALA A C   1 
ATOM   253 O O   . ALA A 1 34 ? -4.853  1.142   9.472   1.00 35.25 ? 383 ALA A O   1 
ATOM   254 C CB  . ALA A 1 34 ? -5.816  -1.419  7.113   1.00 30.19 ? 383 ALA A CB  1 
ATOM   255 N N   . LEU A 1 35 ? -4.582  1.091   7.243   1.00 35.54 ? 384 LEU A N   1 
ATOM   256 C CA  . LEU A 1 35 ? -4.332  2.515   7.120   1.00 29.40 ? 384 LEU A CA  1 
ATOM   257 C C   . LEU A 1 35 ? -5.193  3.063   5.996   1.00 31.68 ? 384 LEU A C   1 
ATOM   258 O O   . LEU A 1 35 ? -5.503  2.355   5.032   1.00 30.27 ? 384 LEU A O   1 
ATOM   259 C CB  . LEU A 1 35 ? -2.848  2.822   6.836   1.00 33.52 ? 384 LEU A CB  1 
ATOM   260 C CG  . LEU A 1 35 ? -1.821  2.366   7.870   1.00 37.48 ? 384 LEU A CG  1 
ATOM   261 C CD1 . LEU A 1 35 ? -0.428  2.580   7.310   1.00 36.30 ? 384 LEU A CD1 1 
ATOM   262 C CD2 . LEU A 1 35 ? -1.990  3.112   9.189   1.00 38.85 ? 384 LEU A CD2 1 
ATOM   263 N N   . LEU A 1 36 ? -5.585  4.321   6.136   1.00 27.91 ? 385 LEU A N   1 
ATOM   264 C CA  . LEU A 1 36 ? -6.339  5.030   5.115   1.00 29.26 ? 385 LEU A CA  1 
ATOM   265 C C   . LEU A 1 36 ? -5.467  6.120   4.508   1.00 34.14 ? 385 LEU A C   1 
ATOM   266 O O   . LEU A 1 36 ? -4.884  6.928   5.237   1.00 33.32 ? 385 LEU A O   1 
ATOM   267 C CB  . LEU A 1 36 ? -7.611  5.641   5.709   1.00 27.78 ? 385 LEU A CB  1 
ATOM   268 C CG  . LEU A 1 36 ? -8.524  6.406   4.758   1.00 31.02 ? 385 LEU A CG  1 
ATOM   269 C CD1 . LEU A 1 36 ? -9.125  5.467   3.729   1.00 32.80 ? 385 LEU A CD1 1 
ATOM   270 C CD2 . LEU A 1 36 ? -9.611  7.129   5.554   1.00 33.76 ? 385 LEU A CD2 1 
ATOM   271 N N   . ALA A 1 37 ? -5.367  6.136   3.180   1.00 31.07 ? 386 ALA A N   1 
ATOM   272 C CA  . ALA A 1 37 ? -4.663  7.212   2.490   1.00 31.32 ? 386 ALA A CA  1 
ATOM   273 C C   . ALA A 1 37 ? -5.533  8.464   2.520   1.00 33.35 ? 386 ALA A C   1 
ATOM   274 O O   . ALA A 1 37 ? -6.629  8.482   1.946   1.00 35.85 ? 386 ALA A O   1 
ATOM   275 C CB  . ALA A 1 37 ? -4.335  6.805   1.056   1.00 32.12 ? 386 ALA A CB  1 
ATOM   276 N N   . GLU A 1 38 ? -5.059  9.511   3.190   1.00 36.84 ? 387 GLU A N   1 
ATOM   277 C CA  . GLU A 1 38 ? -5.773  10.781  3.204   1.00 47.46 ? 387 GLU A CA  1 
ATOM   278 C C   . GLU A 1 38 ? -5.189  11.788  2.218   1.00 50.06 ? 387 GLU A C   1 
ATOM   279 O O   . GLU A 1 38 ? -5.470  12.986  2.323   1.00 58.28 ? 387 GLU A O   1 
ATOM   280 C CB  . GLU A 1 38 ? -5.808  11.364  4.617   1.00 57.71 ? 387 GLU A CB  1 
ATOM   281 C CG  . GLU A 1 38 ? -4.459  11.625  5.248   1.00 63.97 ? 387 GLU A CG  1 
ATOM   282 C CD  . GLU A 1 38 ? -4.586  12.269  6.617   1.00 74.22 ? 387 GLU A CD  1 
ATOM   283 O OE1 . GLU A 1 38 ? -5.703  12.703  6.969   1.00 76.72 ? 387 GLU A OE1 1 
ATOM   284 O OE2 . GLU A 1 38 ? -3.573  12.338  7.345   1.00 78.29 ? 387 GLU A OE2 1 
ATOM   285 N N   . ALA A 1 39 ? -4.393  11.321  1.257   1.00 41.49 ? 388 ALA A N   1 
ATOM   286 C CA  . ALA A 1 39 ? -3.867  12.147  0.179   1.00 42.43 ? 388 ALA A CA  1 
ATOM   287 C C   . ALA A 1 39 ? -3.329  11.221  -0.902  1.00 38.71 ? 388 ALA A C   1 
ATOM   288 O O   . ALA A 1 39 ? -2.993  10.063  -0.636  1.00 40.93 ? 388 ALA A O   1 
ATOM   289 C CB  . ALA A 1 39 ? -2.767  13.093  0.669   1.00 46.06 ? 388 ALA A CB  1 
ATOM   290 N N   . ASN A 1 40 ? -3.256  11.740  -2.125  1.00 39.92 ? 389 ASN A N   1 
ATOM   291 C CA  . ASN A 1 40 ? -2.653  10.981  -3.214  1.00 34.20 ? 389 ASN A CA  1 
ATOM   292 C C   . ASN A 1 40 ? -1.144  10.891  -3.005  1.00 34.92 ? 389 ASN A C   1 
ATOM   293 O O   . ASN A 1 40 ? -0.496  11.895  -2.691  1.00 40.00 ? 389 ASN A O   1 
ATOM   294 C CB  . ASN A 1 40 ? -2.961  11.637  -4.561  1.00 35.33 ? 389 ASN A CB  1 
ATOM   295 C CG  . ASN A 1 40 ? -4.448  11.778  -4.822  1.00 41.43 ? 389 ASN A CG  1 
ATOM   296 O OD1 . ASN A 1 40 ? -5.261  11.021  -4.297  1.00 38.43 ? 389 ASN A OD1 1 
ATOM   297 N ND2 . ASN A 1 40 ? -4.810  12.754  -5.648  1.00 47.05 ? 389 ASN A ND2 1 
ATOM   298 N N   . PHE A 1 41 ? -0.576  9.699   -3.187  1.00 29.48 ? 390 PHE A N   1 
ATOM   299 C CA  . PHE A 1 41 ? 0.865   9.535   -3.026  1.00 32.78 ? 390 PHE A CA  1 
ATOM   300 C C   . PHE A 1 41 ? 1.324   8.303   -3.791  1.00 30.94 ? 390 PHE A C   1 
ATOM   301 O O   . PHE A 1 41 ? 0.524   7.464   -4.213  1.00 27.93 ? 390 PHE A O   1 
ATOM   302 C CB  . PHE A 1 41 ? 1.269   9.447   -1.542  1.00 34.93 ? 390 PHE A CB  1 
ATOM   303 C CG  . PHE A 1 41 ? 0.949   8.122   -0.876  1.00 30.67 ? 390 PHE A CG  1 
ATOM   304 C CD1 . PHE A 1 41 ? -0.300  7.886   -0.329  1.00 37.92 ? 390 PHE A CD1 1 
ATOM   305 C CD2 . PHE A 1 41 ? 1.918   7.132   -0.770  1.00 32.15 ? 390 PHE A CD2 1 
ATOM   306 C CE1 . PHE A 1 41 ? -0.583  6.683   0.291   1.00 37.33 ? 390 PHE A CE1 1 
ATOM   307 C CE2 . PHE A 1 41 ? 1.645   5.929   -0.153  1.00 35.15 ? 390 PHE A CE2 1 
ATOM   308 C CZ  . PHE A 1 41 ? 0.388   5.699   0.376   1.00 34.95 ? 390 PHE A CZ  1 
ATOM   309 N N   . ASP A 1 42 ? 2.638   8.197   -3.953  1.00 29.33 ? 391 ASP A N   1 
ATOM   310 C CA  . ASP A 1 42 ? 3.261   7.048   -4.589  1.00 24.33 ? 391 ASP A CA  1 
ATOM   311 C C   . ASP A 1 42 ? 3.794   6.074   -3.538  1.00 31.07 ? 391 ASP A C   1 
ATOM   312 O O   . ASP A 1 42 ? 4.582   6.457   -2.663  1.00 33.03 ? 391 ASP A O   1 
ATOM   313 C CB  . ASP A 1 42 ? 4.408   7.496   -5.499  1.00 27.70 ? 391 ASP A CB  1 
ATOM   314 C CG  . ASP A 1 42 ? 3.931   8.121   -6.798  1.00 32.08 ? 391 ASP A CG  1 
ATOM   315 O OD1 . ASP A 1 42 ? 2.743   7.979   -7.147  1.00 32.45 ? 391 ASP A OD1 1 
ATOM   316 O OD2 . ASP A 1 42 ? 4.761   8.760   -7.493  1.00 37.56 ? 391 ASP A OD2 1 
ATOM   317 N N   . LEU A 1 43 ? 3.358   4.825   -3.627  1.00 23.31 ? 392 LEU A N   1 
ATOM   318 C CA  A LEU A 1 43 ? 3.878   3.735   -2.809  0.45 22.11 ? 392 LEU A CA  1 
ATOM   319 C CA  B LEU A 1 43 ? 3.892   3.750   -2.801  0.55 21.81 ? 392 LEU A CA  1 
ATOM   320 C C   . LEU A 1 43 ? 5.020   3.053   -3.556  1.00 24.67 ? 392 LEU A C   1 
ATOM   321 O O   . LEU A 1 43 ? 4.885   2.740   -4.743  1.00 25.47 ? 392 LEU A O   1 
ATOM   322 C CB  A LEU A 1 43 ? 2.762   2.733   -2.504  0.45 21.08 ? 392 LEU A CB  1 
ATOM   323 C CB  B LEU A 1 43 ? 2.785   2.759   -2.432  0.55 21.04 ? 392 LEU A CB  1 
ATOM   324 C CG  A LEU A 1 43 ? 3.118   1.388   -1.870  0.45 22.52 ? 392 LEU A CG  1 
ATOM   325 C CG  B LEU A 1 43 ? 3.122   1.617   -1.476  0.55 23.71 ? 392 LEU A CG  1 
ATOM   326 C CD1 A LEU A 1 43 ? 3.722   1.607   -0.503  0.45 27.28 ? 392 LEU A CD1 1 
ATOM   327 C CD1 B LEU A 1 43 ? 1.860   1.162   -0.761  0.55 24.24 ? 392 LEU A CD1 1 
ATOM   328 C CD2 A LEU A 1 43 ? 1.887   0.481   -1.781  0.45 23.69 ? 392 LEU A CD2 1 
ATOM   329 C CD2 B LEU A 1 43 ? 3.762   0.448   -2.219  0.55 23.73 ? 392 LEU A CD2 1 
ATOM   330 N N   . VAL A 1 44 ? 6.132   2.807   -2.866  1.00 23.94 ? 393 VAL A N   1 
ATOM   331 C CA  . VAL A 1 44 ? 7.311   2.205   -3.490  1.00 20.61 ? 393 VAL A CA  1 
ATOM   332 C C   . VAL A 1 44 ? 7.576   0.823   -2.904  1.00 23.70 ? 393 VAL A C   1 
ATOM   333 O O   . VAL A 1 44 ? 7.473   0.620   -1.688  1.00 24.86 ? 393 VAL A O   1 
ATOM   334 C CB  . VAL A 1 44 ? 8.539   3.120   -3.332  1.00 24.25 ? 393 VAL A CB  1 
ATOM   335 C CG1 . VAL A 1 44 ? 9.816   2.389   -3.736  1.00 28.62 ? 393 VAL A CG1 1 
ATOM   336 C CG2 . VAL A 1 44 ? 8.378   4.383   -4.175  1.00 26.98 ? 393 VAL A CG2 1 
ATOM   337 N N   . LEU A 1 45 ? 7.902   -0.126  -3.780  1.00 21.75 ? 394 LEU A N   1 
ATOM   338 C CA  . LEU A 1 45 ? 8.317   -1.479  -3.419  1.00 21.49 ? 394 LEU A CA  1 
ATOM   339 C C   . LEU A 1 45 ? 9.714   -1.672  -3.982  1.00 22.63 ? 394 LEU A C   1 
ATOM   340 O O   . LEU A 1 45 ? 9.897   -1.692  -5.204  1.00 24.33 ? 394 LEU A O   1 
ATOM   341 C CB  . LEU A 1 45 ? 7.370   -2.521  -3.994  1.00 22.87 ? 394 LEU A CB  1 
ATOM   342 C CG  . LEU A 1 45 ? 7.803   -3.983  -3.877  1.00 24.81 ? 394 LEU A CG  1 
ATOM   343 C CD1 . LEU A 1 45 ? 7.841   -4.433  -2.426  1.00 25.88 ? 394 LEU A CD1 1 
ATOM   344 C CD2 . LEU A 1 45 ? 6.853   -4.873  -4.665  1.00 24.89 ? 394 LEU A CD2 1 
ATOM   345 N N   . GLU A 1 46 ? 10.691  -1.833  -3.108  1.00 20.07 ? 395 GLU A N   1 
ATOM   346 C CA  . GLU A 1 46 ? 12.076  -1.976  -3.544  1.00 21.24 ? 395 GLU A CA  1 
ATOM   347 C C   . GLU A 1 46 ? 12.357  -3.462  -3.694  1.00 20.70 ? 395 GLU A C   1 
ATOM   348 O O   . GLU A 1 46 ? 12.593  -4.155  -2.702  1.00 25.10 ? 395 GLU A O   1 
ATOM   349 C CB  . GLU A 1 46 ? 13.037  -1.341  -2.546  1.00 22.89 ? 395 GLU A CB  1 
ATOM   350 C CG  . GLU A 1 46 ? 12.844  0.145   -2.244  1.00 25.47 ? 395 GLU A CG  1 
ATOM   351 C CD  . GLU A 1 46 ? 13.502  1.061   -3.256  1.00 28.68 ? 395 GLU A CD  1 
ATOM   352 O OE1 . GLU A 1 46 ? 13.891  0.569   -4.326  1.00 29.35 ? 395 GLU A OE1 1 
ATOM   353 O OE2 . GLU A 1 46 ? 13.619  2.272   -2.974  1.00 34.52 ? 395 GLU A OE2 1 
ATOM   354 N N   . GLY A 1 47 ? 12.332  -3.954  -4.945  1.00 23.42 ? 396 GLY A N   1 
ATOM   355 C CA  . GLY A 1 47 ? 12.700  -5.325  -5.225  1.00 24.26 ? 396 GLY A CA  1 
ATOM   356 C C   . GLY A 1 47 ? 14.188  -5.460  -5.519  1.00 25.70 ? 396 GLY A C   1 
ATOM   357 O O   . GLY A 1 47 ? 14.914  -4.478  -5.697  1.00 27.85 ? 396 GLY A O   1 
ATOM   358 N N   . LYS A 1 48 ? 14.651  -6.713  -5.555  1.00 27.85 ? 397 LYS A N   1 
ATOM   359 C CA  . LYS A 1 48 ? 16.064  -6.956  -5.834  1.00 25.71 ? 397 LYS A CA  1 
ATOM   360 C C   . LYS A 1 48 ? 16.431  -6.558  -7.259  1.00 25.48 ? 397 LYS A C   1 
ATOM   361 O O   . LYS A 1 48 ? 17.532  -6.054  -7.504  1.00 27.66 ? 397 LYS A O   1 
ATOM   362 C CB  . LYS A 1 48 ? 16.430  -8.423  -5.600  1.00 30.87 ? 397 LYS A CB  1 
ATOM   363 C CG  . LYS A 1 48 ? 16.446  -8.825  -4.127  1.00 39.57 ? 397 LYS A CG  1 
ATOM   364 C CD  . LYS A 1 48 ? 16.898  -10.271 -3.966  1.00 58.84 ? 397 LYS A CD  1 
ATOM   365 C CE  . LYS A 1 48 ? 16.807  -10.726 -2.516  1.00 66.07 ? 397 LYS A CE  1 
ATOM   366 N NZ  . LYS A 1 48 ? 17.169  -12.164 -2.357  1.00 70.13 ? 397 LYS A NZ  1 
ATOM   367 N N   . GLY A 1 49 ? 15.525  -6.773  -8.203  1.00 28.56 ? 398 GLY A N   1 
ATOM   368 C CA  . GLY A 1 49 ? 15.826  -6.530  -9.601  1.00 25.36 ? 398 GLY A CA  1 
ATOM   369 C C   . GLY A 1 49 ? 15.278  -5.230  -10.136 1.00 25.59 ? 398 GLY A C   1 
ATOM   370 O O   . GLY A 1 49 ? 15.713  -4.744  -11.187 1.00 32.78 ? 398 GLY A O   1 
ATOM   371 N N   . ARG A 1 50 ? 14.298  -4.660  -9.438  1.00 28.52 ? 399 ARG A N   1 
ATOM   372 C CA  . ARG A 1 50 ? 13.736  -3.397  -9.888  1.00 31.34 ? 399 ARG A CA  1 
ATOM   373 C C   . ARG A 1 50 ? 12.985  -2.751  -8.737  1.00 27.20 ? 399 ARG A C   1 
ATOM   374 O O   . ARG A 1 50 ? 12.637  -3.401  -7.745  1.00 27.31 ? 399 ARG A O   1 
ATOM   375 C CB  . ARG A 1 50 ? 12.798  -3.597  -11.089 1.00 41.00 ? 399 ARG A CB  1 
ATOM   376 C CG  . ARG A 1 50 ? 11.598  -4.498  -10.788 1.00 40.03 ? 399 ARG A CG  1 
ATOM   377 C CD  . ARG A 1 50 ? 10.800  -4.804  -12.049 1.00 46.76 ? 399 ARG A CD  1 
ATOM   378 N NE  . ARG A 1 50 ? 9.498   -5.411  -11.771 1.00 44.21 ? 399 ARG A NE  1 
ATOM   379 C CZ  . ARG A 1 50 ? 9.261   -6.720  -11.752 1.00 46.06 ? 399 ARG A CZ  1 
ATOM   380 N NH1 . ARG A 1 50 ? 10.245  -7.581  -11.982 1.00 53.24 ? 399 ARG A NH1 1 
ATOM   381 N NH2 . ARG A 1 50 ? 8.037   -7.170  -11.499 1.00 46.14 ? 399 ARG A NH2 1 
ATOM   382 N N   . LYS A 1 51 ? 12.765  -1.452  -8.889  1.00 32.26 ? 400 LYS A N   1 
ATOM   383 C CA  . LYS A 1 51 ? 11.909  -0.663  -8.014  1.00 30.18 ? 400 LYS A CA  1 
ATOM   384 C C   . LYS A 1 51 ? 10.534  -0.559  -8.666  1.00 30.59 ? 400 LYS A C   1 
ATOM   385 O O   . LYS A 1 51 ? 10.422  -0.159  -9.826  1.00 30.16 ? 400 LYS A O   1 
ATOM   386 C CB  . LYS A 1 51 ? 12.526  0.716   -7.788  1.00 33.57 ? 400 LYS A CB  1 
ATOM   387 C CG  . LYS A 1 51 ? 11.684  1.718   -7.037  1.00 36.77 ? 400 LYS A CG  1 
ATOM   388 C CD  . LYS A 1 51 ? 12.378  3.077   -7.108  1.00 40.70 ? 400 LYS A CD  1 
ATOM   389 C CE  . LYS A 1 51 ? 11.567  4.168   -6.444  1.00 53.02 ? 400 LYS A CE  1 
ATOM   390 N NZ  . LYS A 1 51 ? 12.281  5.473   -6.473  1.00 56.96 ? 400 LYS A NZ  1 
ATOM   391 N N   . GLU A 1 52 ? 9.494   -0.939  -7.935  1.00 27.06 ? 401 GLU A N   1 
ATOM   392 C CA  . GLU A 1 52 ? 8.118   -0.800  -8.392  1.00 27.16 ? 401 GLU A CA  1 
ATOM   393 C C   . GLU A 1 52 ? 7.477   0.382   -7.675  1.00 28.69 ? 401 GLU A C   1 
ATOM   394 O O   . GLU A 1 52 ? 7.644   0.541   -6.461  1.00 31.61 ? 401 GLU A O   1 
ATOM   395 C CB  . GLU A 1 52 ? 7.320   -2.077  -8.113  1.00 30.47 ? 401 GLU A CB  1 
ATOM   396 C CG  . GLU A 1 52 ? 7.719   -3.272  -8.976  1.00 33.29 ? 401 GLU A CG  1 
ATOM   397 C CD  . GLU A 1 52 ? 6.975   -3.325  -10.298 1.00 30.62 ? 401 GLU A CD  1 
ATOM   398 O OE1 . GLU A 1 52 ? 5.910   -2.694  -10.421 1.00 30.81 ? 401 GLU A OE1 1 
ATOM   399 O OE2 . GLU A 1 52 ? 7.449   -4.019  -11.224 1.00 37.22 ? 401 GLU A OE2 1 
ATOM   400 N N   . THR A 1 53 ? 6.746   1.218   -8.418  1.00 22.36 ? 402 THR A N   1 
ATOM   401 C CA  . THR A 1 53 ? 6.060   2.360   -7.824  1.00 20.31 ? 402 THR A CA  1 
ATOM   402 C C   . THR A 1 53 ? 4.590   2.310   -8.212  1.00 22.25 ? 402 THR A C   1 
ATOM   403 O O   . THR A 1 53 ? 4.260   1.946   -9.343  1.00 25.12 ? 402 THR A O   1 
ATOM   404 C CB  . THR A 1 53 ? 6.698   3.690   -8.259  1.00 24.83 ? 402 THR A CB  1 
ATOM   405 O OG1 . THR A 1 53 ? 8.105   3.665   -7.960  1.00 26.35 ? 402 THR A OG1 1 
ATOM   406 C CG2 . THR A 1 53 ? 6.064   4.847   -7.524  1.00 27.64 ? 402 THR A CG2 1 
ATOM   407 N N   . PHE A 1 54 ? 3.706   2.642   -7.258  1.00 20.98 ? 403 PHE A N   1 
ATOM   408 C CA  . PHE A 1 54 ? 2.260   2.552   -7.450  1.00 21.59 ? 403 PHE A CA  1 
ATOM   409 C C   . PHE A 1 54 ? 1.602   3.848   -7.020  1.00 22.94 ? 403 PHE A C   1 
ATOM   410 O O   . PHE A 1 54 ? 1.804   4.297   -5.888  1.00 23.04 ? 403 PHE A O   1 
ATOM   411 C CB  . PHE A 1 54 ? 1.658   1.396   -6.629  1.00 20.66 ? 403 PHE A CB  1 
ATOM   412 C CG  . PHE A 1 54 ? 2.414   0.106   -6.757  1.00 21.71 ? 403 PHE A CG  1 
ATOM   413 C CD1 . PHE A 1 54 ? 3.452   -0.187  -5.886  1.00 23.68 ? 403 PHE A CD1 1 
ATOM   414 C CD2 . PHE A 1 54 ? 2.119   -0.784  -7.769  1.00 28.53 ? 403 PHE A CD2 1 
ATOM   415 C CE1 . PHE A 1 54 ? 4.155   -1.371  -5.999  1.00 26.81 ? 403 PHE A CE1 1 
ATOM   416 C CE2 . PHE A 1 54 ? 2.839   -1.974  -7.897  1.00 30.49 ? 403 PHE A CE2 1 
ATOM   417 C CZ  . PHE A 1 54 ? 3.857   -2.258  -7.012  1.00 26.88 ? 403 PHE A CZ  1 
ATOM   418 N N   . ALA A 1 55 ? 0.808   4.446   -7.910  1.00 22.39 ? 404 ALA A N   1 
ATOM   419 C CA  . ALA A 1 55 ? -0.035  5.578   -7.543  1.00 23.48 ? 404 ALA A CA  1 
ATOM   420 C C   . ALA A 1 55 ? -1.150  5.122   -6.601  1.00 25.05 ? 404 ALA A C   1 
ATOM   421 O O   . ALA A 1 55 ? -1.917  4.215   -6.939  1.00 28.41 ? 404 ALA A O   1 
ATOM   422 C CB  . ALA A 1 55 ? -0.628  6.210   -8.797  1.00 27.65 ? 404 ALA A CB  1 
ATOM   423 N N   . ILE A 1 56 ? -1.243  5.755   -5.432  1.00 24.73 ? 405 ILE A N   1 
ATOM   424 C CA  . ILE A 1 56 ? -2.277  5.479   -4.436  1.00 26.06 ? 405 ILE A CA  1 
ATOM   425 C C   . ILE A 1 56 ? -3.198  6.692   -4.354  1.00 27.56 ? 405 ILE A C   1 
ATOM   426 O O   . ILE A 1 56 ? -2.727  7.827   -4.221  1.00 29.65 ? 405 ILE A O   1 
ATOM   427 C CB  . ILE A 1 56 ? -1.664  5.166   -3.058  1.00 23.84 ? 405 ILE A CB  1 
ATOM   428 C CG1 . ILE A 1 56 ? -0.624  4.036   -3.158  1.00 24.80 ? 405 ILE A CG1 1 
ATOM   429 C CG2 . ILE A 1 56 ? -2.765  4.863   -2.028  1.00 29.51 ? 405 ILE A CG2 1 
ATOM   430 C CD1 . ILE A 1 56 ? -1.171  2.711   -3.587  1.00 25.76 ? 405 ILE A CD1 1 
ATOM   431 N N   . LEU A 1 57 ? -4.505  6.453   -4.403  1.00 31.33 ? 406 LEU A N   1 
ATOM   432 C CA  . LEU A 1 57 ? -5.468  7.543   -4.356  1.00 34.68 ? 406 LEU A CA  1 
ATOM   433 C C   . LEU A 1 57 ? -5.934  7.799   -2.932  1.00 30.80 ? 406 LEU A C   1 
ATOM   434 O O   . LEU A 1 57 ? -5.995  6.889   -2.102  1.00 31.13 ? 406 LEU A O   1 
ATOM   435 C CB  . LEU A 1 57 ? -6.675  7.239   -5.241  1.00 35.75 ? 406 LEU A CB  1 
ATOM   436 C CG  . LEU A 1 57 ? -6.427  7.405   -6.736  1.00 41.38 ? 406 LEU A CG  1 
ATOM   437 C CD1 . LEU A 1 57 ? -7.669  7.023   -7.516  1.00 45.80 ? 406 LEU A CD1 1 
ATOM   438 C CD2 . LEU A 1 57 ? -6.013  8.844   -7.043  1.00 43.18 ? 406 LEU A CD2 1 
ATOM   439 N N   . GLN A 1 58 ? -6.252  9.059   -2.653  1.00 35.14 ? 407 GLN A N   1 
ATOM   440 C CA  . GLN A 1 58 ? -6.956  9.381   -1.425  1.00 39.89 ? 407 GLN A CA  1 
ATOM   441 C C   . GLN A 1 58 ? -8.142  8.440   -1.259  1.00 34.98 ? 407 GLN A C   1 
ATOM   442 O O   . GLN A 1 58 ? -8.889  8.187   -2.207  1.00 37.40 ? 407 GLN A O   1 
ATOM   443 C CB  . GLN A 1 58 ? -7.426  10.836  -1.452  1.00 36.78 ? 407 GLN A CB  1 
ATOM   444 C CG  . GLN A 1 58 ? -8.151  11.256  -0.195  1.00 41.59 ? 407 GLN A CG  1 
ATOM   445 C CD  . GLN A 1 58 ? -8.505  12.725  -0.197  1.00 52.24 ? 407 GLN A CD  1 
ATOM   446 O OE1 . GLN A 1 58 ? -7.969  13.501  -0.987  1.00 58.73 ? 407 GLN A OE1 1 
ATOM   447 N NE2 . GLN A 1 58 ? -9.417  13.116  0.685   1.00 54.82 ? 407 GLN A NE2 1 
ATOM   448 N N   . GLY A 1 59 ? -8.280  7.882   -0.068  1.00 32.43 ? 408 GLY A N   1 
ATOM   449 C CA  . GLY A 1 59 ? -9.347  6.944   0.211   1.00 38.79 ? 408 GLY A CA  1 
ATOM   450 C C   . GLY A 1 59 ? -8.974  5.489   0.043   1.00 34.85 ? 408 GLY A C   1 
ATOM   451 O O   . GLY A 1 59 ? -9.796  4.611   0.338   1.00 32.29 ? 408 GLY A O   1 
ATOM   452 N N   . SER A 1 60 ? -7.763  5.195   -0.414  1.00 31.43 ? 409 SER A N   1 
ATOM   453 C CA  . SER A 1 60 ? -7.353  3.805   -0.526  1.00 27.58 ? 409 SER A CA  1 
ATOM   454 C C   . SER A 1 60 ? -7.027  3.235   0.848   1.00 25.97 ? 409 SER A C   1 
ATOM   455 O O   . SER A 1 60 ? -6.552  3.947   1.736   1.00 27.77 ? 409 SER A O   1 
ATOM   456 C CB  . SER A 1 60 ? -6.125  3.688   -1.428  1.00 26.02 ? 409 SER A CB  1 
ATOM   457 O OG  . SER A 1 60 ? -6.369  4.235   -2.722  1.00 31.29 ? 409 SER A OG  1 
ATOM   458 N N   . THR A 1 61 ? -7.274  1.936   1.019   1.00 24.57 ? 410 THR A N   1 
ATOM   459 C CA  . THR A 1 61 ? -6.770  1.202   2.172   1.00 23.47 ? 410 THR A CA  1 
ATOM   460 C C   . THR A 1 61 ? -5.338  0.748   1.894   1.00 24.22 ? 410 THR A C   1 
ATOM   461 O O   . THR A 1 61 ? -5.056  0.216   0.823   1.00 23.89 ? 410 THR A O   1 
ATOM   462 C CB  . THR A 1 61 ? -7.649  -0.012  2.477   1.00 24.98 ? 410 THR A CB  1 
ATOM   463 O OG1 . THR A 1 61 ? -8.992  0.425   2.727   1.00 25.52 ? 410 THR A OG1 1 
ATOM   464 C CG2 . THR A 1 61 ? -7.128  -0.745  3.698   1.00 26.28 ? 410 THR A CG2 1 
ATOM   465 N N   . ILE A 1 62 ? -4.448  0.950   2.858   1.00 22.99 ? 411 ILE A N   1 
ATOM   466 C CA  . ILE A 1 62 ? -3.062  0.500   2.776   1.00 24.65 ? 411 ILE A CA  1 
ATOM   467 C C   . ILE A 1 62 ? -2.874  -0.582  3.829   1.00 26.28 ? 411 ILE A C   1 
ATOM   468 O O   . ILE A 1 62 ? -3.176  -0.368  5.011   1.00 26.72 ? 411 ILE A O   1 
ATOM   469 C CB  . ILE A 1 62 ? -2.079  1.659   2.990   1.00 26.16 ? 411 ILE A CB  1 
ATOM   470 C CG1 . ILE A 1 62 ? -2.327  2.769   1.967   1.00 31.32 ? 411 ILE A CG1 1 
ATOM   471 C CG2 . ILE A 1 62 ? -0.642  1.165   2.864   1.00 27.67 ? 411 ILE A CG2 1 
ATOM   472 C CD1 . ILE A 1 62 ? -2.010  2.373   0.564   1.00 35.80 ? 411 ILE A CD1 1 
ATOM   473 N N   . PHE A 1 63 ? -2.393  -1.747  3.409   1.00 22.96 ? 412 PHE A N   1 
ATOM   474 C CA  . PHE A 1 63 ? -2.257  -2.889  4.301   1.00 23.14 ? 412 PHE A CA  1 
ATOM   475 C C   . PHE A 1 63 ? -0.836  -3.083  4.797   1.00 28.83 ? 412 PHE A C   1 
ATOM   476 O O   . PHE A 1 63 ? -0.585  -3.996  5.589   1.00 34.30 ? 412 PHE A O   1 
ATOM   477 C CB  . PHE A 1 63 ? -2.726  -4.164  3.592   1.00 24.55 ? 412 PHE A CB  1 
ATOM   478 C CG  . PHE A 1 63 ? -4.173  -4.141  3.185   1.00 22.99 ? 412 PHE A CG  1 
ATOM   479 C CD1 . PHE A 1 63 ? -5.174  -4.371  4.127   1.00 26.77 ? 412 PHE A CD1 1 
ATOM   480 C CD2 . PHE A 1 63 ? -4.540  -3.914  1.865   1.00 22.17 ? 412 PHE A CD2 1 
ATOM   481 C CE1 . PHE A 1 63 ? -6.519  -4.366  3.753   1.00 30.20 ? 412 PHE A CE1 1 
ATOM   482 C CE2 . PHE A 1 63 ? -5.866  -3.915  1.481   1.00 28.23 ? 412 PHE A CE2 1 
ATOM   483 C CZ  . PHE A 1 63 ? -6.863  -4.140  2.438   1.00 26.50 ? 412 PHE A CZ  1 
ATOM   484 N N   . VAL A 1 64 ? 0.102   -2.262  4.344   1.00 25.05 ? 413 VAL A N   1 
ATOM   485 C CA  . VAL A 1 64 ? 1.490   -2.404  4.727   1.00 27.70 ? 413 VAL A CA  1 
ATOM   486 C C   . VAL A 1 64 ? 1.954   -1.108  5.368   1.00 32.45 ? 413 VAL A C   1 
ATOM   487 O O   . VAL A 1 64 ? 1.308   -0.059  5.268   1.00 30.73 ? 413 VAL A O   1 
ATOM   488 C CB  . VAL A 1 64 ? 2.372   -2.764  3.521   1.00 23.88 ? 413 VAL A CB  1 
ATOM   489 C CG1 . VAL A 1 64 ? 2.024   -4.163  3.038   1.00 25.69 ? 413 VAL A CG1 1 
ATOM   490 C CG2 . VAL A 1 64 ? 2.167   -1.733  2.419   1.00 26.12 ? 413 VAL A CG2 1 
ATOM   491 N N   . GLN A 1 65 ? 3.094   -1.196  6.042   1.00 31.99 ? 414 GLN A N   1 
ATOM   492 C CA  . GLN A 1 65 ? 3.691   -0.045  6.688   1.00 32.68 ? 414 GLN A CA  1 
ATOM   493 C C   . GLN A 1 65 ? 5.087   0.186   6.131   1.00 32.18 ? 414 GLN A C   1 
ATOM   494 O O   . GLN A 1 65 ? 5.730   -0.719  5.591   1.00 29.16 ? 414 GLN A O   1 
ATOM   495 C CB  . GLN A 1 65 ? 3.733   -0.224  8.213   1.00 36.90 ? 414 GLN A CB  1 
ATOM   496 C CG  . GLN A 1 65 ? 2.347   -0.211  8.843   1.00 42.44 ? 414 GLN A CG  1 
ATOM   497 C CD  . GLN A 1 65 ? 2.379   -0.433  10.341  1.00 55.08 ? 414 GLN A CD  1 
ATOM   498 O OE1 . GLN A 1 65 ? 2.726   -1.515  10.815  1.00 58.48 ? 414 GLN A OE1 1 
ATOM   499 N NE2 . GLN A 1 65 ? 2.007   0.593   11.098  1.00 64.60 ? 414 GLN A NE2 1 
ATOM   500 N N   . ASP A 1 66 ? 5.536   1.427   6.265   1.00 33.30 ? 415 ASP A N   1 
ATOM   501 C CA  . ASP A 1 66 ? 6.859   1.807   5.802   1.00 33.95 ? 415 ASP A CA  1 
ATOM   502 C C   . ASP A 1 66 ? 7.922   0.908   6.428   1.00 33.24 ? 415 ASP A C   1 
ATOM   503 O O   . ASP A 1 66 ? 7.929   0.687   7.641   1.00 33.60 ? 415 ASP A O   1 
ATOM   504 C CB  . ASP A 1 66 ? 7.112   3.270   6.157   1.00 38.04 ? 415 ASP A CB  1 
ATOM   505 C CG  . ASP A 1 66 ? 8.339   3.816   5.497   1.00 43.32 ? 415 ASP A CG  1 
ATOM   506 O OD1 . ASP A 1 66 ? 8.269   4.110   4.287   1.00 45.74 ? 415 ASP A OD1 1 
ATOM   507 O OD2 . ASP A 1 66 ? 9.369   3.953   6.187   1.00 48.61 ? 415 ASP A OD2 1 
ATOM   508 N N   . GLY A 1 67 ? 8.809   0.373   5.590   1.00 28.23 ? 416 GLY A N   1 
ATOM   509 C CA  . GLY A 1 67 ? 9.861   -0.513  6.045   1.00 29.53 ? 416 GLY A CA  1 
ATOM   510 C C   . GLY A 1 67 ? 9.514   -1.988  6.051   1.00 30.18 ? 416 GLY A C   1 
ATOM   511 O O   . GLY A 1 67 ? 10.414  -2.817  6.258   1.00 34.88 ? 416 GLY A O   1 
ATOM   512 N N   . ASP A 1 68 ? 8.256   -2.341  5.809   1.00 28.36 ? 417 ASP A N   1 
ATOM   513 C CA  . ASP A 1 68 ? 7.855   -3.742  5.798   1.00 29.82 ? 417 ASP A CA  1 
ATOM   514 C C   . ASP A 1 68 ? 8.564   -4.496  4.681   1.00 27.84 ? 417 ASP A C   1 
ATOM   515 O O   . ASP A 1 68 ? 8.720   -3.992  3.565   1.00 28.60 ? 417 ASP A O   1 
ATOM   516 C CB  . ASP A 1 68 ? 6.347   -3.874  5.598   1.00 26.30 ? 417 ASP A CB  1 
ATOM   517 C CG  . ASP A 1 68 ? 5.539   -3.587  6.861   1.00 30.60 ? 417 ASP A CG  1 
ATOM   518 O OD1 . ASP A 1 68 ? 6.129   -3.421  7.947   1.00 36.72 ? 417 ASP A OD1 1 
ATOM   519 O OD2 . ASP A 1 68 ? 4.297   -3.526  6.746   1.00 34.89 ? 417 ASP A OD2 1 
ATOM   520 N N   . LYS A 1 69 ? 8.959   -5.728  4.979   1.00 28.52 ? 418 LYS A N   1 
ATOM   521 C CA  . LYS A 1 69 ? 9.385   -6.686  3.966   1.00 27.33 ? 418 LYS A CA  1 
ATOM   522 C C   . LYS A 1 69 ? 8.175   -7.535  3.582   1.00 26.87 ? 418 LYS A C   1 
ATOM   523 O O   . LYS A 1 69 ? 7.520   -8.112  4.462   1.00 32.49 ? 418 LYS A O   1 
ATOM   524 C CB  . LYS A 1 69 ? 10.512  -7.562  4.507   1.00 32.90 ? 418 LYS A CB  1 
ATOM   525 C CG  . LYS A 1 69 ? 10.864  -8.738  3.630   1.00 39.41 ? 418 LYS A CG  1 
ATOM   526 C CD  . LYS A 1 69 ? 11.518  -8.280  2.345   1.00 38.76 ? 418 LYS A CD  1 
ATOM   527 C CE  . LYS A 1 69 ? 11.793  -9.457  1.414   1.00 50.32 ? 418 LYS A CE  1 
ATOM   528 N NZ  . LYS A 1 69 ? 12.737  -10.445 2.008   1.00 49.46 ? 418 LYS A NZ  1 
ATOM   529 N N   . VAL A 1 70 ? 7.853   -7.580  2.289   1.00 24.04 ? 419 VAL A N   1 
ATOM   530 C CA  . VAL A 1 70 ? 6.698   -8.339  1.815   1.00 24.20 ? 419 VAL A CA  1 
ATOM   531 C C   . VAL A 1 70 ? 7.132   -9.377  0.786   1.00 26.24 ? 419 VAL A C   1 
ATOM   532 O O   . VAL A 1 70 ? 8.126   -9.210  0.073   1.00 25.88 ? 419 VAL A O   1 
ATOM   533 C CB  . VAL A 1 70 ? 5.607   -7.421  1.224   1.00 23.99 ? 419 VAL A CB  1 
ATOM   534 C CG1 . VAL A 1 70 ? 5.152   -6.404  2.260   1.00 27.59 ? 419 VAL A CG1 1 
ATOM   535 C CG2 . VAL A 1 70 ? 6.084   -6.741  -0.042  1.00 24.11 ? 419 VAL A CG2 1 
ATOM   536 N N   . ALA A 1 71 ? 6.360   -10.456 0.707   1.00 24.79 ? 420 ALA A N   1 
ATOM   537 C CA  . ALA A 1 71 ? 6.542   -11.476 -0.310  1.00 25.70 ? 420 ALA A CA  1 
ATOM   538 C C   . ALA A 1 71 ? 5.770   -11.111 -1.569  1.00 24.02 ? 420 ALA A C   1 
ATOM   539 O O   . ALA A 1 71 ? 4.810   -10.333 -1.542  1.00 23.89 ? 420 ALA A O   1 
ATOM   540 C CB  . ALA A 1 71 ? 6.065   -12.840 0.205   1.00 26.77 ? 420 ALA A CB  1 
ATOM   541 N N   . ALA A 1 72 ? 6.217   -11.672 -2.688  1.00 24.77 ? 421 ALA A N   1 
ATOM   542 C CA  . ALA A 1 72 ? 5.459   -11.559 -3.921  1.00 24.51 ? 421 ALA A CA  1 
ATOM   543 C C   . ALA A 1 72 ? 4.016   -11.971 -3.677  1.00 25.76 ? 421 ALA A C   1 
ATOM   544 O O   . ALA A 1 72 ? 3.749   -12.933 -2.944  1.00 28.54 ? 421 ALA A O   1 
ATOM   545 C CB  . ALA A 1 72 ? 6.074   -12.444 -5.007  1.00 26.48 ? 421 ALA A CB  1 
ATOM   546 N N   . GLU A 1 73 ? 3.090   -11.205 -4.260  1.00 22.85 ? 422 GLU A N   1 
ATOM   547 C CA  . GLU A 1 73 ? 1.631   -11.394 -4.250  1.00 23.84 ? 422 GLU A CA  1 
ATOM   548 C C   . GLU A 1 73 ? 0.978   -10.919 -2.957  1.00 24.07 ? 422 GLU A C   1 
ATOM   549 O O   . GLU A 1 73 ? -0.256  -10.978 -2.864  1.00 24.23 ? 422 GLU A O   1 
ATOM   550 C CB  . GLU A 1 73 ? 1.212   -12.853 -4.521  1.00 25.18 ? 422 GLU A CB  1 
ATOM   551 C CG  . GLU A 1 73 ? 1.799   -13.420 -5.809  1.00 31.35 ? 422 GLU A CG  1 
ATOM   552 C CD  . GLU A 1 73 ? 1.496   -12.563 -7.025  1.00 44.29 ? 422 GLU A CD  1 
ATOM   553 O OE1 . GLU A 1 73 ? 0.405   -11.953 -7.082  1.00 48.65 ? 422 GLU A OE1 1 
ATOM   554 O OE2 . GLU A 1 73 ? 2.357   -12.497 -7.930  1.00 50.22 ? 422 GLU A OE2 1 
ATOM   555 N N   . ALA A 1 74 ? 1.733   -10.424 -1.981  1.00 23.63 ? 423 ALA A N   1 
ATOM   556 C CA  . ALA A 1 74 ? 1.122   -9.849  -0.784  1.00 24.94 ? 423 ALA A CA  1 
ATOM   557 C C   . ALA A 1 74 ? 0.227   -8.669  -1.142  1.00 23.27 ? 423 ALA A C   1 
ATOM   558 O O   . ALA A 1 74 ? 0.580   -7.846  -1.989  1.00 20.71 ? 423 ALA A O   1 
ATOM   559 C CB  . ALA A 1 74 ? 2.211   -9.390  0.186   1.00 27.65 ? 423 ALA A CB  1 
ATOM   560 N N   . ILE A 1 75 ? -0.942  -8.574  -0.493  1.00 22.48 ? 424 ILE A N   1 
ATOM   561 C CA  A ILE A 1 75 ? -1.808  -7.423  -0.722  0.45 21.32 ? 424 ILE A CA  1 
ATOM   562 C CA  B ILE A 1 75 ? -1.811  -7.421  -0.715  0.55 20.84 ? 424 ILE A CA  1 
ATOM   563 C C   . ILE A 1 75 ? -1.150  -6.175  -0.154  1.00 23.36 ? 424 ILE A C   1 
ATOM   564 O O   . ILE A 1 75 ? -0.687  -6.158  0.998   1.00 27.79 ? 424 ILE A O   1 
ATOM   565 C CB  A ILE A 1 75 ? -3.203  -7.644  -0.118  0.45 23.33 ? 424 ILE A CB  1 
ATOM   566 C CB  B ILE A 1 75 ? -3.208  -7.634  -0.104  0.55 23.33 ? 424 ILE A CB  1 
ATOM   567 C CG1 A ILE A 1 75 ? -3.852  -8.896  -0.696  0.45 25.40 ? 424 ILE A CG1 1 
ATOM   568 C CG1 B ILE A 1 75 ? -3.128  -7.935  1.398   0.55 21.51 ? 424 ILE A CG1 1 
ATOM   569 C CG2 A ILE A 1 75 ? -4.091  -6.462  -0.426  0.45 21.34 ? 424 ILE A CG2 1 
ATOM   570 C CG2 B ILE A 1 75 ? -3.955  -8.702  -0.872  0.55 24.17 ? 424 ILE A CG2 1 
ATOM   571 C CD1 A ILE A 1 75 ? -5.307  -9.051  -0.279  0.45 22.75 ? 424 ILE A CD1 1 
ATOM   572 C CD1 B ILE A 1 75 ? -4.491  -7.899  2.085   0.55 25.37 ? 424 ILE A CD1 1 
ATOM   573 N N   . LEU A 1 76 ? -1.072  -5.125  -0.968  1.00 21.15 ? 425 LEU A N   1 
ATOM   574 C CA  . LEU A 1 76 ? -0.506  -3.847  -0.561  1.00 21.31 ? 425 LEU A CA  1 
ATOM   575 C C   . LEU A 1 76 ? -1.564  -2.793  -0.275  1.00 21.82 ? 425 LEU A C   1 
ATOM   576 O O   . LEU A 1 76 ? -1.449  -2.045  0.701   1.00 22.30 ? 425 LEU A O   1 
ATOM   577 C CB  . LEU A 1 76 ? 0.423   -3.323  -1.658  1.00 21.78 ? 425 LEU A CB  1 
ATOM   578 C CG  . LEU A 1 76 ? 1.560   -4.249  -2.052  1.00 24.52 ? 425 LEU A CG  1 
ATOM   579 C CD1 . LEU A 1 76 ? 2.427   -3.584  -3.135  1.00 22.92 ? 425 LEU A CD1 1 
ATOM   580 C CD2 . LEU A 1 76 ? 2.397   -4.622  -0.840  1.00 28.29 ? 425 LEU A CD2 1 
ATOM   581 N N   . ALA A 1 77 ? -2.613  -2.742  -1.088  1.00 22.31 ? 426 ALA A N   1 
ATOM   582 C CA  . ALA A 1 77 ? -3.584  -1.662  -1.000  1.00 21.75 ? 426 ALA A CA  1 
ATOM   583 C C   . ALA A 1 77 ? -4.877  -2.088  -1.675  1.00 23.28 ? 426 ALA A C   1 
ATOM   584 O O   . ALA A 1 77 ? -4.903  -3.005  -2.503  1.00 24.01 ? 426 ALA A O   1 
ATOM   585 C CB  . ALA A 1 77 ? -3.039  -0.377  -1.643  1.00 23.86 ? 426 ALA A CB  1 
ATOM   586 N N   . GLU A 1 78 ? -5.958  -1.412  -1.296  1.00 22.49 ? 427 GLU A N   1 
ATOM   587 C CA  . GLU A 1 78 ? -7.245  -1.545  -1.963  1.00 23.79 ? 427 GLU A CA  1 
ATOM   588 C C   . GLU A 1 78 ? -7.639  -0.151  -2.420  1.00 26.83 ? 427 GLU A C   1 
ATOM   589 O O   . GLU A 1 78 ? -7.724  0.771   -1.604  1.00 26.05 ? 427 GLU A O   1 
ATOM   590 C CB  . GLU A 1 78 ? -8.308  -2.162  -1.041  1.00 23.62 ? 427 GLU A CB  1 
ATOM   591 C CG  . GLU A 1 78 ? -9.618  -2.434  -1.768  1.00 29.49 ? 427 GLU A CG  1 
ATOM   592 C CD  . GLU A 1 78 ? -10.679 -3.043  -0.871  1.00 31.85 ? 427 GLU A CD  1 
ATOM   593 O OE1 . GLU A 1 78 ? -11.046 -4.213  -1.105  1.00 34.52 ? 427 GLU A OE1 1 
ATOM   594 O OE2 . GLU A 1 78 ? -11.127 -2.359  0.075   1.00 35.64 ? 427 GLU A OE2 1 
ATOM   595 N N   . VAL A 1 79 ? -7.818  0.023   -3.723  1.00 30.37 ? 428 VAL A N   1 
ATOM   596 C CA  . VAL A 1 79 ? -7.956  1.350   -4.311  1.00 37.52 ? 428 VAL A CA  1 
ATOM   597 C C   . VAL A 1 79 ? -9.383  1.509   -4.825  1.00 46.21 ? 428 VAL A C   1 
ATOM   598 O O   . VAL A 1 79 ? -9.798  0.754   -5.711  1.00 47.47 ? 428 VAL A O   1 
ATOM   599 C CB  . VAL A 1 79 ? -6.943  1.576   -5.443  1.00 32.39 ? 428 VAL A CB  1 
ATOM   600 C CG1 . VAL A 1 79 ? -7.308  2.834   -6.219  1.00 45.42 ? 428 VAL A CG1 1 
ATOM   601 C CG2 . VAL A 1 79 ? -5.546  1.683   -4.868  1.00 33.51 ? 428 VAL A CG2 1 
ATOM   602 N N   . PRO A 1 80 ? -10.154 2.466   -4.309  1.00 53.39 ? 429 PRO A N   1 
ATOM   603 C CA  . PRO A 1 80 ? -11.490 2.712   -4.862  1.00 57.70 ? 429 PRO A CA  1 
ATOM   604 C C   . PRO A 1 80 ? -11.416 3.186   -6.307  1.00 54.18 ? 429 PRO A C   1 
ATOM   605 O O   . PRO A 1 80 ? -10.484 3.886   -6.713  1.00 51.89 ? 429 PRO A O   1 
ATOM   606 C CB  . PRO A 1 80 ? -12.061 3.802   -3.944  1.00 59.15 ? 429 PRO A CB  1 
ATOM   607 C CG  . PRO A 1 80 ? -11.271 3.695   -2.680  1.00 59.20 ? 429 PRO A CG  1 
ATOM   608 C CD  . PRO A 1 80 ? -9.891  3.286   -3.116  1.00 54.27 ? 429 PRO A CD  1 
ATOM   609 N N   . VAL A 1 81 ? -12.416 2.785   -7.083  1.00 53.36 ? 430 VAL A N   1 
ATOM   610 C CA  . VAL A 1 81 ? -12.503 3.153   -8.489  1.00 51.68 ? 430 VAL A CA  1 
ATOM   611 C C   . VAL A 1 81 ? -13.721 4.042   -8.717  1.00 55.07 ? 430 VAL A C   1 
ATOM   612 O O   . VAL A 1 81 ? -13.588 5.200   -9.114  1.00 60.80 ? 430 VAL A O   1 
ATOM   613 C CB  . VAL A 1 81 ? -12.564 1.906   -9.387  1.00 52.04 ? 430 VAL A CB  1 
HETATM 614 O O   . HOH B 2 .  ? -10.873 -5.606  -5.230  1.00 71.78 ? 501 HOH A O   1 
HETATM 615 O O   . HOH B 2 .  ? 4.866   10.831  -8.644  1.00 48.30 ? 502 HOH A O   1 
HETATM 616 O O   . HOH B 2 .  ? 11.488  6.683   -4.455  1.00 62.41 ? 503 HOH A O   1 
HETATM 617 O O   . HOH B 2 .  ? 2.134   2.925   10.189  1.00 52.94 ? 504 HOH A O   1 
HETATM 618 O O   . HOH B 2 .  ? 2.542   -3.467  8.634   1.00 48.72 ? 505 HOH A O   1 
HETATM 619 O O   . HOH B 2 .  ? 5.140   -0.308  -11.024 1.00 35.70 ? 506 HOH A O   1 
HETATM 620 O O   . HOH B 2 .  ? 7.458   -3.488  -13.758 1.00 41.33 ? 507 HOH A O   1 
HETATM 621 O O   . HOH B 2 .  ? 12.667  -8.807  -5.387  1.00 31.97 ? 508 HOH A O   1 
HETATM 622 O O   . HOH B 2 .  ? -7.685  11.750  -4.933  1.00 49.79 ? 509 HOH A O   1 
HETATM 623 O O   . HOH B 2 .  ? 9.396   2.246   -9.973  1.00 28.92 ? 510 HOH A O   1 
HETATM 624 O O   . HOH B 2 .  ? -10.530 -1.922  2.602   1.00 29.24 ? 511 HOH A O   1 
HETATM 625 O O   . HOH B 2 .  ? -11.766 -5.749  -3.136  1.00 43.78 ? 512 HOH A O   1 
HETATM 626 O O   . HOH B 2 .  ? 4.122   -15.513 -3.404  1.00 39.23 ? 513 HOH A O   1 
HETATM 627 O O   . HOH B 2 .  ? -4.563  4.310   -6.904  1.00 57.43 ? 514 HOH A O   1 
HETATM 628 O O   . HOH B 2 .  ? 13.630  -0.181  1.605   1.00 50.44 ? 515 HOH A O   1 
HETATM 629 O O   . HOH B 2 .  ? -9.781  -6.058  5.515   1.00 32.89 ? 516 HOH A O   1 
HETATM 630 O O   . HOH B 2 .  ? -0.194  -6.643  5.672   1.00 65.02 ? 517 HOH A O   1 
HETATM 631 O O   . HOH B 2 .  ? 7.728   -1.483  9.208   1.00 48.18 ? 518 HOH A O   1 
HETATM 632 O O   . HOH B 2 .  ? -10.488 2.092   0.977   1.00 33.58 ? 519 HOH A O   1 
HETATM 633 O O   . HOH B 2 .  ? 0.817   9.828   -6.613  1.00 40.64 ? 520 HOH A O   1 
HETATM 634 O O   . HOH B 2 .  ? 13.023  -2.313  6.859   1.00 51.91 ? 521 HOH A O   1 
HETATM 635 O O   . HOH B 2 .  ? 4.013   3.109   7.777   1.00 50.22 ? 522 HOH A O   1 
HETATM 636 O O   . HOH B 2 .  ? -13.123 0.940   2.888   1.00 67.03 ? 523 HOH A O   1 
HETATM 637 O O   . HOH B 2 .  ? -1.665  2.089   -8.696  1.00 27.30 ? 524 HOH A O   1 
HETATM 638 O O   . HOH B 2 .  ? 8.240   -10.576 5.531   1.00 56.34 ? 525 HOH A O   1 
HETATM 639 O O   . HOH B 2 .  ? 2.493   -13.466 -0.517  1.00 29.60 ? 526 HOH A O   1 
HETATM 640 O O   . HOH B 2 .  ? 0.137   -7.727  3.150   1.00 36.48 ? 527 HOH A O   1 
HETATM 641 O O   . HOH B 2 .  ? 12.973  -7.831  -11.392 1.00 49.15 ? 528 HOH A O   1 
HETATM 642 O O   . HOH B 2 .  ? 2.444   7.570   6.036   1.00 58.34 ? 529 HOH A O   1 
HETATM 643 O O   . HOH B 2 .  ? -8.421  0.689   16.070  1.00 41.52 ? 530 HOH A O   1 
HETATM 644 O O   . HOH B 2 .  ? -6.231  -6.297  12.305  1.00 44.69 ? 531 HOH A O   1 
HETATM 645 O O   . HOH B 2 .  ? -14.396 -4.021  14.679  1.00 48.06 ? 532 HOH A O   1 
HETATM 646 O O   . HOH B 2 .  ? 11.851  0.895   3.469   1.00 40.15 ? 533 HOH A O   1 
HETATM 647 O O   . HOH B 2 .  ? -12.078 -1.001  18.982  1.00 43.47 ? 534 HOH A O   1 
HETATM 648 O O   . HOH B 2 .  ? -1.836  14.542  6.858   1.00 77.39 ? 535 HOH A O   1 
HETATM 649 O O   . HOH B 2 .  ? -1.415  -0.928  7.186   1.00 47.02 ? 536 HOH A O   1 
HETATM 650 O O   . HOH B 2 .  ? 10.170  -11.857 -5.896  1.00 36.98 ? 537 HOH A O   1 
HETATM 651 O O   . HOH B 2 .  ? -0.712  7.048   9.767   1.00 58.05 ? 538 HOH A O   1 
HETATM 652 O O   . HOH B 2 .  ? 4.534   -14.357 -8.104  1.00 53.30 ? 539 HOH A O   1 
HETATM 653 O O   . HOH B 2 .  ? 15.919  2.263   -5.453  1.00 40.04 ? 540 HOH A O   1 
HETATM 654 O O   . HOH B 2 .  ? 12.756  -7.702  -8.240  1.00 27.77 ? 541 HOH A O   1 
HETATM 655 O O   . HOH B 2 .  ? -12.977 -1.278  3.862   1.00 27.88 ? 542 HOH A O   1 
HETATM 656 O O   . HOH B 2 .  ? 19.327  -8.336  -8.033  1.00 40.62 ? 543 HOH A O   1 
HETATM 657 O O   . HOH B 2 .  ? -1.898  -5.985  -8.373  1.00 32.31 ? 544 HOH A O   1 
HETATM 658 O O   . HOH B 2 .  ? -8.350  -6.664  -7.775  1.00 51.41 ? 545 HOH A O   1 
HETATM 659 O O   . HOH B 2 .  ? 8.158   -13.923 -2.466  1.00 33.62 ? 546 HOH A O   1 
HETATM 660 O O   . HOH B 2 .  ? -3.507  -4.170  7.332   1.00 39.77 ? 547 HOH A O   1 
HETATM 661 O O   . HOH B 2 .  ? 4.270   -10.726 2.833   1.00 27.02 ? 548 HOH A O   1 
HETATM 662 O O   . HOH B 2 .  ? -17.190 -9.269  6.597   1.00 62.97 ? 549 HOH A O   1 
HETATM 663 O O   . HOH B 2 .  ? -6.277  -7.596  -8.506  1.00 99.01 ? 550 HOH A O   1 
HETATM 664 O O   . HOH B 2 .  ? -4.666  14.470  -2.624  1.00 61.09 ? 551 HOH A O   1 
HETATM 665 O O   . HOH B 2 .  ? -12.643 9.579   6.320   1.00 50.02 ? 552 HOH A O   1 
HETATM 666 O O   . HOH B 2 .  ? 13.915  -11.432 -1.684  1.00 46.71 ? 553 HOH A O   1 
HETATM 667 O O   . HOH B 2 .  ? 12.371  -12.890 -0.403  1.00 58.56 ? 554 HOH A O   1 
HETATM 668 O O   . HOH B 2 .  ? 5.986   -11.202 4.875   1.00 54.61 ? 555 HOH A O   1 
HETATM 669 O O   . HOH B 2 .  ? -1.083  5.642   11.580  1.00 45.06 ? 556 HOH A O   1 
HETATM 670 O O   . HOH B 2 .  ? -10.185 -4.624  3.143   1.00 40.05 ? 557 HOH A O   1 
HETATM 671 O O   . HOH B 2 .  ? -1.446  -1.028  9.615   1.00 40.68 ? 558 HOH A O   1 
HETATM 672 O O   . HOH B 2 .  ? 1.740   -16.664 -2.387  1.00 46.74 ? 559 HOH A O   1 
HETATM 673 O O   . HOH B 2 .  ? -0.595  15.050  8.952   1.00 62.58 ? 560 HOH A O   1 
HETATM 674 O O   . HOH B 2 .  ? -1.759  3.147   12.652  1.00 61.23 ? 561 HOH A O   1 
HETATM 675 O O   . HOH B 2 .  ? 9.765   -14.114 -4.630  1.00 41.52 ? 562 HOH A O   1 
HETATM 676 O O   . HOH B 2 .  ? 4.465   -15.957 -6.108  1.00 58.43 ? 563 HOH A O   1 
HETATM 677 O O   . HOH B 2 .  ? 6.688   -16.260 -2.426  1.00 49.48 ? 564 HOH A O   1 
HETATM 678 O O   . HOH B 2 .  ? 3.729   -15.946 0.409   1.00 47.35 ? 565 HOH A O   1 
HETATM 679 O O   . HOH B 2 .  ? 2.332   -12.337 2.116   1.00 34.11 ? 566 HOH A O   1 
HETATM 680 O O   . HOH B 2 .  ? 13.997  -0.358  4.717   1.00 59.57 ? 567 HOH A O   1 
HETATM 681 O O   . HOH B 2 .  ? 9.662   -13.730 -0.180  1.00 46.65 ? 568 HOH A O   1 
HETATM 682 O O   . HOH B 2 .  ? 2.664   -8.299  3.832   1.00 40.66 ? 569 HOH A O   1 
HETATM 683 O O   . HOH B 2 .  ? 18.860  -11.051 -8.022  1.00 65.05 ? 570 HOH A O   1 
HETATM 684 O O   . HOH B 2 .  ? 17.898  -13.409 -8.658  1.00 65.23 ? 571 HOH A O   1 
HETATM 685 O O   . HOH B 2 .  ? 8.080   -18.632 -3.394  1.00 59.91 ? 572 HOH A O   1 
# 
loop_
_atom_site_anisotrop.id 
_atom_site_anisotrop.type_symbol 
_atom_site_anisotrop.pdbx_label_atom_id 
_atom_site_anisotrop.pdbx_label_alt_id 
_atom_site_anisotrop.pdbx_label_comp_id 
_atom_site_anisotrop.pdbx_label_asym_id 
_atom_site_anisotrop.pdbx_label_seq_id 
_atom_site_anisotrop.pdbx_PDB_ins_code 
_atom_site_anisotrop.U[1][1] 
_atom_site_anisotrop.U[2][2] 
_atom_site_anisotrop.U[3][3] 
_atom_site_anisotrop.U[1][2] 
_atom_site_anisotrop.U[1][3] 
_atom_site_anisotrop.U[2][3] 
_atom_site_anisotrop.pdbx_auth_seq_id 
_atom_site_anisotrop.pdbx_auth_comp_id 
_atom_site_anisotrop.pdbx_auth_asym_id 
_atom_site_anisotrop.pdbx_auth_atom_id 
1   N N   . THR A 3  ? 0.8658 1.2037 1.0522 0.0446  -0.0439 -0.0668 352 THR A N   
2   C CA  . THR A 3  ? 0.8575 1.1898 1.0212 0.0682  -0.0456 -0.0471 352 THR A CA  
3   C C   . THR A 3  ? 0.7948 1.0738 0.9251 0.0704  -0.0395 -0.0359 352 THR A C   
4   O O   . THR A 3  ? 0.8100 1.0739 0.9201 0.0873  -0.0380 -0.0201 352 THR A O   
5   C CB  . THR A 3  ? 0.9026 1.2390 1.0815 0.0798  -0.0370 -0.0369 352 THR A CB  
6   O OG1 . THR A 3  ? 0.9467 1.3261 1.1638 0.0704  -0.0384 -0.0502 352 THR A OG1 
7   C CG2 . THR A 3  ? 0.8899 1.2383 1.0564 0.1063  -0.0404 -0.0195 352 THR A CG2 
8   N N   . ALA A 4  ? 0.6401 0.8917 0.7675 0.0532  -0.0348 -0.0440 353 ALA A N   
9   C CA  . ALA A 4  ? 0.4550 0.6621 0.5559 0.0527  -0.0296 -0.0359 353 ALA A CA  
10  C C   . ALA A 4  ? 0.4525 0.6528 0.5501 0.0378  -0.0320 -0.0471 353 ALA A C   
11  O O   . ALA A 4  ? 0.5351 0.7490 0.6541 0.0240  -0.0314 -0.0612 353 ALA A O   
12  C CB  . ALA A 4  ? 0.4472 0.6227 0.5469 0.0508  -0.0176 -0.0304 353 ALA A CB  
13  N N   . ARG A 5  ? 0.3704 0.5489 0.4438 0.0404  -0.0327 -0.0410 354 ARG A N   
14  C CA  . ARG A 5  ? 0.3955 0.5656 0.4644 0.0285  -0.0334 -0.0501 354 ARG A CA  
15  C C   . ARG A 5  ? 0.3445 0.4779 0.4087 0.0214  -0.0242 -0.0459 354 ARG A C   
16  O O   . ARG A 5  ? 0.3427 0.4544 0.3945 0.0275  -0.0202 -0.0350 354 ARG A O   
17  C CB  . ARG A 5  ? 0.4861 0.6611 0.5329 0.0359  -0.0393 -0.0462 354 ARG A CB  
18  C CG  . ARG A 5  ? 0.5987 0.7467 0.6242 0.0472  -0.0347 -0.0282 354 ARG A CG  
19  C CD  . ARG A 5  ? 0.6597 0.8154 0.6650 0.0559  -0.0380 -0.0216 354 ARG A CD  
20  N NE  . ARG A 5  ? 0.6007 0.7293 0.5914 0.0667  -0.0305 -0.0032 354 ARG A NE  
21  C CZ  . ARG A 5  ? 0.6611 0.7575 0.6432 0.0606  -0.0230 0.0010  354 ARG A CZ  
22  N NH1 . ARG A 5  ? 0.6710 0.7603 0.6555 0.0466  -0.0229 -0.0094 354 ARG A NH1 
23  N NH2 . ARG A 5  ? 0.7451 0.8169 0.7187 0.0687  -0.0145 0.0152  354 ARG A NH2 
24  N N   . LEU A 6  ? 0.3418 0.4704 0.4174 0.0090  -0.0205 -0.0553 355 LEU A N   
25  C CA  . LEU A 6  ? 0.2906 0.3913 0.3631 0.0041  -0.0124 -0.0502 355 LEU A CA  
26  C C   . LEU A 6  ? 0.3197 0.4080 0.3763 0.0032  -0.0138 -0.0492 355 LEU A C   
27  O O   . LEU A 6  ? 0.3846 0.4831 0.4422 -0.0007 -0.0164 -0.0589 355 LEU A O   
28  C CB  . LEU A 6  ? 0.3572 0.4573 0.4534 -0.0062 -0.0039 -0.0572 355 LEU A CB  
29  C CG  . LEU A 6  ? 0.4221 0.5298 0.5359 -0.0062 0.0020  -0.0547 355 LEU A CG  
30  C CD1 . LEU A 6  ? 0.4520 0.5597 0.5940 -0.0177 0.0128  -0.0624 355 LEU A CD1 
31  C CD2 . LEU A 6  ? 0.4019 0.4921 0.5011 0.0014  0.0070  -0.0405 355 LEU A CD2 
32  N N   . LEU A 7  ? 0.2562 0.3247 0.2991 0.0062  -0.0115 -0.0393 356 LEU A N   
33  C CA  . LEU A 7  ? 0.2447 0.3021 0.2757 0.0050  -0.0113 -0.0369 356 LEU A CA  
34  C C   . LEU A 7  ? 0.2290 0.2758 0.2673 -0.0004 -0.0054 -0.0361 356 LEU A C   
35  O O   . LEU A 7  ? 0.2626 0.3032 0.3023 0.0007  -0.0022 -0.0302 356 LEU A O   
36  C CB  . LEU A 7  ? 0.3109 0.3561 0.3266 0.0105  -0.0120 -0.0280 356 LEU A CB  
37  C CG  . LEU A 7  ? 0.5018 0.5360 0.5072 0.0092  -0.0104 -0.0239 356 LEU A CG  
38  C CD1 . LEU A 7  ? 0.6297 0.6733 0.6318 0.0087  -0.0116 -0.0273 356 LEU A CD1 
39  C CD2 . LEU A 7  ? 0.5403 0.5637 0.5357 0.0151  -0.0090 -0.0167 356 LEU A CD2 
40  N N   . ARG A 8  ? 0.2346 0.2814 0.2773 -0.0044 -0.0031 -0.0415 357 ARG A N   
41  C CA  . ARG A 8  ? 0.2326 0.2701 0.2842 -0.0066 0.0041  -0.0386 357 ARG A CA  
42  C C   . ARG A 8  ? 0.2373 0.2704 0.2800 -0.0056 0.0039  -0.0349 357 ARG A C   
43  O O   . ARG A 8  ? 0.2878 0.3240 0.3200 -0.0054 0.0007  -0.0376 357 ARG A O   
44  C CB  . ARG A 8  ? 0.2480 0.2859 0.3181 -0.0120 0.0112  -0.0488 357 ARG A CB  
45  C CG  . ARG A 8  ? 0.2440 0.2865 0.3313 -0.0154 0.0149  -0.0525 357 ARG A CG  
46  C CD  . ARG A 8  ? 0.2576 0.2977 0.3683 -0.0234 0.0245  -0.0652 357 ARG A CD  
47  N NE  . ARG A 8  ? 0.2649 0.3113 0.3959 -0.0286 0.0290  -0.0697 357 ARG A NE  
48  C CZ  . ARG A 8  ? 0.3369 0.3723 0.4821 -0.0278 0.0411  -0.0587 357 ARG A CZ  
49  N NH1 . ARG A 8  ? 0.3002 0.3200 0.4400 -0.0207 0.0484  -0.0424 357 ARG A NH1 
50  N NH2 . ARG A 8  ? 0.2712 0.3142 0.4370 -0.0335 0.0464  -0.0632 357 ARG A NH2 
51  N N   . ALA A 9  ? 0.2160 0.2445 0.2634 -0.0041 0.0082  -0.0275 358 ALA A N   
52  C CA  . ALA A 9  ? 0.2352 0.2643 0.2795 -0.0034 0.0086  -0.0240 358 ALA A CA  
53  C C   . ALA A 9  ? 0.2707 0.2986 0.3207 -0.0048 0.0141  -0.0314 358 ALA A C   
54  O O   . ALA A 9  ? 0.2770 0.3001 0.3410 -0.0050 0.0218  -0.0347 358 ALA A O   
55  C CB  . ALA A 9  ? 0.2605 0.2926 0.3108 0.0005  0.0110  -0.0140 358 ALA A CB  
56  N N   . PRO A 10 ? 0.2394 0.2705 0.2797 -0.0056 0.0126  -0.0343 359 PRO A N   
57  C CA  . PRO A 10 ? 0.2771 0.3087 0.3209 -0.0060 0.0190  -0.0431 359 PRO A CA  
58  C C   . PRO A 10 ? 0.2960 0.3245 0.3523 -0.0030 0.0274  -0.0379 359 PRO A C   
59  O O   . PRO A 10 ? 0.3310 0.3553 0.3959 -0.0025 0.0361  -0.0460 359 PRO A O   
60  C CB  . PRO A 10 ? 0.3223 0.3606 0.3486 -0.0054 0.0159  -0.0442 359 PRO A CB  
61  C CG  . PRO A 10 ? 0.3326 0.3693 0.3512 -0.0050 0.0105  -0.0336 359 PRO A CG  
62  C CD  . PRO A 10 ? 0.2732 0.3062 0.2988 -0.0055 0.0071  -0.0307 359 PRO A CD  
63  N N   . VAL A 11 ? 0.2776 0.3101 0.3363 -0.0005 0.0252  -0.0257 360 VAL A N   
64  C CA  . VAL A 11 ? 0.2860 0.3230 0.3577 0.0048  0.0314  -0.0179 360 VAL A CA  
65  C C   . VAL A 11 ? 0.2618 0.3066 0.3373 0.0085  0.0268  -0.0063 360 VAL A C   
66  O O   . VAL A 11 ? 0.2593 0.3055 0.3250 0.0053  0.0188  -0.0063 360 VAL A O   
67  C CB  . VAL A 11 ? 0.2568 0.3035 0.3267 0.0041  0.0321  -0.0164 360 VAL A CB  
68  C CG1 . VAL A 11 ? 0.2925 0.3346 0.3558 0.0028  0.0383  -0.0268 360 VAL A CG1 
69  C CG2 . VAL A 11 ? 0.3360 0.3884 0.3961 -0.0014 0.0233  -0.0136 360 VAL A CG2 
70  N N   . ALA A 12 ? 0.2759 0.3280 0.3647 0.0169  0.0325  0.0038  361 ALA A N   
71  C CA  . ALA A 12 ? 0.2894 0.3580 0.3787 0.0223  0.0265  0.0152  361 ALA A CA  
72  C C   . ALA A 12 ? 0.2793 0.3663 0.3634 0.0161  0.0161  0.0124  361 ALA A C   
73  O O   . ALA A 12 ? 0.2780 0.3679 0.3655 0.0118  0.0176  0.0082  361 ALA A O   
74  C CB  . ALA A 12 ? 0.2785 0.3559 0.3835 0.0358  0.0351  0.0297  361 ALA A CB  
75  N N   . GLY A 13 ? 0.2416 0.3407 0.3181 0.0148  0.0071  0.0133  362 GLY A N   
76  C CA  . GLY A 13 ? 0.2234 0.3403 0.2996 0.0069  -0.0014 0.0075  362 GLY A CA  
77  C C   . GLY A 13 ? 0.2737 0.4011 0.3395 0.0048  -0.0104 0.0040  362 GLY A C   
78  O O   . GLY A 13 ? 0.2811 0.4049 0.3388 0.0116  -0.0099 0.0091  362 GLY A O   
79  N N   . THR A 14 ? 0.2223 0.3624 0.2893 -0.0054 -0.0170 -0.0061 363 THR A N   
80  C CA  . THR A 14 ? 0.2256 0.3773 0.2830 -0.0093 -0.0254 -0.0146 363 THR A CA  
81  C C   . THR A 14 ? 0.2480 0.3723 0.2961 -0.0199 -0.0239 -0.0260 363 THR A C   
82  O O   . THR A 14 ? 0.2566 0.3637 0.3091 -0.0268 -0.0187 -0.0284 363 THR A O   
83  C CB  . THR A 14 ? 0.2906 0.4803 0.3590 -0.0139 -0.0337 -0.0213 363 THR A CB  
84  O OG1 . THR A 14 ? 0.3154 0.5035 0.3998 -0.0255 -0.0306 -0.0274 363 THR A OG1 
85  C CG2 . THR A 14 ? 0.2744 0.4962 0.3499 0.0015  -0.0357 -0.0066 363 THR A CG2 
86  N N   . ILE A 15 ? 0.2475 0.3683 0.2821 -0.0187 -0.0268 -0.0310 364 ILE A N   
87  C CA  . ILE A 15 ? 0.2493 0.3431 0.2747 -0.0245 -0.0239 -0.0393 364 ILE A CA  
88  C C   . ILE A 15 ? 0.3002 0.3976 0.3291 -0.0372 -0.0261 -0.0560 364 ILE A C   
89  O O   . ILE A 15 ? 0.3096 0.4343 0.3387 -0.0397 -0.0334 -0.0654 364 ILE A O   
90  C CB  . ILE A 15 ? 0.2781 0.3661 0.2894 -0.0159 -0.0236 -0.0365 364 ILE A CB  
91  C CG1 . ILE A 15 ? 0.2906 0.3711 0.3038 -0.0066 -0.0187 -0.0226 364 ILE A CG1 
92  C CG2 . ILE A 15 ? 0.2912 0.3557 0.2945 -0.0201 -0.0204 -0.0455 364 ILE A CG2 
93  C CD1 . ILE A 15 ? 0.2733 0.3320 0.2900 -0.0093 -0.0138 -0.0216 364 ILE A CD1 
94  N N   . LYS A 16 ? 0.2926 0.3632 0.3248 -0.0449 -0.0191 -0.0602 365 LYS A N   
95  C CA  . LYS A 16 ? 0.3235 0.3862 0.3611 -0.0578 -0.0165 -0.0771 365 LYS A CA  
96  C C   . LYS A 16 ? 0.3975 0.4253 0.4251 -0.0549 -0.0084 -0.0770 365 LYS A C   
97  O O   . LYS A 16 ? 0.4529 0.4595 0.4799 -0.0505 -0.0013 -0.0652 365 LYS A O   
98  C CB  . LYS A 16 ? 0.3289 0.3916 0.3863 -0.0701 -0.0112 -0.0798 365 LYS A CB  
99  C CG  . LYS A 16 ? 0.4401 0.5421 0.5118 -0.0732 -0.0191 -0.0814 365 LYS A CG  
100 C CD  . LYS A 16 ? 0.5080 0.6098 0.6024 -0.0860 -0.0115 -0.0833 365 LYS A CD  
101 C CE  . LYS A 16 ? 0.4881 0.6357 0.6013 -0.0905 -0.0201 -0.0885 365 LYS A CE  
102 N NZ  . LYS A 16 ? 0.4594 0.6096 0.5986 -0.1037 -0.0113 -0.0903 365 LYS A NZ  
103 N N   . LEU A 17 ? 0.4994 0.5244 0.5185 -0.0556 -0.0092 -0.0900 366 LEU A N   
104 C CA  . LEU A 17 ? 0.5334 0.5260 0.5452 -0.0510 -0.0001 -0.0896 366 LEU A CA  
105 C C   . LEU A 17 ? 0.6168 0.5815 0.6415 -0.0617 0.0120  -0.0972 366 LEU A C   
106 O O   . LEU A 17 ? 0.7045 0.6406 0.7280 -0.0551 0.0223  -0.0863 366 LEU A O   
107 C CB  . LEU A 17 ? 0.5363 0.5346 0.5346 -0.0464 -0.0028 -0.1005 366 LEU A CB  
108 C CG  . LEU A 17 ? 0.5131 0.5320 0.4992 -0.0337 -0.0098 -0.0888 366 LEU A CG  
109 C CD1 . LEU A 17 ? 0.5750 0.5998 0.5465 -0.0289 -0.0101 -0.0992 366 LEU A CD1 
110 C CD2 . LEU A 17 ? 0.5746 0.5790 0.5605 -0.0237 -0.0062 -0.0704 366 LEU A CD2 
111 N N   . GLY A 18 ? 0.5516 0.5259 0.5902 -0.0776 0.0119  -0.1154 367 GLY A N   
112 C CA  . GLY A 18 ? 0.6821 0.6290 0.7388 -0.0904 0.0263  -0.1224 367 GLY A CA  
113 C C   . GLY A 18 ? 0.8340 0.7591 0.8930 -0.0979 0.0350  -0.1446 367 GLY A C   
114 O O   . GLY A 18 ? 0.6938 0.6279 0.7380 -0.0932 0.0289  -0.1564 367 GLY A O   
115 N N   . LYS A 19 ? 0.9394 0.8334 1.0182 -0.1096 0.0520  -0.1500 368 LYS A N   
116 C CA  . LYS A 19 ? 0.9970 0.8638 1.0852 -0.1203 0.0650  -0.1742 368 LYS A CA  
117 C C   . LYS A 19 ? 0.9382 0.7640 1.0150 -0.1036 0.0788  -0.1624 368 LYS A C   
118 O O   . LYS A 19 ? 0.9534 0.7681 1.0244 -0.1034 0.0826  -0.1816 368 LYS A O   
119 C CB  . LYS A 19 ? 1.0564 0.9049 1.1765 -0.1415 0.0807  -0.1847 368 LYS A CB  
120 C CG  . LYS A 19 ? 0.9916 0.8852 1.1290 -0.1599 0.0678  -0.1998 368 LYS A CG  
121 C CD  . LYS A 19 ? 0.9604 0.8405 1.1262 -0.1712 0.0835  -0.1911 368 LYS A CD  
122 C CE  . LYS A 19 ? 0.9588 0.8806 1.1456 -0.1887 0.0746  -0.2114 368 LYS A CE  
123 N NZ  . LYS A 19 ? 0.9062 0.8813 1.0907 -0.1885 0.0532  -0.2096 368 LYS A NZ  
124 N N   . LYS A 20 ? 0.8409 0.6475 0.9138 -0.0881 0.0864  -0.1317 369 LYS A N   
125 C CA  . LYS A 20 ? 0.7942 0.5688 0.8576 -0.0690 0.0984  -0.1172 369 LYS A CA  
126 C C   . LYS A 20 ? 0.7024 0.4986 0.7431 -0.0530 0.0842  -0.1142 369 LYS A C   
127 O O   . LYS A 20 ? 0.7270 0.5029 0.7613 -0.0371 0.0928  -0.1055 369 LYS A O   
128 C CB  . LYS A 20 ? 0.7570 0.5141 0.8215 -0.0554 0.1088  -0.0844 369 LYS A CB  
129 C CG  . LYS A 20 ? 0.7247 0.4444 0.8120 -0.0648 0.1329  -0.0808 369 LYS A CG  
130 N N   . ALA A 21 ? 0.6200 0.4566 0.6506 -0.0558 0.0646  -0.1193 370 ALA A N   
131 C CA  . ALA A 21 ? 0.5266 0.3831 0.5386 -0.0411 0.0536  -0.1130 370 ALA A CA  
132 C C   . ALA A 21 ? 0.5866 0.4367 0.5913 -0.0400 0.0577  -0.1336 370 ALA A C   
133 O O   . ALA A 21 ? 0.5991 0.4533 0.6071 -0.0547 0.0578  -0.1599 370 ALA A O   
134 C CB  . ALA A 21 ? 0.4518 0.3496 0.4569 -0.0435 0.0354  -0.1110 370 ALA A CB  
135 N N   . ARG A 22 ? 0.5976 0.4406 0.5928 -0.0226 0.0612  -0.1227 371 ARG A N   
136 C CA  . ARG A 22 ? 0.5982 0.4405 0.5834 -0.0177 0.0646  -0.1388 371 ARG A CA  
137 C C   . ARG A 22 ? 0.6232 0.4933 0.5951 -0.0035 0.0544  -0.1243 371 ARG A C   
138 O O   . ARG A 22 ? 0.6373 0.5050 0.6115 0.0097  0.0552  -0.1025 371 ARG A O   
139 C CB  . ARG A 22 ? 0.6992 0.4998 0.6916 -0.0092 0.0851  -0.1401 371 ARG A CB  
140 C CG  . ARG A 22 ? 0.7974 0.5612 0.8087 -0.0178 0.1006  -0.1400 371 ARG A CG  
141 C CD  . ARG A 22 ? 0.8980 0.6514 0.9191 -0.0403 0.1064  -0.1739 371 ARG A CD  
142 N NE  . ARG A 22 ? 1.0377 0.7465 1.0812 -0.0471 0.1282  -0.1737 371 ARG A NE  
143 C CZ  . ARG A 22 ? 1.2115 0.9179 1.2716 -0.0688 0.1319  -0.1933 371 ARG A CZ  
144 N NH1 . ARG A 22 ? 1.2932 1.0369 1.3494 -0.0853 0.1155  -0.2185 371 ARG A NH1 
145 N NH2 . ARG A 22 ? 1.2758 0.9496 1.3564 -0.0718 0.1508  -0.1839 371 ARG A NH2 
146 N N   . THR A 23 ? 0.5611 0.4598 0.5199 -0.0062 0.0451  -0.1361 372 THR A N   
147 C CA  . THR A 23 ? 0.5561 0.4806 0.5044 0.0056  0.0381  -0.1226 372 THR A CA  
148 C C   . THR A 23 ? 0.6943 0.6285 0.6272 0.0097  0.0417  -0.1388 372 THR A C   
149 O O   . THR A 23 ? 0.7221 0.6460 0.6513 0.0022  0.0473  -0.1631 372 THR A O   
150 C CB  . THR A 23 ? 0.5688 0.5236 0.5155 0.0010  0.0242  -0.1131 372 THR A CB  
151 O OG1 . THR A 23 ? 0.5777 0.5502 0.5189 -0.0108 0.0176  -0.1314 372 THR A OG1 
152 C CG2 . THR A 23 ? 0.5047 0.4513 0.4647 -0.0015 0.0218  -0.0972 372 THR A CG2 
153 N N   . ARG A 24 ? 0.6385 0.5934 0.5633 0.0210  0.0396  -0.1264 373 ARG A N   
154 C CA  . ARG A 24 ? 0.6440 0.6126 0.5519 0.0275  0.0441  -0.1375 373 ARG A CA  
155 C C   . ARG A 24 ? 0.5512 0.5448 0.4555 0.0382  0.0417  -0.1166 373 ARG A C   
156 O O   . ARG A 24 ? 0.4553 0.4481 0.3741 0.0412  0.0395  -0.0970 373 ARG A O   
157 C CB  . ARG A 24 ? 0.7053 0.6463 0.6147 0.0349  0.0596  -0.1483 373 ARG A CB  
158 C CG  . ARG A 24 ? 0.7697 0.6965 0.6948 0.0477  0.0663  -0.1273 373 ARG A CG  
159 C CD  . ARG A 24 ? 0.9508 0.8612 0.8747 0.0597  0.0822  -0.1354 373 ARG A CD  
160 N NE  . ARG A 24 ? 1.0272 0.9298 0.9682 0.0740  0.0882  -0.1148 373 ARG A NE  
161 C CZ  . ARG A 24 ? 1.0734 0.9463 1.0274 0.0794  0.0972  -0.1109 373 ARG A CZ  
162 N NH1 . ARG A 24 ? 1.1067 0.9815 1.0752 0.0948  0.1007  -0.0907 373 ARG A NH1 
163 N NH2 . ARG A 24 ? 1.0827 0.9259 1.0370 0.0698  0.1038  -0.1272 373 ARG A NH2 
164 N N   . PRO A 25 ? 0.4954 0.5117 0.3812 0.0438  0.0434  -0.1213 374 PRO A N   
165 C CA  . PRO A 25 ? 0.4154 0.4547 0.2999 0.0528  0.0438  -0.0998 374 PRO A CA  
166 C C   . PRO A 25 ? 0.3912 0.4205 0.2938 0.0613  0.0524  -0.0846 374 PRO A C   
167 O O   . PRO A 25 ? 0.4610 0.4740 0.3675 0.0670  0.0616  -0.0915 374 PRO A O   
168 C CB  . PRO A 25 ? 0.5592 0.6210 0.4179 0.0596  0.0482  -0.1094 374 PRO A CB  
169 C CG  . PRO A 25 ? 0.5234 0.5848 0.3692 0.0495  0.0424  -0.1371 374 PRO A CG  
170 C CD  . PRO A 25 ? 0.5554 0.5801 0.4201 0.0416  0.0454  -0.1469 374 PRO A CD  
171 N N   . TYR A 26 ? 0.3899 0.4309 0.3052 0.0624  0.0503  -0.0647 375 TYR A N   
172 C CA  . TYR A 26 ? 0.3619 0.4016 0.2988 0.0681  0.0563  -0.0517 375 TYR A CA  
173 C C   . TYR A 26 ? 0.4007 0.4605 0.3443 0.0704  0.0603  -0.0349 375 TYR A C   
174 O O   . TYR A 26 ? 0.5107 0.5773 0.4546 0.0653  0.0546  -0.0271 375 TYR A O   
175 C CB  . TYR A 26 ? 0.3295 0.3564 0.2846 0.0626  0.0487  -0.0478 375 TYR A CB  
176 C CG  . TYR A 26 ? 0.3408 0.3697 0.3174 0.0692  0.0527  -0.0396 375 TYR A CG  
177 C CD1 . TYR A 26 ? 0.3880 0.4120 0.3668 0.0798  0.0622  -0.0433 375 TYR A CD1 
178 C CD2 . TYR A 26 ? 0.3609 0.3990 0.3565 0.0651  0.0468  -0.0297 375 TYR A CD2 
179 C CE1 . TYR A 26 ? 0.4220 0.4546 0.4227 0.0874  0.0646  -0.0350 375 TYR A CE1 
180 C CE2 . TYR A 26 ? 0.3558 0.4037 0.3720 0.0707  0.0482  -0.0245 375 TYR A CE2 
181 C CZ  . TYR A 26 ? 0.3599 0.4070 0.3790 0.0823  0.0564  -0.0260 375 TYR A CZ  
182 O OH  . TYR A 26 ? 0.4024 0.4660 0.4440 0.0894  0.0567  -0.0199 375 TYR A OH  
183 N N   . ARG A 27 ? 0.3501 0.4184 0.3018 0.0785  0.0721  -0.0288 376 ARG A N   
184 C CA  . ARG A 27 ? 0.3408 0.4247 0.3079 0.0794  0.0799  -0.0118 376 ARG A CA  
185 C C   . ARG A 27 ? 0.3359 0.4197 0.3356 0.0752  0.0782  -0.0077 376 ARG A C   
186 O O   . ARG A 27 ? 0.3409 0.4250 0.3514 0.0804  0.0810  -0.0120 376 ARG A O   
187 C CB  . ARG A 27 ? 0.3728 0.4698 0.3308 0.0900  0.0956  -0.0076 376 ARG A CB  
188 C CG  . ARG A 27 ? 0.5058 0.6176 0.4785 0.0916  0.1085  0.0122  376 ARG A CG  
189 C CD  . ARG A 27 ? 0.5263 0.6471 0.4748 0.0956  0.1108  0.0228  376 ARG A CD  
190 N NE  . ARG A 27 ? 0.5390 0.6682 0.4503 0.1045  0.1107  0.0123  376 ARG A NE  
191 C CZ  . ARG A 27 ? 0.4835 0.6270 0.3789 0.1162  0.1257  0.0167  376 ARG A CZ  
192 N NH1 . ARG A 27 ? 0.4860 0.6361 0.4025 0.1204  0.1432  0.0337  376 ARG A NH1 
193 N NH2 . ARG A 27 ? 0.4351 0.5885 0.2943 0.1231  0.1238  0.0028  376 ARG A NH2 
194 N N   . THR A 28 ? 0.3127 0.3983 0.3284 0.0665  0.0734  -0.0008 377 THR A N   
195 C CA  . THR A 28 ? 0.2718 0.3615 0.3162 0.0609  0.0689  -0.0013 377 THR A CA  
196 C C   . THR A 28 ? 0.2605 0.3682 0.3320 0.0627  0.0813  0.0044  377 THR A C   
197 O O   . THR A 28 ? 0.3066 0.4207 0.3749 0.0682  0.0951  0.0114  377 THR A O   
198 C CB  . THR A 28 ? 0.2765 0.3629 0.3304 0.0503  0.0621  0.0011  377 THR A CB  
199 O OG1 . THR A 28 ? 0.3079 0.4001 0.3746 0.0478  0.0741  0.0121  377 THR A OG1 
200 C CG2 . THR A 28 ? 0.2931 0.3656 0.3227 0.0484  0.0519  -0.0026 377 THR A CG2 
201 N N   . ARG A 29 ? 0.2653 0.3853 0.3650 0.0579  0.0763  0.0009  378 ARG A N   
202 C CA  . ARG A 29 ? 0.2492 0.3916 0.3810 0.0575  0.0869  0.0036  378 ARG A CA  
203 C C   . ARG A 29 ? 0.2782 0.4234 0.4274 0.0493  0.1009  0.0124  378 ARG A C   
204 O O   . ARG A 29 ? 0.2896 0.4506 0.4620 0.0500  0.1156  0.0175  378 ARG A O   
205 C CB  . ARG A 29 ? 0.3128 0.4748 0.4716 0.0532  0.0761  -0.0042 378 ARG A CB  
206 C CG  . ARG A 29 ? 0.2717 0.4342 0.4439 0.0389  0.0679  -0.0095 378 ARG A CG  
207 C CD  . ARG A 29 ? 0.3428 0.5279 0.5311 0.0380  0.0538  -0.0190 378 ARG A CD  
208 N NE  . ARG A 29 ? 0.3837 0.5673 0.5755 0.0261  0.0440  -0.0271 378 ARG A NE  
209 C CZ  . ARG A 29 ? 0.4016 0.5693 0.5681 0.0281  0.0325  -0.0283 378 ARG A CZ  
210 N NH1 . ARG A 29 ? 0.3791 0.5299 0.5176 0.0400  0.0300  -0.0225 378 ARG A NH1 
211 N NH2 . ARG A 29 ? 0.5367 0.7047 0.7072 0.0177  0.0255  -0.0362 378 ARG A NH2 
212 N N   . HIS A 30 ? 0.2906 0.4205 0.4310 0.0427  0.0990  0.0159  379 HIS A N   
213 C CA  . HIS A 30 ? 0.3201 0.4463 0.4749 0.0374  0.1149  0.0277  379 HIS A CA  
214 C C   . HIS A 30 ? 0.4062 0.5238 0.5297 0.0487  0.1248  0.0421  379 HIS A C   
215 O O   . HIS A 30 ? 0.5372 0.6493 0.6667 0.0480  0.1386  0.0566  379 HIS A O   
216 C CB  . HIS A 30 ? 0.3926 0.5080 0.5595 0.0254  0.1091  0.0239  379 HIS A CB  
217 C CG  . HIS A 30 ? 0.4181 0.5461 0.6103 0.0147  0.0973  0.0071  379 HIS A CG  
218 N ND1 . HIS A 30 ? 0.4761 0.6265 0.7064 0.0071  0.1033  0.0004  379 HIS A ND1 
219 C CD2 . HIS A 30 ? 0.4714 0.5971 0.6560 0.0108  0.0798  -0.0043 379 HIS A CD2 
220 C CE1 . HIS A 30 ? 0.4452 0.6093 0.6886 -0.0005 0.0883  -0.0155 379 HIS A CE1 
221 N NE2 . HIS A 30 ? 0.4617 0.6100 0.6761 0.0023  0.0746  -0.0177 379 HIS A NE2 
222 N N   . GLY A 31 ? 0.4073 0.5245 0.4979 0.0594  0.1186  0.0383  380 GLY A N   
223 C CA  . GLY A 31 ? 0.4319 0.5493 0.4907 0.0709  0.1269  0.0486  380 GLY A CA  
224 C C   . GLY A 31 ? 0.4456 0.5548 0.4768 0.0723  0.1162  0.0501  380 GLY A C   
225 O O   . GLY A 31 ? 0.4984 0.6140 0.5055 0.0821  0.1231  0.0613  380 GLY A O   
226 N N   . GLU A 32 ? 0.4000 0.4990 0.4336 0.0638  0.1001  0.0401  381 GLU A N   
227 C CA  . GLU A 32 ? 0.4321 0.5264 0.4449 0.0643  0.0902  0.0412  381 GLU A CA  
228 C C   . GLU A 32 ? 0.4701 0.5643 0.4530 0.0673  0.0774  0.0264  381 GLU A C   
229 O O   . GLU A 32 ? 0.4112 0.4991 0.3959 0.0649  0.0714  0.0126  381 GLU A O   
230 C CB  . GLU A 32 ? 0.5889 0.6725 0.6213 0.0533  0.0817  0.0378  381 GLU A CB  
231 C CG  . GLU A 32 ? 0.8211 0.9016 0.8371 0.0538  0.0725  0.0400  381 GLU A CG  
232 C CD  . GLU A 32 ? 0.9555 1.0253 0.9903 0.0437  0.0658  0.0354  381 GLU A CD  
233 O OE1 . GLU A 32 ? 1.0002 1.0667 1.0600 0.0360  0.0685  0.0302  381 GLU A OE1 
234 O OE2 . GLU A 32 ? 1.0028 1.0707 1.0276 0.0436  0.0578  0.0356  381 GLU A OE2 
235 N N   . GLU A 33 ? 0.4522 0.5547 0.4094 0.0728  0.0738  0.0289  382 GLU A N   
236 C CA  A GLU A 33 ? 0.4441 0.5483 0.3760 0.0726  0.0620  0.0112  382 GLU A CA  
237 C CA  B GLU A 33 ? 0.4363 0.5405 0.3682 0.0726  0.0620  0.0112  382 GLU A CA  
238 C C   . GLU A 33 ? 0.4782 0.5704 0.4171 0.0620  0.0476  0.0017  382 GLU A C   
239 O O   . GLU A 33 ? 0.4805 0.5757 0.4242 0.0597  0.0434  0.0099  382 GLU A O   
240 C CB  A GLU A 33 ? 0.4943 0.6205 0.3970 0.0821  0.0624  0.0153  382 GLU A CB  
241 C CB  B GLU A 33 ? 0.4981 0.6240 0.4007 0.0821  0.0623  0.0150  382 GLU A CB  
242 C CG  A GLU A 33 ? 0.5079 0.6474 0.4007 0.0945  0.0790  0.0274  382 GLU A CG  
243 C CG  B GLU A 33 ? 0.5385 0.6762 0.4230 0.0927  0.0741  0.0140  382 GLU A CG  
244 C CD  A GLU A 33 ? 0.5264 0.6933 0.3844 0.1064  0.0785  0.0302  382 GLU A CD  
245 C CD  B GLU A 33 ? 0.5558 0.6834 0.4318 0.0895  0.0708  -0.0107 382 GLU A CD  
246 O OE1 A GLU A 33 ? 0.5755 0.7522 0.4143 0.1032  0.0641  0.0119  382 GLU A OE1 
247 O OE1 B GLU A 33 ? 0.5200 0.6550 0.3725 0.0886  0.0624  -0.0288 382 GLU A OE1 
248 O OE2 A GLU A 33 ? 0.5149 0.6961 0.3658 0.1190  0.0934  0.0507  382 GLU A OE2 
249 O OE2 B GLU A 33 ? 0.5032 0.6163 0.3981 0.0882  0.0770  -0.0129 382 GLU A OE2 
250 N N   . ALA A 34 ? 0.4186 0.4969 0.3591 0.0569  0.0421  -0.0140 383 ALA A N   
251 C CA  . ALA A 34 ? 0.3808 0.4465 0.3290 0.0476  0.0313  -0.0210 383 ALA A CA  
252 C C   . ALA A 34 ? 0.3835 0.4377 0.3203 0.0447  0.0273  -0.0394 383 ALA A C   
253 O O   . ALA A 34 ? 0.4536 0.5132 0.3727 0.0484  0.0302  -0.0496 383 ALA A O   
254 C CB  . ALA A 34 ? 0.3725 0.4293 0.3454 0.0442  0.0322  -0.0153 383 ALA A CB  
255 N N   . LEU A 35 ? 0.4553 0.4928 0.4023 0.0386  0.0226  -0.0439 384 LEU A N   
256 C CA  . LEU A 35 ? 0.3850 0.4055 0.3265 0.0354  0.0224  -0.0592 384 LEU A CA  
257 C C   . LEU A 35 ? 0.4149 0.4183 0.3704 0.0387  0.0258  -0.0550 384 LEU A C   
258 O O   . LEU A 35 ? 0.3912 0.3989 0.3603 0.0390  0.0230  -0.0438 384 LEU A O   
259 C CB  . LEU A 35 ? 0.4388 0.4569 0.3779 0.0247  0.0143  -0.0676 384 LEU A CB  
260 C CG  . LEU A 35 ? 0.4853 0.5272 0.4116 0.0220  0.0082  -0.0725 384 LEU A CG  
261 C CD1 . LEU A 35 ? 0.4681 0.5105 0.4005 0.0107  0.0002  -0.0786 384 LEU A CD1 
262 C CD2 . LEU A 35 ? 0.5062 0.5557 0.4144 0.0243  0.0114  -0.0892 384 LEU A CD2 
263 N N   . LEU A 36 ? 0.3739 0.3602 0.3265 0.0424  0.0326  -0.0645 385 LEU A N   
264 C CA  . LEU A 36 ? 0.3922 0.3631 0.3567 0.0490  0.0370  -0.0588 385 LEU A CA  
265 C C   . LEU A 36 ? 0.4623 0.4081 0.4268 0.0432  0.0385  -0.0654 385 LEU A C   
266 O O   . LEU A 36 ? 0.4588 0.3919 0.4155 0.0375  0.0427  -0.0816 385 LEU A O   
267 C CB  . LEU A 36 ? 0.3742 0.3419 0.3394 0.0612  0.0479  -0.0607 385 LEU A CB  
268 C CG  . LEU A 36 ? 0.4144 0.3711 0.3929 0.0728  0.0536  -0.0522 385 LEU A CG  
269 C CD1 . LEU A 36 ? 0.4247 0.4034 0.4180 0.0755  0.0459  -0.0370 385 LEU A CD1 
270 C CD2 . LEU A 36 ? 0.4507 0.4027 0.4292 0.0854  0.0664  -0.0567 385 LEU A CD2 
271 N N   . ALA A 37 ? 0.4222 0.3626 0.3959 0.0442  0.0359  -0.0538 386 ALA A N   
272 C CA  . ALA A 37 ? 0.4332 0.3477 0.4094 0.0408  0.0411  -0.0555 386 ALA A CA  
273 C C   . ALA A 37 ? 0.4654 0.3566 0.4451 0.0529  0.0550  -0.0553 386 ALA A C   
274 O O   . ALA A 37 ? 0.4930 0.3902 0.4791 0.0675  0.0571  -0.0415 386 ALA A O   
275 C CB  . ALA A 37 ? 0.4398 0.3587 0.4218 0.0408  0.0356  -0.0407 386 ALA A CB  
276 N N   . GLU A 38 ? 0.5187 0.3848 0.4961 0.0472  0.0650  -0.0717 387 GLU A N   
277 C CA  . GLU A 38 ? 0.6611 0.4981 0.6440 0.0589  0.0818  -0.0724 387 GLU A CA  
278 C C   . GLU A 38 ? 0.7016 0.5061 0.6942 0.0582  0.0928  -0.0652 387 GLU A C   
279 O O   . GLU A 38 ? 0.8147 0.5859 0.8137 0.0646  0.1106  -0.0687 387 GLU A O   
280 C CB  . GLU A 38 ? 0.7968 0.6235 0.7726 0.0546  0.0901  -0.0972 387 GLU A CB  
281 C CG  . GLU A 38 ? 0.8793 0.7002 0.8509 0.0339  0.0880  -0.1211 387 GLU A CG  
282 C CD  . GLU A 38 ? 1.0144 0.8284 0.9772 0.0307  0.0964  -0.1490 387 GLU A CD  
283 O OE1 . GLU A 38 ? 1.0497 0.8538 1.0114 0.0455  0.1079  -0.1484 387 GLU A OE1 
284 O OE2 . GLU A 38 ? 1.0653 0.8870 1.0223 0.0139  0.0915  -0.1725 387 GLU A OE2 
285 N N   . ALA A 39 ? 0.5901 0.4019 0.5844 0.0512  0.0848  -0.0543 388 ALA A N   
286 C CA  . ALA A 39 ? 0.6081 0.3931 0.6109 0.0525  0.0961  -0.0419 388 ALA A CA  
287 C C   . ALA A 39 ? 0.5542 0.3623 0.5543 0.0496  0.0833  -0.0267 388 ALA A C   
288 O O   . ALA A 39 ? 0.5746 0.4116 0.5691 0.0407  0.0677  -0.0325 388 ALA A O   
289 C CB  . ALA A 39 ? 0.6619 0.4154 0.6727 0.0346  0.1084  -0.0620 388 ALA A CB  
290 N N   . ASN A 40 ? 0.5729 0.3675 0.5765 0.0589  0.0920  -0.0065 389 ASN A N   
291 C CA  . ASN A 40 ? 0.4951 0.3096 0.4947 0.0563  0.0824  0.0063  389 ASN A CA  
292 C C   . ASN A 40 ? 0.5049 0.3129 0.5092 0.0340  0.0820  -0.0072 389 ASN A C   
293 O O   . ASN A 40 ? 0.5759 0.3535 0.5905 0.0243  0.0963  -0.0164 389 ASN A O   
294 C CB  . ASN A 40 ? 0.5130 0.3171 0.5123 0.0743  0.0934  0.0329  389 ASN A CB  
295 C CG  . ASN A 40 ? 0.5868 0.4036 0.5836 0.0985  0.0931  0.0477  389 ASN A CG  
296 O OD1 . ASN A 40 ? 0.5404 0.3843 0.5356 0.1009  0.0804  0.0402  389 ASN A OD1 
297 N ND2 . ASN A 40 ? 0.6634 0.4625 0.6619 0.1177  0.1084  0.0704  389 ASN A ND2 
298 N N   . PHE A 41 ? 0.4276 0.2649 0.4274 0.0256  0.0667  -0.0093 390 PHE A N   
299 C CA  . PHE A 41 ? 0.4670 0.3052 0.4733 0.0062  0.0652  -0.0205 390 PHE A CA  
300 C C   . PHE A 41 ? 0.4360 0.3024 0.4371 0.0051  0.0529  -0.0125 390 PHE A C   
301 O O   . PHE A 41 ? 0.3938 0.2808 0.3866 0.0159  0.0437  -0.0041 390 PHE A O   
302 C CB  . PHE A 41 ? 0.4914 0.3354 0.5002 -0.0079 0.0597  -0.0456 390 PHE A CB  
303 C CG  . PHE A 41 ? 0.4296 0.3068 0.4289 -0.0068 0.0428  -0.0500 390 PHE A CG  
304 C CD1 . PHE A 41 ? 0.5218 0.4055 0.5137 0.0047  0.0402  -0.0494 390 PHE A CD1 
305 C CD2 . PHE A 41 ? 0.4399 0.3414 0.4401 -0.0165 0.0319  -0.0537 390 PHE A CD2 
306 C CE1 . PHE A 41 ? 0.5072 0.4183 0.4929 0.0055  0.0284  -0.0515 390 PHE A CE1 
307 C CE2 . PHE A 41 ? 0.4713 0.3993 0.4649 -0.0140 0.0201  -0.0549 390 PHE A CE2 
308 C CZ  . PHE A 41 ? 0.4700 0.4018 0.4564 -0.0035 0.0189  -0.0535 390 PHE A CZ  
309 N N   . ASP A 42 ? 0.4123 0.2809 0.4212 -0.0089 0.0536  -0.0171 391 ASP A N   
310 C CA  . ASP A 42 ? 0.3417 0.2350 0.3478 -0.0113 0.0442  -0.0122 391 ASP A CA  
311 C C   . ASP A 42 ? 0.4184 0.3351 0.4271 -0.0213 0.0314  -0.0272 391 ASP A C   
312 O O   . ASP A 42 ? 0.4402 0.3567 0.4579 -0.0339 0.0318  -0.0417 391 ASP A O   
313 C CB  . ASP A 42 ? 0.3844 0.2687 0.3991 -0.0181 0.0549  -0.0049 391 ASP A CB  
314 C CG  . ASP A 42 ? 0.4473 0.3168 0.4546 -0.0036 0.0669  0.0169  391 ASP A CG  
315 O OD1 . ASP A 42 ? 0.4542 0.3294 0.4492 0.0125  0.0630  0.0263  391 ASP A OD1 
316 O OD2 . ASP A 42 ? 0.5190 0.3743 0.5339 -0.0078 0.0808  0.0255  391 ASP A OD2 
317 N N   . LEU A 43 ? 0.3152 0.2534 0.3170 -0.0151 0.0210  -0.0236 392 LEU A N   
318 C CA  A LEU A 43 ? 0.2918 0.2524 0.2958 -0.0206 0.0110  -0.0315 392 LEU A CA  
319 C CA  B LEU A 43 ? 0.2881 0.2485 0.2921 -0.0207 0.0111  -0.0316 392 LEU A CA  
320 C C   . LEU A 43 ? 0.3181 0.2908 0.3283 -0.0252 0.0101  -0.0274 392 LEU A C   
321 O O   . LEU A 43 ? 0.3298 0.3021 0.3360 -0.0196 0.0126  -0.0178 392 LEU A O   
322 C CB  A LEU A 43 ? 0.2769 0.2497 0.2742 -0.0116 0.0043  -0.0289 392 LEU A CB  
323 C CB  B LEU A 43 ? 0.2765 0.2492 0.2738 -0.0120 0.0043  -0.0296 392 LEU A CB  
324 C CG  A LEU A 43 ? 0.2875 0.2811 0.2870 -0.0129 -0.0027 -0.0306 392 LEU A CG  
325 C CG  B LEU A 43 ? 0.3030 0.2959 0.3019 -0.0139 -0.0028 -0.0334 392 LEU A CG  
326 C CD1 A LEU A 43 ? 0.3446 0.3471 0.3448 -0.0185 -0.0057 -0.0402 392 LEU A CD1 
327 C CD1 B LEU A 43 ? 0.3099 0.3071 0.3040 -0.0064 -0.0045 -0.0329 392 LEU A CD1 
328 C CD2 A LEU A 43 ? 0.3009 0.3012 0.2982 -0.0048 -0.0048 -0.0268 392 LEU A CD2 
329 C CD2 B LEU A 43 ? 0.2976 0.3026 0.3016 -0.0139 -0.0048 -0.0275 392 LEU A CD2 
330 N N   . VAL A 44 ? 0.3009 0.2882 0.3204 -0.0344 0.0065  -0.0352 393 VAL A N   
331 C CA  . VAL A 44 ? 0.2512 0.2520 0.2799 -0.0382 0.0070  -0.0316 393 VAL A CA  
332 C C   . VAL A 44 ? 0.2819 0.3064 0.3124 -0.0345 -0.0012 -0.0313 393 VAL A C   
333 O O   . VAL A 44 ? 0.2931 0.3295 0.3221 -0.0341 -0.0074 -0.0368 393 VAL A O   
334 C CB  . VAL A 44 ? 0.2917 0.2935 0.3361 -0.0517 0.0117  -0.0392 393 VAL A CB  
335 C CG1 . VAL A 44 ? 0.3355 0.3590 0.3928 -0.0552 0.0111  -0.0364 393 VAL A CG1 
336 C CG2 . VAL A 44 ? 0.3352 0.3088 0.3811 -0.0541 0.0251  -0.0346 393 VAL A CG2 
337 N N   . LEU A 45 ? 0.2545 0.2850 0.2871 -0.0302 0.0004  -0.0241 394 LEU A N   
338 C CA  . LEU A 45 ? 0.2432 0.2919 0.2814 -0.0254 -0.0030 -0.0213 394 LEU A CA  
339 C C   . LEU A 45 ? 0.2490 0.3103 0.3006 -0.0290 0.0005  -0.0193 394 LEU A C   
340 O O   . LEU A 45 ? 0.2734 0.3269 0.3240 -0.0284 0.0073  -0.0158 394 LEU A O   
341 C CB  . LEU A 45 ? 0.2649 0.3070 0.2971 -0.0173 -0.0014 -0.0172 394 LEU A CB  
342 C CG  . LEU A 45 ? 0.2828 0.3358 0.3239 -0.0117 0.0002  -0.0131 394 LEU A CG  
343 C CD1 . LEU A 45 ? 0.2912 0.3569 0.3352 -0.0077 -0.0038 -0.0101 394 LEU A CD1 
344 C CD2 . LEU A 45 ? 0.2881 0.3312 0.3264 -0.0076 0.0039  -0.0141 394 LEU A CD2 
345 N N   . GLU A 46 ? 0.2049 0.2891 0.2686 -0.0313 -0.0040 -0.0214 395 GLU A N   
346 C CA  . GLU A 46 ? 0.2082 0.3101 0.2889 -0.0347 -0.0007 -0.0199 395 GLU A CA  
347 C C   . GLU A 46 ? 0.1964 0.3086 0.2816 -0.0231 0.0011  -0.0113 395 GLU A C   
348 O O   . GLU A 46 ? 0.2440 0.3756 0.3340 -0.0162 -0.0040 -0.0076 395 GLU A O   
349 C CB  . GLU A 46 ? 0.2156 0.3435 0.3105 -0.0436 -0.0072 -0.0282 395 GLU A CB  
350 C CG  . GLU A 46 ? 0.2523 0.3684 0.3469 -0.0570 -0.0070 -0.0407 395 GLU A CG  
351 C CD  . GLU A 46 ? 0.2926 0.3969 0.4004 -0.0683 0.0040  -0.0418 395 GLU A CD  
352 O OE1 . GLU A 46 ? 0.3007 0.4029 0.4116 -0.0640 0.0115  -0.0318 395 GLU A OE1 
353 O OE2 . GLU A 46 ? 0.3668 0.4627 0.4820 -0.0812 0.0069  -0.0528 395 GLU A OE2 
354 N N   . GLY A 47 ? 0.2356 0.3352 0.3192 -0.0197 0.0097  -0.0079 396 GLY A N   
355 C CA  . GLY A 47 ? 0.2417 0.3472 0.3328 -0.0097 0.0150  -0.0022 396 GLY A CA  
356 C C   . GLY A 47 ? 0.2463 0.3737 0.3567 -0.0095 0.0196  0.0009  396 GLY A C   
357 O O   . GLY A 47 ? 0.2677 0.4045 0.3861 -0.0192 0.0198  -0.0020 396 GLY A O   
358 N N   . LYS A 48 ? 0.2675 0.4026 0.3881 0.0017  0.0252  0.0072  397 LYS A N   
359 C CA  . LYS A 48 ? 0.2255 0.3843 0.3671 0.0046  0.0306  0.0115  397 LYS A CA  
360 C C   . LYS A 48 ? 0.2262 0.3754 0.3663 -0.0009 0.0410  0.0080  397 LYS A C   
361 O O   . LYS A 48 ? 0.2421 0.4108 0.3983 -0.0060 0.0443  0.0091  397 LYS A O   
362 C CB  . LYS A 48 ? 0.2846 0.4500 0.4382 0.0209  0.0372  0.0209  397 LYS A CB  
363 C CG  . LYS A 48 ? 0.3864 0.5720 0.5452 0.0300  0.0287  0.0300  397 LYS A CG  
364 C CD  . LYS A 48 ? 0.6239 0.8143 0.7976 0.0489  0.0391  0.0434  397 LYS A CD  
365 C CE  . LYS A 48 ? 0.7085 0.9182 0.8837 0.0616  0.0327  0.0569  397 LYS A CE  
366 N NZ  . LYS A 48 ? 0.7550 0.9640 0.9456 0.0827  0.0464  0.0738  397 LYS A NZ  
367 N N   . GLY A 49 ? 0.2803 0.4033 0.4015 0.0001  0.0466  0.0037  398 GLY A N   
368 C CA  . GLY A 49 ? 0.2439 0.3608 0.3589 -0.0017 0.0575  0.0017  398 GLY A CA  
369 C C   . GLY A 49 ? 0.2565 0.3608 0.3550 -0.0108 0.0564  0.0004  398 GLY A C   
370 O O   . GLY A 49 ? 0.3491 0.4527 0.4437 -0.0126 0.0663  0.0027  398 GLY A O   
371 N N   . ARG A 50 ? 0.3006 0.3943 0.3888 -0.0148 0.0464  -0.0016 399 ARG A N   
372 C CA  . ARG A 50 ? 0.3456 0.4252 0.4198 -0.0210 0.0469  -0.0006 399 ARG A CA  
373 C C   . ARG A 50 ? 0.2962 0.3694 0.3681 -0.0258 0.0361  -0.0034 399 ARG A C   
374 O O   . ARG A 50 ? 0.2950 0.3732 0.3695 -0.0227 0.0280  -0.0059 399 ARG A O   
375 C CB  . ARG A 50 ? 0.4803 0.5467 0.5307 -0.0145 0.0509  -0.0017 399 ARG A CB  
376 C CG  . ARG A 50 ? 0.4734 0.5333 0.5142 -0.0095 0.0432  -0.0088 399 ARG A CG  
377 C CD  . ARG A 50 ? 0.5667 0.6228 0.5870 -0.0040 0.0461  -0.0139 399 ARG A CD  
378 N NE  . ARG A 50 ? 0.5380 0.5895 0.5522 -0.0023 0.0384  -0.0225 399 ARG A NE  
379 C CZ  . ARG A 50 ? 0.5594 0.6105 0.5802 -0.0004 0.0400  -0.0323 399 ARG A CZ  
380 N NH1 . ARG A 50 ? 0.6456 0.6996 0.6778 0.0021  0.0490  -0.0342 399 ARG A NH1 
381 N NH2 . ARG A 50 ? 0.5623 0.6097 0.5810 -0.0010 0.0342  -0.0404 399 ARG A NH2 
382 N N   . LYS A 51 ? 0.3657 0.4271 0.4331 -0.0324 0.0386  -0.0019 400 LYS A N   
383 C CA  . LYS A 51 ? 0.3451 0.3948 0.4070 -0.0361 0.0315  -0.0055 400 LYS A CA  
384 C C   . LYS A 51 ? 0.3633 0.3959 0.4029 -0.0283 0.0312  -0.0027 400 LYS A C   
385 O O   . LYS A 51 ? 0.3639 0.3892 0.3928 -0.0247 0.0394  0.0041  400 LYS A O   
386 C CB  . LYS A 51 ? 0.3853 0.4302 0.4598 -0.0482 0.0370  -0.0069 400 LYS A CB  
387 C CG  . LYS A 51 ? 0.4332 0.4611 0.5025 -0.0522 0.0337  -0.0119 400 LYS A CG  
388 C CD  . LYS A 51 ? 0.4813 0.4987 0.5664 -0.0651 0.0447  -0.0137 400 LYS A CD  
389 C CE  . LYS A 51 ? 0.6460 0.6412 0.7273 -0.0690 0.0453  -0.0199 400 LYS A CE  
390 N NZ  . LYS A 51 ? 0.6938 0.6752 0.7954 -0.0837 0.0587  -0.0241 400 LYS A NZ  
391 N N   . GLU A 52 ? 0.3218 0.3518 0.3545 -0.0247 0.0224  -0.0069 401 GLU A N   
392 C CA  . GLU A 52 ? 0.3322 0.3517 0.3480 -0.0178 0.0204  -0.0056 401 GLU A CA  
393 C C   . GLU A 52 ? 0.3568 0.3628 0.3704 -0.0200 0.0190  -0.0055 401 GLU A C   
394 O O   . GLU A 52 ? 0.3905 0.3984 0.4122 -0.0255 0.0145  -0.0116 401 GLU A O   
395 C CB  . GLU A 52 ? 0.3726 0.3986 0.3865 -0.0129 0.0140  -0.0111 401 GLU A CB  
396 C CG  . GLU A 52 ? 0.4053 0.4395 0.4203 -0.0098 0.0178  -0.0138 401 GLU A CG  
397 C CD  . GLU A 52 ? 0.3762 0.4118 0.3754 -0.0046 0.0193  -0.0157 401 GLU A CD  
398 O OE1 . GLU A 52 ? 0.3829 0.4160 0.3717 -0.0013 0.0152  -0.0142 401 GLU A OE1 
399 O OE2 . GLU A 52 ? 0.4584 0.5007 0.4552 -0.0025 0.0245  -0.0194 401 GLU A OE2 
400 N N   . THR A 53 ? 0.2845 0.2785 0.2865 -0.0144 0.0235  0.0014  402 THR A N   
401 C CA  . THR A 53 ? 0.2645 0.2420 0.2653 -0.0141 0.0250  0.0023  402 THR A CA  
402 C C   . THR A 53 ? 0.2935 0.2713 0.2805 -0.0021 0.0212  0.0063  402 THR A C   
403 O O   . THR A 53 ? 0.3302 0.3176 0.3066 0.0059  0.0213  0.0118  402 THR A O   
404 C CB  . THR A 53 ? 0.3262 0.2855 0.3319 -0.0180 0.0384  0.0097  402 THR A CB  
405 O OG1 . THR A 53 ? 0.3376 0.3032 0.3603 -0.0308 0.0415  0.0041  402 THR A OG1 
406 C CG2 . THR A 53 ? 0.3680 0.3064 0.3758 -0.0185 0.0422  0.0077  402 THR A CG2 
407 N N   . PHE A 54 ? 0.2792 0.2510 0.2670 -0.0006 0.0175  0.0021  403 PHE A N   
408 C CA  . PHE A 54 ? 0.2877 0.2650 0.2675 0.0104  0.0130  0.0047  403 PHE A CA  
409 C C   . PHE A 54 ? 0.3113 0.2697 0.2905 0.0157  0.0190  0.0091  403 PHE A C   
410 O O   . PHE A 54 ? 0.3143 0.2611 0.3002 0.0087  0.0206  0.0010  403 PHE A O   
411 C CB  . PHE A 54 ? 0.2698 0.2609 0.2542 0.0085  0.0039  -0.0050 403 PHE A CB  
412 C CG  . PHE A 54 ? 0.2774 0.2806 0.2667 0.0027  0.0011  -0.0101 403 PHE A CG  
413 C CD1 . PHE A 54 ? 0.2997 0.3028 0.2973 -0.0051 0.0011  -0.0138 403 PHE A CD1 
414 C CD2 . PHE A 54 ? 0.3603 0.3770 0.3467 0.0059  -0.0010 -0.0118 403 PHE A CD2 
415 C CE1 . PHE A 54 ? 0.3336 0.3472 0.3376 -0.0075 0.0004  -0.0160 403 PHE A CE1 
416 C CE2 . PHE A 54 ? 0.3806 0.4044 0.3735 0.0013  -0.0008 -0.0173 403 PHE A CE2 
417 C CZ  . PHE A 54 ? 0.3328 0.3534 0.3351 -0.0043 0.0007  -0.0177 403 PHE A CZ  
418 N N   . ALA A 55 ? 0.3074 0.2650 0.2785 0.0291  0.0227  0.0214  404 ALA A N   
419 C CA  . ALA A 55 ? 0.3267 0.2674 0.2982 0.0382  0.0294  0.0272  404 ALA A CA  
420 C C   . ALA A 55 ? 0.3417 0.2935 0.3165 0.0406  0.0211  0.0183  404 ALA A C   
421 O O   . ALA A 55 ? 0.3764 0.3533 0.3497 0.0452  0.0117  0.0170  404 ALA A O   
422 C CB  . ALA A 55 ? 0.3818 0.3253 0.3435 0.0560  0.0351  0.0464  404 ALA A CB  
423 N N   . ILE A 56 ? 0.3418 0.2757 0.3219 0.0368  0.0258  0.0109  405 ILE A N   
424 C CA  . ILE A 56 ? 0.3552 0.2971 0.3380 0.0400  0.0213  0.0035  405 ILE A CA  
425 C C   . ILE A 56 ? 0.3793 0.3049 0.3628 0.0536  0.0311  0.0107  405 ILE A C   
426 O O   . ILE A 56 ? 0.4148 0.3115 0.4003 0.0526  0.0434  0.0116  405 ILE A O   
427 C CB  . ILE A 56 ? 0.3271 0.2661 0.3126 0.0268  0.0192  -0.0117 405 ILE A CB  
428 C CG1 . ILE A 56 ? 0.3338 0.2878 0.3206 0.0160  0.0117  -0.0156 405 ILE A CG1 
429 C CG2 . ILE A 56 ? 0.3956 0.3439 0.3818 0.0316  0.0169  -0.0173 405 ILE A CG2 
430 C CD1 . ILE A 56 ? 0.3380 0.3148 0.3258 0.0188  0.0039  -0.0135 405 ILE A CD1 
431 N N   . LEU A 57 ? 0.4204 0.3644 0.4056 0.0658  0.0269  0.0148  406 LEU A N   
432 C CA  . LEU A 57 ? 0.4659 0.3983 0.4537 0.0820  0.0366  0.0236  406 LEU A CA  
433 C C   . LEU A 57 ? 0.4186 0.3408 0.4107 0.0799  0.0410  0.0109  406 LEU A C   
434 O O   . LEU A 57 ? 0.4176 0.3550 0.4103 0.0709  0.0334  -0.0006 406 LEU A O   
435 C CB  . LEU A 57 ? 0.4682 0.4325 0.4576 0.0988  0.0298  0.0358  406 LEU A CB  
436 C CG  . LEU A 57 ? 0.5391 0.5131 0.5202 0.1083  0.0290  0.0520  406 LEU A CG  
437 C CD1 . LEU A 57 ? 0.5805 0.5962 0.5634 0.1243  0.0192  0.0599  406 LEU A CD1 
438 C CD2 . LEU A 57 ? 0.5749 0.5127 0.5532 0.1182  0.0468  0.0672  406 LEU A CD2 
439 N N   . GLN A 58 ? 0.4818 0.3769 0.4763 0.0894  0.0552  0.0137  407 GLN A N   
440 C CA  . GLN A 58 ? 0.5432 0.4317 0.5408 0.0921  0.0610  0.0027  407 GLN A CA  
441 C C   . GLN A 58 ? 0.4673 0.3923 0.4695 0.0994  0.0513  0.0047  407 GLN A C   
442 O O   . GLN A 58 ? 0.4884 0.4372 0.4954 0.1114  0.0459  0.0182  407 GLN A O   
443 C CB  . GLN A 58 ? 0.5127 0.3697 0.5153 0.1073  0.0795  0.0096  407 GLN A CB  
444 C CG  . GLN A 58 ? 0.5758 0.4238 0.5808 0.1113  0.0880  -0.0036 407 GLN A CG  
445 C CD  . GLN A 58 ? 0.7208 0.5312 0.7327 0.1257  0.1094  0.0014  407 GLN A CD  
446 O OE1 . GLN A 58 ? 0.8108 0.5948 0.8257 0.1287  0.1200  0.0126  407 GLN A OE1 
447 N NE2 . GLN A 58 ? 0.7538 0.5601 0.7690 0.1356  0.1183  -0.0060 407 GLN A NE2 
448 N N   . GLY A 59 ? 0.4330 0.3653 0.4341 0.0913  0.0492  -0.0090 408 GLY A N   
449 C CA  . GLY A 59 ? 0.5001 0.4648 0.5089 0.0954  0.0430  -0.0079 408 GLY A CA  
450 C C   . GLY A 59 ? 0.4419 0.4305 0.4519 0.0824  0.0305  -0.0104 408 GLY A C   
451 O O   . GLY A 59 ? 0.3978 0.4114 0.4177 0.0826  0.0274  -0.0108 408 GLY A O   
452 N N   . SER A 60 ? 0.4034 0.3844 0.4064 0.0712  0.0253  -0.0119 409 SER A N   
453 C CA  . SER A 60 ? 0.3476 0.3475 0.3531 0.0600  0.0161  -0.0145 409 SER A CA  
454 C C   . SER A 60 ? 0.3285 0.3283 0.3300 0.0519  0.0177  -0.0230 409 SER A C   
455 O O   . SER A 60 ? 0.3600 0.3435 0.3518 0.0501  0.0228  -0.0303 409 SER A O   
456 C CB  . SER A 60 ? 0.3322 0.3249 0.3318 0.0522  0.0117  -0.0129 409 SER A CB  
457 O OG  . SER A 60 ? 0.3984 0.3928 0.3977 0.0616  0.0113  -0.0028 409 SER A OG  
458 N N   . THR A 61 ? 0.3017 0.3207 0.3110 0.0472  0.0142  -0.0222 410 THR A N   
459 C CA  . THR A 61 ? 0.2887 0.3099 0.2930 0.0411  0.0159  -0.0254 410 THR A CA  
460 C C   . THR A 61 ? 0.3016 0.3185 0.3003 0.0319  0.0103  -0.0264 410 THR A C   
461 O O   . THR A 61 ? 0.2939 0.3145 0.2992 0.0284  0.0058  -0.0236 410 THR A O   
462 C CB  . THR A 61 ? 0.2967 0.3368 0.3154 0.0410  0.0186  -0.0213 410 THR A CB  
463 O OG1 . THR A 61 ? 0.2980 0.3464 0.3251 0.0496  0.0242  -0.0203 410 THR A OG1 
464 C CG2 . THR A 61 ? 0.3149 0.3572 0.3265 0.0382  0.0227  -0.0197 410 THR A CG2 
465 N N   . ILE A 62 ? 0.2913 0.3040 0.2781 0.0284  0.0107  -0.0313 411 ILE A N   
466 C CA  . ILE A 62 ? 0.3128 0.3272 0.2966 0.0209  0.0056  -0.0320 411 ILE A CA  
467 C C   . ILE A 62 ? 0.3291 0.3586 0.3107 0.0219  0.0067  -0.0276 411 ILE A C   
468 O O   . ILE A 62 ? 0.3361 0.3715 0.3077 0.0263  0.0103  -0.0299 411 ILE A O   
469 C CB  . ILE A 62 ? 0.3386 0.3418 0.3134 0.0157  0.0044  -0.0420 411 ILE A CB  
470 C CG1 . ILE A 62 ? 0.4093 0.3931 0.3874 0.0169  0.0076  -0.0422 411 ILE A CG1 
471 C CG2 . ILE A 62 ? 0.3549 0.3659 0.3306 0.0079  -0.0012 -0.0423 411 ILE A CG2 
472 C CD1 . ILE A 62 ? 0.4637 0.4480 0.4486 0.0155  0.0044  -0.0341 411 ILE A CD1 
473 N N   . PHE A 63 ? 0.2821 0.3178 0.2723 0.0196  0.0055  -0.0203 412 PHE A N   
474 C CA  . PHE A 63 ? 0.2802 0.3277 0.2713 0.0233  0.0097  -0.0112 412 PHE A CA  
475 C C   . PHE A 63 ? 0.3514 0.4093 0.3347 0.0228  0.0051  -0.0099 412 PHE A C   
476 O O   . PHE A 63 ? 0.4171 0.4871 0.3989 0.0289  0.0089  0.0008  412 PHE A O   
477 C CB  . PHE A 63 ? 0.2919 0.3385 0.3023 0.0219  0.0149  -0.0039 412 PHE A CB  
478 C CG  . PHE A 63 ? 0.2683 0.3141 0.2910 0.0219  0.0189  -0.0060 412 PHE A CG  
479 C CD1 . PHE A 63 ? 0.3131 0.3652 0.3389 0.0268  0.0277  -0.0011 412 PHE A CD1 
480 C CD2 . PHE A 63 ? 0.2557 0.2993 0.2874 0.0180  0.0141  -0.0124 412 PHE A CD2 
481 C CE1 . PHE A 63 ? 0.3498 0.4061 0.3913 0.0264  0.0314  -0.0035 412 PHE A CE1 
482 C CE2 . PHE A 63 ? 0.3256 0.3764 0.3705 0.0185  0.0160  -0.0149 412 PHE A CE2 
483 C CZ  . PHE A 63 ? 0.2990 0.3567 0.3511 0.0222  0.0246  -0.0109 412 PHE A CZ  
484 N N   . VAL A 64 ? 0.3057 0.3606 0.2855 0.0165  -0.0020 -0.0189 413 VAL A N   
485 C CA  . VAL A 64 ? 0.3352 0.4052 0.3118 0.0150  -0.0076 -0.0192 413 VAL A CA  
486 C C   . VAL A 64 ? 0.3977 0.4724 0.3628 0.0100  -0.0127 -0.0349 413 VAL A C   
487 O O   . VAL A 64 ? 0.3824 0.4414 0.3439 0.0071  -0.0105 -0.0449 413 VAL A O   
488 C CB  . VAL A 64 ? 0.2843 0.3497 0.2735 0.0097  -0.0098 -0.0171 413 VAL A CB  
489 C CG1 . VAL A 64 ? 0.3041 0.3663 0.3055 0.0142  -0.0034 -0.0051 413 VAL A CG1 
490 C CG2 . VAL A 64 ? 0.3181 0.3650 0.3094 0.0027  -0.0104 -0.0256 413 VAL A CG2 
491 N N   . GLN A 65 ? 0.3853 0.4836 0.3465 0.0092  -0.0191 -0.0377 414 GLN A N   
492 C CA  . GLN A 65 ? 0.3933 0.5016 0.3468 0.0017  -0.0247 -0.0570 414 GLN A CA  
493 C C   . GLN A 65 ? 0.3795 0.4973 0.3458 -0.0084 -0.0309 -0.0630 414 GLN A C   
494 O O   . GLN A 65 ? 0.3350 0.4611 0.3119 -0.0057 -0.0320 -0.0503 414 GLN A O   
495 C CB  . GLN A 65 ? 0.4425 0.5814 0.3781 0.0095  -0.0280 -0.0595 414 GLN A CB  
496 C CG  . GLN A 65 ? 0.5202 0.6497 0.4427 0.0183  -0.0199 -0.0564 414 GLN A CG  
497 C CD  . GLN A 65 ? 0.6766 0.8385 0.5779 0.0282  -0.0216 -0.0568 414 GLN A CD  
498 O OE1 . GLN A 65 ? 0.7128 0.8984 0.6106 0.0393  -0.0221 -0.0388 414 GLN A OE1 
499 N NE2 . GLN A 65 ? 0.8018 0.9651 0.6878 0.0257  -0.0211 -0.0769 414 GLN A NE2 
500 N N   . ASP A 66 ? 0.3940 0.5093 0.3618 -0.0205 -0.0329 -0.0835 415 ASP A N   
501 C CA  . ASP A 66 ? 0.3935 0.5189 0.3774 -0.0327 -0.0371 -0.0920 415 ASP A CA  
502 C C   . ASP A 66 ? 0.3692 0.5386 0.3551 -0.0277 -0.0468 -0.0865 415 ASP A C   
503 O O   . ASP A 66 ? 0.3685 0.5679 0.3402 -0.0208 -0.0529 -0.0897 415 ASP A O   
504 C CB  . ASP A 66 ? 0.4468 0.5654 0.4332 -0.0475 -0.0361 -0.1183 415 ASP A CB  
505 C CG  . ASP A 66 ? 0.5054 0.6268 0.5140 -0.0629 -0.0364 -0.1274 415 ASP A CG  
506 O OD1 . ASP A 66 ? 0.5424 0.6333 0.5621 -0.0664 -0.0275 -0.1193 415 ASP A OD1 
507 O OD2 . ASP A 66 ? 0.5581 0.7153 0.5734 -0.0711 -0.0452 -0.1424 415 ASP A OD2 
508 N N   . GLY A 67 ? 0.2981 0.4735 0.3011 -0.0292 -0.0474 -0.0768 416 GLY A N   
509 C CA  . GLY A 67 ? 0.2986 0.5158 0.3076 -0.0221 -0.0551 -0.0684 416 GLY A CA  
510 C C   . GLY A 67 ? 0.3076 0.5267 0.3125 -0.0036 -0.0512 -0.0426 416 GLY A C   
511 O O   . GLY A 67 ? 0.3542 0.6038 0.3671 0.0052  -0.0548 -0.0309 416 GLY A O   
512 N N   . ASP A 68 ? 0.2978 0.4857 0.2939 0.0025  -0.0426 -0.0332 417 ASP A N   
513 C CA  . ASP A 68 ? 0.3171 0.5021 0.3138 0.0176  -0.0357 -0.0107 417 ASP A CA  
514 C C   . ASP A 68 ? 0.2879 0.4663 0.3035 0.0181  -0.0315 -0.0010 417 ASP A C   
515 O O   . ASP A 68 ? 0.3010 0.4601 0.3254 0.0073  -0.0299 -0.0089 417 ASP A O   
516 C CB  . ASP A 68 ? 0.2856 0.4384 0.2752 0.0197  -0.0267 -0.0068 417 ASP A CB  
517 C CG  . ASP A 68 ? 0.3434 0.5054 0.3140 0.0257  -0.0268 -0.0090 417 ASP A CG  
518 O OD1 . ASP A 68 ? 0.4136 0.6084 0.3731 0.0301  -0.0339 -0.0122 417 ASP A OD1 
519 O OD2 . ASP A 68 ? 0.4067 0.5456 0.3736 0.0263  -0.0197 -0.0081 417 ASP A OD2 
520 N N   . LYS A 69 ? 0.2898 0.4829 0.3110 0.0325  -0.0277 0.0175  418 LYS A N   
521 C CA  . LYS A 69 ? 0.2730 0.4538 0.3116 0.0362  -0.0194 0.0282  418 LYS A CA  
522 C C   . LYS A 69 ? 0.2779 0.4260 0.3171 0.0404  -0.0068 0.0366  418 LYS A C   
523 O O   . LYS A 69 ? 0.3507 0.5003 0.3835 0.0507  -0.0015 0.0484  418 LYS A O   
524 C CB  . LYS A 69 ? 0.3292 0.5435 0.3774 0.0510  -0.0199 0.0441  418 LYS A CB  
525 C CG  . LYS A 69 ? 0.4107 0.6097 0.4771 0.0587  -0.0075 0.0571  418 LYS A CG  
526 C CD  . LYS A 69 ? 0.4013 0.5915 0.4799 0.0460  -0.0083 0.0447  418 LYS A CD  
527 C CE  . LYS A 69 ? 0.5481 0.7207 0.6431 0.0535  0.0056  0.0543  418 LYS A CE  
528 N NZ  . LYS A 69 ? 0.5243 0.7229 0.6322 0.0722  0.0099  0.0736  418 LYS A NZ  
529 N N   . VAL A 70 ? 0.2483 0.3695 0.2955 0.0321  -0.0018 0.0298  419 VAL A N   
530 C CA  . VAL A 70 ? 0.2581 0.3522 0.3093 0.0327  0.0089  0.0324  419 VAL A CA  
531 C C   . VAL A 70 ? 0.2825 0.3642 0.3505 0.0346  0.0188  0.0354  419 VAL A C   
532 O O   . VAL A 70 ? 0.2740 0.3618 0.3477 0.0321  0.0166  0.0317  419 VAL A O   
533 C CB  . VAL A 70 ? 0.2640 0.3404 0.3070 0.0216  0.0057  0.0183  419 VAL A CB  
534 C CG1 . VAL A 70 ? 0.3118 0.3972 0.3393 0.0206  -0.0014 0.0141  419 VAL A CG1 
535 C CG2 . VAL A 70 ? 0.2674 0.3371 0.3117 0.0123  0.0020  0.0075  419 VAL A CG2 
536 N N   . ALA A 71 ? 0.2668 0.3304 0.3446 0.0384  0.0314  0.0409  420 ALA A N   
537 C CA  . ALA A 71 ? 0.2784 0.3248 0.3730 0.0382  0.0431  0.0387  420 ALA A CA  
538 C C   . ALA A 71 ? 0.2629 0.2943 0.3554 0.0250  0.0411  0.0196  420 ALA A C   
539 O O   . ALA A 71 ? 0.2650 0.2953 0.3474 0.0183  0.0340  0.0121  420 ALA A O   
540 C CB  . ALA A 71 ? 0.2917 0.3237 0.4019 0.0471  0.0605  0.0519  420 ALA A CB  
541 N N   . ALA A 72 ? 0.2722 0.2948 0.3740 0.0229  0.0474  0.0119  421 ALA A N   
542 C CA  . ALA A 72 ? 0.2729 0.2857 0.3726 0.0125  0.0467  -0.0064 421 ALA A CA  
543 C C   . ALA A 72 ? 0.2896 0.2928 0.3962 0.0078  0.0508  -0.0114 421 ALA A C   
544 O O   . ALA A 72 ? 0.3230 0.3169 0.4445 0.0123  0.0630  -0.0025 421 ALA A O   
545 C CB  . ALA A 72 ? 0.2971 0.3013 0.4077 0.0126  0.0570  -0.0147 421 ALA A CB  
546 N N   . GLU A 73 ? 0.2546 0.2621 0.3515 -0.0001 0.0417  -0.0239 422 GLU A N   
547 C CA  . GLU A 73 ? 0.2652 0.2709 0.3697 -0.0063 0.0428  -0.0325 422 GLU A CA  
548 C C   . GLU A 73 ? 0.2682 0.2776 0.3688 -0.0028 0.0406  -0.0207 422 GLU A C   
549 O O   . GLU A 73 ? 0.2673 0.2780 0.3755 -0.0075 0.0418  -0.0264 422 GLU A O   
550 C CB  . GLU A 73 ? 0.2783 0.2705 0.4078 -0.0108 0.0583  -0.0410 422 GLU A CB  
551 C CG  . GLU A 73 ? 0.3564 0.3446 0.4900 -0.0146 0.0625  -0.0567 422 GLU A CG  
552 C CD  . GLU A 73 ? 0.5209 0.5253 0.6368 -0.0199 0.0488  -0.0726 422 GLU A CD  
553 O OE1 . GLU A 73 ? 0.5735 0.5901 0.6850 -0.0240 0.0397  -0.0781 422 GLU A OE1 
554 O OE2 . GLU A 73 ? 0.5983 0.6048 0.7050 -0.0185 0.0483  -0.0780 422 GLU A OE2 
555 N N   . ALA A 74 ? 0.2647 0.2791 0.3541 0.0049  0.0373  -0.0064 423 ALA A N   
556 C CA  . ALA A 74 ? 0.2820 0.3024 0.3632 0.0085  0.0346  0.0019  423 ALA A CA  
557 C C   . ALA A 74 ? 0.2629 0.2882 0.3330 0.0036  0.0244  -0.0080 423 ALA A C   
558 O O   . ALA A 74 ? 0.2332 0.2606 0.2932 0.0009  0.0161  -0.0151 423 ALA A O   
559 C CB  . ALA A 74 ? 0.3170 0.3483 0.3851 0.0165  0.0299  0.0138  423 ALA A CB  
560 N N   . ILE A 75 ? 0.2513 0.2784 0.3243 0.0039  0.0269  -0.0067 424 ILE A N   
561 C CA  A ILE A 75 ? 0.2378 0.2706 0.3017 0.0025  0.0186  -0.0137 424 ILE A CA  
562 C CA  B ILE A 75 ? 0.2317 0.2646 0.2957 0.0025  0.0186  -0.0137 424 ILE A CA  
563 C C   . ILE A 75 ? 0.2699 0.3042 0.3136 0.0064  0.0112  -0.0106 424 ILE A C   
564 O O   . ILE A 75 ? 0.3273 0.3649 0.3641 0.0110  0.0127  -0.0030 424 ILE A O   
565 C CB  A ILE A 75 ? 0.2582 0.2951 0.3331 0.0026  0.0246  -0.0129 424 ILE A CB  
566 C CB  B ILE A 75 ? 0.2583 0.2952 0.3330 0.0027  0.0246  -0.0128 424 ILE A CB  
567 C CG1 A ILE A 75 ? 0.2762 0.3120 0.3768 -0.0046 0.0333  -0.0194 424 ILE A CG1 
568 C CG1 B ILE A 75 ? 0.2364 0.2729 0.3080 0.0096  0.0329  0.0010  424 ILE A CG1 
569 C CG2 A ILE A 75 ? 0.2329 0.2774 0.3005 0.0035  0.0167  -0.0191 424 ILE A CG2 
570 C CG2 B ILE A 75 ? 0.2604 0.2985 0.3596 -0.0050 0.0309  -0.0217 424 ILE A CG2 
571 C CD1 A ILE A 75 ? 0.2345 0.2786 0.3514 -0.0069 0.0392  -0.0211 424 ILE A CD1 
572 C CD1 B ILE A 75 ? 0.2809 0.3228 0.3601 0.0109  0.0396  0.0030  424 ILE A CD1 
573 N N   . LEU A 76 ? 0.2455 0.2783 0.2800 0.0045  0.0039  -0.0168 425 LEU A N   
574 C CA  . LEU A 76 ? 0.2532 0.2834 0.2731 0.0055  -0.0009 -0.0171 425 LEU A CA  
575 C C   . LEU A 76 ? 0.2625 0.2902 0.2763 0.0088  -0.0016 -0.0197 425 LEU A C   
576 O O   . LEU A 76 ? 0.2724 0.2982 0.2768 0.0105  -0.0014 -0.0207 425 LEU A O   
577 C CB  . LEU A 76 ? 0.2618 0.2879 0.2777 0.0021  -0.0043 -0.0197 425 LEU A CB  
578 C CG  . LEU A 76 ? 0.2934 0.3225 0.3159 0.0000  -0.0027 -0.0178 425 LEU A CG  
579 C CD1 . LEU A 76 ? 0.2756 0.3015 0.2935 -0.0031 -0.0045 -0.0197 425 LEU A CD1 
580 C CD2 . LEU A 76 ? 0.3386 0.3748 0.3617 0.0021  -0.0021 -0.0124 425 LEU A CD2 
581 N N   . ALA A 77 ? 0.2658 0.2964 0.2857 0.0103  -0.0021 -0.0215 426 ALA A N   
582 C CA  . ALA A 77 ? 0.2605 0.2898 0.2763 0.0159  -0.0021 -0.0221 426 ALA A CA  
583 C C   . ALA A 77 ? 0.2709 0.3143 0.2994 0.0182  -0.0029 -0.0235 426 ALA A C   
584 O O   . ALA A 77 ? 0.2739 0.3265 0.3118 0.0138  -0.0046 -0.0272 426 ALA A O   
585 C CB  . ALA A 77 ? 0.2947 0.3122 0.2999 0.0176  -0.0038 -0.0218 426 ALA A CB  
586 N N   . GLU A 78 ? 0.2589 0.3063 0.2892 0.0250  -0.0011 -0.0225 427 GLU A N   
587 C CA  . GLU A 78 ? 0.2643 0.3314 0.3080 0.0287  -0.0032 -0.0240 427 GLU A CA  
588 C C   . GLU A 78 ? 0.3065 0.3714 0.3417 0.0400  -0.0046 -0.0192 427 GLU A C   
589 O O   . GLU A 78 ? 0.3037 0.3543 0.3317 0.0457  0.0008  -0.0167 427 GLU A O   
590 C CB  . GLU A 78 ? 0.2531 0.3315 0.3130 0.0283  0.0029  -0.0247 427 GLU A CB  
591 C CG  . GLU A 78 ? 0.3116 0.4174 0.3916 0.0296  -0.0001 -0.0290 427 GLU A CG  
592 C CD  . GLU A 78 ? 0.3305 0.4484 0.4312 0.0277  0.0082  -0.0294 427 GLU A CD  
593 O OE1 . GLU A 78 ? 0.3527 0.4835 0.4754 0.0177  0.0104  -0.0359 427 GLU A OE1 
594 O OE2 . GLU A 78 ? 0.3815 0.4949 0.4776 0.0357  0.0143  -0.0240 427 GLU A OE2 
595 N N   . VAL A 79 ? 0.3472 0.4251 0.3816 0.0443  -0.0106 -0.0178 428 VAL A N   
596 C CA  . VAL A 79 ? 0.4431 0.5153 0.4672 0.0573  -0.0099 -0.0086 428 VAL A CA  
597 C C   . VAL A 79 ? 0.5391 0.6418 0.5749 0.0689  -0.0137 -0.0058 428 VAL A C   
598 O O   . VAL A 79 ? 0.5425 0.6750 0.5863 0.0668  -0.0219 -0.0113 428 VAL A O   
599 C CB  . VAL A 79 ? 0.3847 0.4506 0.3954 0.0570  -0.0123 -0.0045 428 VAL A CB  
600 C CG1 . VAL A 79 ? 0.5527 0.6178 0.5554 0.0734  -0.0098 0.0089  428 VAL A CG1 
601 C CG2 . VAL A 79 ? 0.4110 0.4488 0.4135 0.0471  -0.0077 -0.0062 428 VAL A CG2 
602 N N   . PRO A 80 ? 0.6305 0.7292 0.6687 0.0815  -0.0079 0.0010  429 PRO A N   
603 C CA  . PRO A 80 ? 0.6697 0.8020 0.7205 0.0956  -0.0117 0.0060  429 PRO A CA  
604 C C   . PRO A 80 ? 0.6234 0.7713 0.6639 0.1075  -0.0179 0.0158  429 PRO A C   
605 O O   . PRO A 80 ? 0.6089 0.7308 0.6320 0.1110  -0.0134 0.0247  429 PRO A O   
606 C CB  . PRO A 80 ? 0.6934 0.8084 0.7457 0.1083  -0.0006 0.0130  429 PRO A CB  
607 C CG  . PRO A 80 ? 0.7075 0.7896 0.7522 0.0959  0.0070  0.0052  429 PRO A CG  
608 C CD  . PRO A 80 ? 0.6543 0.7214 0.6862 0.0831  0.0028  0.0020  429 PRO A CD  
609 N N   . VAL A 81 ? 0.5934 0.7878 0.6461 0.1139  -0.0279 0.0139  430 VAL A N   
610 C CA  . VAL A 81 ? 0.5669 0.7880 0.6086 0.1281  -0.0355 0.0235  430 VAL A CA  
611 C C   . VAL A 81 ? 0.5979 0.8465 0.6478 0.1525  -0.0356 0.0381  430 VAL A C   
612 O O   . VAL A 81 ? 0.6800 0.9138 0.7164 0.1723  -0.0284 0.0586  430 VAL A O   
613 C CB  . VAL A 81 ? 0.5566 0.8176 0.6030 0.1160  -0.0494 0.0066  430 VAL A CB  
614 O O   . HOH B .  ? 0.8010 0.9860 0.9406 -0.0003 -0.0169 -0.0730 501 HOH A O   
615 O O   . HOH B .  ? 0.6694 0.4732 0.6928 0.0018  0.1173  0.0535  502 HOH A O   
616 O O   . HOH B .  ? 0.7666 0.7329 0.8719 -0.0957 0.0516  -0.0517 503 HOH A O   
617 O O   . HOH B .  ? 0.6641 0.7837 0.5638 0.0015  -0.0196 -0.1160 504 HOH A O   
618 O O   . HOH B .  ? 0.5885 0.7352 0.5275 0.0405  -0.0109 -0.0038 505 HOH A O   
619 O O   . HOH B .  ? 0.4557 0.4753 0.4255 0.0067  0.0192  0.0038  506 HOH A O   
620 O O   . HOH B .  ? 0.5168 0.5721 0.4814 0.0077  0.0335  -0.0157 507 HOH A O   
621 O O   . HOH B .  ? 0.3364 0.4337 0.4445 0.0170  0.0329  0.0095  508 HOH A O   
622 O O   . HOH B .  ? 0.6756 0.5403 0.6760 0.1457  0.0866  0.0696  509 HOH A O   
623 O O   . HOH B .  ? 0.3633 0.3542 0.3813 -0.0250 0.0484  0.0149  510 HOH A O   
624 O O   . HOH B .  ? 0.3186 0.4038 0.3886 0.0416  0.0301  -0.0156 511 HOH A O   
625 O O   . HOH B .  ? 0.4436 0.6162 0.6038 0.0000  0.0006  -0.0610 512 HOH A O   
626 O O   . HOH B .  ? 0.4557 0.4151 0.6198 0.0167  0.0979  -0.0031 513 HOH A O   
627 O O   . HOH B .  ? 0.7325 0.7390 0.7106 0.0676  0.0051  0.0220  514 HOH A O   
628 O O   . HOH B .  ? 0.5381 0.7445 0.6338 -0.0548 -0.0390 -0.0622 515 HOH A O   
629 O O   . HOH B .  ? 0.3595 0.4408 0.4493 0.0307  0.0679  0.0132  516 HOH A O   
630 O O   . HOH B .  ? 0.7973 0.8715 0.8018 0.0383  0.0237  0.0293  517 HOH A O   
631 O O   . HOH B .  ? 0.5437 0.7944 0.4925 0.0133  -0.0561 -0.0542 518 HOH A O   
632 O O   . HOH B .  ? 0.3931 0.4496 0.4333 0.0682  0.0211  -0.0153 519 HOH A O   
633 O O   . HOH B .  ? 0.5711 0.4070 0.5662 0.0349  0.0796  0.0362  520 HOH A O   
634 O O   . HOH B .  ? 0.5330 0.8673 0.5721 -0.0043 -0.0747 -0.0485 521 HOH A O   
635 O O   . HOH B .  ? 0.6225 0.7208 0.5650 -0.0207 -0.0259 -0.1122 522 HOH A O   
636 O O   . HOH B .  ? 0.7908 0.8896 0.8665 0.0742  0.0389  -0.0140 523 HOH A O   
637 O O   . HOH B .  ? 0.3494 0.3716 0.3163 0.0419  -0.0022 0.0109  524 HOH A O   
638 O O   . HOH B .  ? 0.6414 0.8098 0.6895 0.0858  0.0181  0.0935  525 HOH A O   
639 O O   . HOH B .  ? 0.3346 0.3261 0.4639 0.0226  0.0752  0.0252  526 HOH A O   
640 O O   . HOH B .  ? 0.4330 0.4824 0.4708 0.0254  0.0260  0.0224  527 HOH A O   
641 O O   . HOH B .  ? 0.5764 0.6478 0.6431 0.0055  0.0613  -0.0191 528 HOH A O   
642 O O   . HOH B .  ? 0.7603 0.7287 0.7274 -0.0401 0.0128  -0.1478 529 HOH A O   
643 O O   . HOH B .  ? 0.5353 0.6793 0.3631 0.1075  0.0890  -0.0385 530 HOH A O   
644 O O   . HOH B .  ? 0.5420 0.6640 0.4918 0.0878  0.0889  0.0691  531 HOH A O   
645 O O   . HOH B .  ? 0.5591 0.7113 0.5557 0.1111  0.1681  0.0607  532 HOH A O   
646 O O   . HOH B .  ? 0.4241 0.6171 0.4845 -0.0559 -0.0464 -0.0832 533 HOH A O   
647 O O   . HOH B .  ? 0.5473 0.7394 0.3649 0.1515  0.1584  0.0162  534 HOH A O   
648 O O   . HOH B .  ? 1.0653 0.8223 1.0528 -0.0159 0.1147  -0.2062 535 HOH A O   
649 O O   . HOH B .  ? 0.5907 0.6591 0.5368 0.0287  0.0053  -0.0309 536 HOH A O   
650 O O   . HOH B .  ? 0.4173 0.4565 0.5315 0.0266  0.0574  0.0003  537 HOH A O   
651 O O   . HOH B .  ? 0.7651 0.7704 0.6702 -0.0037 0.0192  -0.1625 538 HOH A O   
652 O O   . HOH B .  ? 0.6384 0.6186 0.7683 -0.0085 0.0758  -0.0729 539 HOH A O   
653 O O   . HOH B .  ? 0.4206 0.5270 0.5737 -0.0898 0.0327  -0.0357 540 HOH A O   
654 O O   . HOH B .  ? 0.2951 0.3756 0.3844 0.0044  0.0421  -0.0062 541 HOH A O   
655 O O   . HOH B .  ? 0.2862 0.3961 0.3769 0.0571  0.0471  -0.0119 542 HOH A O   
656 O O   . HOH B .  ? 0.3848 0.5823 0.5763 0.0203  0.0639  0.0219  543 HOH A O   
657 O O   . HOH B .  ? 0.3732 0.4492 0.4054 -0.0044 -0.0117 -0.0606 544 HOH A O   
658 O O   . HOH B .  ? 0.5575 0.7303 0.6655 -0.0114 -0.0260 -0.0933 545 HOH A O   
659 O O   . HOH B .  ? 0.3746 0.3925 0.5102 0.0461  0.0739  0.0353  546 HOH A O   
660 O O   . HOH B .  ? 0.4863 0.5603 0.4643 0.0428  0.0303  0.0104  547 HOH A O   
661 O O   . HOH B .  ? 0.2994 0.3610 0.3664 0.0472  0.0400  0.0569  548 HOH A O   
662 O O   . HOH B .  ? 0.6448 0.8141 0.9337 0.0028  0.1502  0.0199  549 HOH A O   
663 O O   . HOH B .  ? 1.1761 1.3181 1.2679 -0.0188 -0.0195 -0.0993 550 HOH A O   
664 O O   . HOH B .  ? 0.8591 0.5831 0.8787 0.0957  0.1365  0.0192  551 HOH A O   
665 O O   . HOH B .  ? 0.6583 0.5871 0.6549 0.1303  0.1054  -0.0565 552 HOH A O   
666 O O   . HOH B .  ? 0.4937 0.6440 0.6370 0.0627  0.0367  0.0581  553 HOH A O   
667 O O   . HOH B .  ? 0.6541 0.7773 0.7936 0.0791  0.0500  0.0774  554 HOH A O   
668 O O   . HOH B .  ? 0.6365 0.7462 0.6921 0.0756  0.0381  0.0896  555 HOH A O   
669 O O   . HOH B .  ? 0.5930 0.6537 0.4655 0.0119  0.0125  -0.1551 556 HOH A O   
670 O O   . HOH B .  ? 0.4456 0.5346 0.5414 0.0258  0.0427  -0.0093 557 HOH A O   
671 O O   . HOH B .  ? 0.5094 0.6124 0.4238 0.0417  0.0087  -0.0316 558 HOH A O   
672 O O   . HOH B .  ? 0.5475 0.4835 0.7450 0.0065  0.1199  -0.0029 559 HOH A O   
673 O O   . HOH B .  ? 0.8704 0.6602 0.8471 -0.0440 0.1040  -0.2613 560 HOH A O   
674 O O   . HOH B .  ? 0.7873 0.8994 0.6397 0.0369  0.0110  -0.1126 561 HOH A O   
675 O O   . HOH B .  ? 0.4722 0.4896 0.6156 0.0435  0.0801  0.0175  562 HOH A O   
676 O O   . HOH B .  ? 0.7003 0.6521 0.8676 0.0016  0.1005  -0.0465 563 HOH A O   
677 O O   . HOH B .  ? 0.5801 0.5483 0.7515 0.0475  0.1096  0.0357  564 HOH A O   
678 O O   . HOH B .  ? 0.5555 0.5240 0.7194 0.0470  0.1124  0.0609  565 HOH A O   
679 O O   . HOH B .  ? 0.3921 0.4132 0.4909 0.0395  0.0658  0.0542  566 HOH A O   
680 O O   . HOH B .  ? 0.6306 0.9224 0.7103 -0.0460 -0.0657 -0.0787 567 HOH A O   
681 O O   . HOH B .  ? 0.5247 0.5909 0.6569 0.0720  0.0656  0.0735  568 HOH A O   
682 O O   . HOH B .  ? 0.4802 0.5521 0.5123 0.0369  0.0218  0.0378  569 HOH A O   
683 O O   . HOH B .  ? 0.7014 0.8727 0.8974 0.0500  0.0811  0.0295  570 HOH A O   
684 O O   . HOH B .  ? 0.7209 0.8412 0.9162 0.0682  0.1059  0.0244  571 HOH A O   
685 O O   . HOH B .  ? 0.7099 0.6411 0.9250 0.0635  0.1500  0.0385  572 HOH A O   
# 
loop_
_pdbx_poly_seq_scheme.asym_id 
_pdbx_poly_seq_scheme.entity_id 
_pdbx_poly_seq_scheme.seq_id 
_pdbx_poly_seq_scheme.mon_id 
_pdbx_poly_seq_scheme.ndb_seq_num 
_pdbx_poly_seq_scheme.pdb_seq_num 
_pdbx_poly_seq_scheme.auth_seq_num 
_pdbx_poly_seq_scheme.pdb_mon_id 
_pdbx_poly_seq_scheme.auth_mon_id 
_pdbx_poly_seq_scheme.pdb_strand_id 
_pdbx_poly_seq_scheme.pdb_ins_code 
_pdbx_poly_seq_scheme.hetero 
A 1 1  GLY 1  350 ?   ?   ?   A . n 
A 1 2  GLU 2  351 ?   ?   ?   A . n 
A 1 3  THR 3  352 352 THR THR A . n 
A 1 4  ALA 4  353 353 ALA ALA A . n 
A 1 5  ARG 5  354 354 ARG ARG A . n 
A 1 6  LEU 6  355 355 LEU LEU A . n 
A 1 7  LEU 7  356 356 LEU LEU A . n 
A 1 8  ARG 8  357 357 ARG ARG A . n 
A 1 9  ALA 9  358 358 ALA ALA A . n 
A 1 10 PRO 10 359 359 PRO PRO A . n 
A 1 11 VAL 11 360 360 VAL VAL A . n 
A 1 12 ALA 12 361 361 ALA ALA A . n 
A 1 13 GLY 13 362 362 GLY GLY A . n 
A 1 14 THR 14 363 363 THR THR A . n 
A 1 15 ILE 15 364 364 ILE ILE A . n 
A 1 16 LYS 16 365 365 LYS LYS A . n 
A 1 17 LEU 17 366 366 LEU LEU A . n 
A 1 18 GLY 18 367 367 GLY GLY A . n 
A 1 19 LYS 19 368 368 LYS LYS A . n 
A 1 20 LYS 20 369 369 LYS LYS A . n 
A 1 21 ALA 21 370 370 ALA ALA A . n 
A 1 22 ARG 22 371 371 ARG ARG A . n 
A 1 23 THR 23 372 372 THR THR A . n 
A 1 24 ARG 24 373 373 ARG ARG A . n 
A 1 25 PRO 25 374 374 PRO PRO A . n 
A 1 26 TYR 26 375 375 TYR TYR A . n 
A 1 27 ARG 27 376 376 ARG ARG A . n 
A 1 28 THR 28 377 377 THR THR A . n 
A 1 29 ARG 29 378 378 ARG ARG A . n 
A 1 30 HIS 30 379 379 HIS HIS A . n 
A 1 31 GLY 31 380 380 GLY GLY A . n 
A 1 32 GLU 32 381 381 GLU GLU A . n 
A 1 33 GLU 33 382 382 GLU GLU A . n 
A 1 34 ALA 34 383 383 ALA ALA A . n 
A 1 35 LEU 35 384 384 LEU LEU A . n 
A 1 36 LEU 36 385 385 LEU LEU A . n 
A 1 37 ALA 37 386 386 ALA ALA A . n 
A 1 38 GLU 38 387 387 GLU GLU A . n 
A 1 39 ALA 39 388 388 ALA ALA A . n 
A 1 40 ASN 40 389 389 ASN ASN A . n 
A 1 41 PHE 41 390 390 PHE PHE A . n 
A 1 42 ASP 42 391 391 ASP ASP A . n 
A 1 43 LEU 43 392 392 LEU LEU A . n 
A 1 44 VAL 44 393 393 VAL VAL A . n 
A 1 45 LEU 45 394 394 LEU LEU A . n 
A 1 46 GLU 46 395 395 GLU GLU A . n 
A 1 47 GLY 47 396 396 GLY GLY A . n 
A 1 48 LYS 48 397 397 LYS LYS A . n 
A 1 49 GLY 49 398 398 GLY GLY A . n 
A 1 50 ARG 50 399 399 ARG ARG A . n 
A 1 51 LYS 51 400 400 LYS LYS A . n 
A 1 52 GLU 52 401 401 GLU GLU A . n 
A 1 53 THR 53 402 402 THR THR A . n 
A 1 54 PHE 54 403 403 PHE PHE A . n 
A 1 55 ALA 55 404 404 ALA ALA A . n 
A 1 56 ILE 56 405 405 ILE ILE A . n 
A 1 57 LEU 57 406 406 LEU LEU A . n 
A 1 58 GLN 58 407 407 GLN GLN A . n 
A 1 59 GLY 59 408 408 GLY GLY A . n 
A 1 60 SER 60 409 409 SER SER A . n 
A 1 61 THR 61 410 410 THR THR A . n 
A 1 62 ILE 62 411 411 ILE ILE A . n 
A 1 63 PHE 63 412 412 PHE PHE A . n 
A 1 64 VAL 64 413 413 VAL VAL A . n 
A 1 65 GLN 65 414 414 GLN GLN A . n 
A 1 66 ASP 66 415 415 ASP ASP A . n 
A 1 67 GLY 67 416 416 GLY GLY A . n 
A 1 68 ASP 68 417 417 ASP ASP A . n 
A 1 69 LYS 69 418 418 LYS LYS A . n 
A 1 70 VAL 70 419 419 VAL VAL A . n 
A 1 71 ALA 71 420 420 ALA ALA A . n 
A 1 72 ALA 72 421 421 ALA ALA A . n 
A 1 73 GLU 73 422 422 GLU GLU A . n 
A 1 74 ALA 74 423 423 ALA ALA A . n 
A 1 75 ILE 75 424 424 ILE ILE A . n 
A 1 76 LEU 76 425 425 LEU LEU A . n 
A 1 77 ALA 77 426 426 ALA ALA A . n 
A 1 78 GLU 78 427 427 GLU GLU A . n 
A 1 79 VAL 79 428 428 VAL VAL A . n 
A 1 80 PRO 80 429 429 PRO PRO A . n 
A 1 81 VAL 81 430 430 VAL VAL A . n 
A 1 82 SER 82 431 ?   ?   ?   A . n 
A 1 83 GLY 83 432 ?   ?   ?   A . n 
A 1 84 ARG 84 433 ?   ?   ?   A . n 
# 
_pdbx_contact_author.id                 2 
_pdbx_contact_author.email              yzhang@cemps.ac.cn 
_pdbx_contact_author.name_first         Yu 
_pdbx_contact_author.name_last          Zhang 
_pdbx_contact_author.name_mi            ? 
_pdbx_contact_author.role               'principal investigator/group leader' 
_pdbx_contact_author.identifier_ORCID   0000-0002-1778-8389 
# 
loop_
_pdbx_nonpoly_scheme.asym_id 
_pdbx_nonpoly_scheme.entity_id 
_pdbx_nonpoly_scheme.mon_id 
_pdbx_nonpoly_scheme.ndb_seq_num 
_pdbx_nonpoly_scheme.pdb_seq_num 
_pdbx_nonpoly_scheme.auth_seq_num 
_pdbx_nonpoly_scheme.pdb_mon_id 
_pdbx_nonpoly_scheme.auth_mon_id 
_pdbx_nonpoly_scheme.pdb_strand_id 
_pdbx_nonpoly_scheme.pdb_ins_code 
B 2 HOH 1  501 64 HOH HOH A . 
B 2 HOH 2  502 43 HOH HOH A . 
B 2 HOH 3  503 56 HOH HOH A . 
B 2 HOH 4  504 59 HOH HOH A . 
B 2 HOH 5  505 34 HOH HOH A . 
B 2 HOH 6  506 12 HOH HOH A . 
B 2 HOH 7  507 19 HOH HOH A . 
B 2 HOH 8  508 13 HOH HOH A . 
B 2 HOH 9  509 40 HOH HOH A . 
B 2 HOH 10 510 7  HOH HOH A . 
B 2 HOH 11 511 1  HOH HOH A . 
B 2 HOH 12 512 36 HOH HOH A . 
B 2 HOH 13 513 21 HOH HOH A . 
B 2 HOH 14 514 66 HOH HOH A . 
B 2 HOH 15 515 47 HOH HOH A . 
B 2 HOH 16 516 3  HOH HOH A . 
B 2 HOH 17 517 52 HOH HOH A . 
B 2 HOH 18 518 68 HOH HOH A . 
B 2 HOH 19 519 14 HOH HOH A . 
B 2 HOH 20 520 32 HOH HOH A . 
B 2 HOH 21 521 53 HOH HOH A . 
B 2 HOH 22 522 39 HOH HOH A . 
B 2 HOH 23 523 78 HOH HOH A . 
B 2 HOH 24 524 2  HOH HOH A . 
B 2 HOH 25 525 54 HOH HOH A . 
B 2 HOH 26 526 11 HOH HOH A . 
B 2 HOH 27 527 25 HOH HOH A . 
B 2 HOH 28 528 28 HOH HOH A . 
B 2 HOH 29 529 81 HOH HOH A . 
B 2 HOH 30 530 17 HOH HOH A . 
B 2 HOH 31 531 33 HOH HOH A . 
B 2 HOH 32 532 18 HOH HOH A . 
B 2 HOH 33 533 44 HOH HOH A . 
B 2 HOH 34 534 10 HOH HOH A . 
B 2 HOH 35 535 55 HOH HOH A . 
B 2 HOH 36 536 27 HOH HOH A . 
B 2 HOH 37 537 24 HOH HOH A . 
B 2 HOH 38 538 58 HOH HOH A . 
B 2 HOH 39 539 57 HOH HOH A . 
B 2 HOH 40 540 16 HOH HOH A . 
B 2 HOH 41 541 9  HOH HOH A . 
B 2 HOH 42 542 8  HOH HOH A . 
B 2 HOH 43 543 20 HOH HOH A . 
B 2 HOH 44 544 4  HOH HOH A . 
B 2 HOH 45 545 41 HOH HOH A . 
B 2 HOH 46 546 5  HOH HOH A . 
B 2 HOH 47 547 31 HOH HOH A . 
B 2 HOH 48 548 6  HOH HOH A . 
B 2 HOH 49 549 72 HOH HOH A . 
B 2 HOH 50 550 74 HOH HOH A . 
B 2 HOH 51 551 46 HOH HOH A . 
B 2 HOH 52 552 65 HOH HOH A . 
B 2 HOH 53 553 51 HOH HOH A . 
B 2 HOH 54 554 61 HOH HOH A . 
B 2 HOH 55 555 62 HOH HOH A . 
B 2 HOH 56 556 67 HOH HOH A . 
B 2 HOH 57 557 22 HOH HOH A . 
B 2 HOH 58 558 45 HOH HOH A . 
B 2 HOH 59 559 37 HOH HOH A . 
B 2 HOH 60 560 69 HOH HOH A . 
B 2 HOH 61 561 80 HOH HOH A . 
B 2 HOH 62 562 30 HOH HOH A . 
B 2 HOH 63 563 50 HOH HOH A . 
B 2 HOH 64 564 76 HOH HOH A . 
B 2 HOH 65 565 29 HOH HOH A . 
B 2 HOH 66 566 15 HOH HOH A . 
B 2 HOH 67 567 75 HOH HOH A . 
B 2 HOH 68 568 35 HOH HOH A . 
B 2 HOH 69 569 26 HOH HOH A . 
B 2 HOH 70 570 60 HOH HOH A . 
B 2 HOH 71 571 70 HOH HOH A . 
B 2 HOH 72 572 73 HOH HOH A . 
# 
_pdbx_struct_assembly.id                   1 
_pdbx_struct_assembly.details              author_defined_assembly 
_pdbx_struct_assembly.method_details       ? 
_pdbx_struct_assembly.oligomeric_details   monomeric 
_pdbx_struct_assembly.oligomeric_count     1 
# 
_pdbx_struct_assembly_gen.assembly_id       1 
_pdbx_struct_assembly_gen.oper_expression   1 
_pdbx_struct_assembly_gen.asym_id_list      A,B 
# 
_pdbx_struct_oper_list.id                   1 
_pdbx_struct_oper_list.type                 'identity operation' 
_pdbx_struct_oper_list.name                 1_555 
_pdbx_struct_oper_list.symmetry_operation   x,y,z 
_pdbx_struct_oper_list.matrix[1][1]         1.0000000000 
_pdbx_struct_oper_list.matrix[1][2]         0.0000000000 
_pdbx_struct_oper_list.matrix[1][3]         0.0000000000 
_pdbx_struct_oper_list.vector[1]            0.0000000000 
_pdbx_struct_oper_list.matrix[2][1]         0.0000000000 
_pdbx_struct_oper_list.matrix[2][2]         1.0000000000 
_pdbx_struct_oper_list.matrix[2][3]         0.0000000000 
_pdbx_struct_oper_list.vector[2]            0.0000000000 
_pdbx_struct_oper_list.matrix[3][1]         0.0000000000 
_pdbx_struct_oper_list.matrix[3][2]         0.0000000000 
_pdbx_struct_oper_list.matrix[3][3]         1.0000000000 
_pdbx_struct_oper_list.vector[3]            0.0000000000 
# 
loop_
_pdbx_audit_revision_history.ordinal 
_pdbx_audit_revision_history.data_content_type 
_pdbx_audit_revision_history.major_revision 
_pdbx_audit_revision_history.minor_revision 
_pdbx_audit_revision_history.revision_date 
1 'Structure model' 1 0 2023-04-19 
2 'Structure model' 1 1 2023-11-01 
3 'Structure model' 1 2 2023-11-08 
# 
_pdbx_audit_revision_details.ordinal             1 
_pdbx_audit_revision_details.revision_ordinal    1 
_pdbx_audit_revision_details.data_content_type   'Structure model' 
_pdbx_audit_revision_details.provider            repository 
_pdbx_audit_revision_details.type                'Initial release' 
_pdbx_audit_revision_details.description         ? 
_pdbx_audit_revision_details.details             ? 
# 
loop_
_pdbx_audit_revision_group.ordinal 
_pdbx_audit_revision_group.revision_ordinal 
_pdbx_audit_revision_group.data_content_type 
_pdbx_audit_revision_group.group 
1 2 'Structure model' 'Data collection'        
2 2 'Structure model' 'Database references'    
3 3 'Structure model' 'Refinement description' 
# 
loop_
_pdbx_audit_revision_category.ordinal 
_pdbx_audit_revision_category.revision_ordinal 
_pdbx_audit_revision_category.data_content_type 
_pdbx_audit_revision_category.category 
1 2 'Structure model' chem_comp_atom                
2 2 'Structure model' chem_comp_bond                
3 2 'Structure model' citation                      
4 2 'Structure model' citation_author               
5 3 'Structure model' pdbx_initial_refinement_model 
# 
loop_
_pdbx_audit_revision_item.ordinal 
_pdbx_audit_revision_item.revision_ordinal 
_pdbx_audit_revision_item.data_content_type 
_pdbx_audit_revision_item.item 
1  2 'Structure model' '_citation.country'                 
2  2 'Structure model' '_citation.journal_abbrev'          
3  2 'Structure model' '_citation.journal_id_ASTM'         
4  2 'Structure model' '_citation.journal_id_CSD'          
5  2 'Structure model' '_citation.journal_id_ISSN'         
6  2 'Structure model' '_citation.journal_volume'          
7  2 'Structure model' '_citation.page_first'              
8  2 'Structure model' '_citation.page_last'               
9  2 'Structure model' '_citation.pdbx_database_id_DOI'    
10 2 'Structure model' '_citation.pdbx_database_id_PubMed' 
11 2 'Structure model' '_citation.title'                   
12 2 'Structure model' '_citation.year'                    
# 
_pdbx_refine_tls.id               1 
_pdbx_refine_tls.pdbx_refine_id   'X-RAY DIFFRACTION' 
_pdbx_refine_tls.details          ? 
_pdbx_refine_tls.method           refined 
_pdbx_refine_tls.origin_x         -0.0646 
_pdbx_refine_tls.origin_y         -0.3640 
_pdbx_refine_tls.origin_z         0.2408 
_pdbx_refine_tls.T[1][1]          0.2131 
_pdbx_refine_tls.T[1][1]_esd      ? 
_pdbx_refine_tls.T[1][2]          0.0047 
_pdbx_refine_tls.T[1][2]_esd      ? 
_pdbx_refine_tls.T[1][3]          -0.0050 
_pdbx_refine_tls.T[1][3]_esd      ? 
_pdbx_refine_tls.T[2][2]          0.2255 
_pdbx_refine_tls.T[2][2]_esd      ? 
_pdbx_refine_tls.T[2][3]          -0.0276 
_pdbx_refine_tls.T[2][3]_esd      ? 
_pdbx_refine_tls.T[3][3]          0.2073 
_pdbx_refine_tls.T[3][3]_esd      ? 
_pdbx_refine_tls.L[1][1]          4.3238 
_pdbx_refine_tls.L[1][1]_esd      ? 
_pdbx_refine_tls.L[1][2]          -0.8602 
_pdbx_refine_tls.L[1][2]_esd      ? 
_pdbx_refine_tls.L[1][3]          -1.8440 
_pdbx_refine_tls.L[1][3]_esd      ? 
_pdbx_refine_tls.L[2][2]          1.9773 
_pdbx_refine_tls.L[2][2]_esd      ? 
_pdbx_refine_tls.L[2][3]          0.1278 
_pdbx_refine_tls.L[2][3]_esd      ? 
_pdbx_refine_tls.L[3][3]          2.6502 
_pdbx_refine_tls.L[3][3]_esd      ? 
_pdbx_refine_tls.S[1][1]          0.0061 
_pdbx_refine_tls.S[1][1]_esd      ? 
_pdbx_refine_tls.S[1][2]          -0.2094 
_pdbx_refine_tls.S[1][2]_esd      ? 
_pdbx_refine_tls.S[1][3]          0.1150 
_pdbx_refine_tls.S[1][3]_esd      ? 
_pdbx_refine_tls.S[2][1]          0.0998 
_pdbx_refine_tls.S[2][1]_esd      ? 
_pdbx_refine_tls.S[2][2]          0.0367 
_pdbx_refine_tls.S[2][2]_esd      ? 
_pdbx_refine_tls.S[2][3]          0.0111 
_pdbx_refine_tls.S[2][3]_esd      ? 
_pdbx_refine_tls.S[3][1]          -0.2505 
_pdbx_refine_tls.S[3][1]_esd      ? 
_pdbx_refine_tls.S[3][2]          0.0326 
_pdbx_refine_tls.S[3][2]_esd      ? 
_pdbx_refine_tls.S[3][3]          -0.0352 
_pdbx_refine_tls.S[3][3]_esd      ? 
# 
loop_
_pdbx_refine_tls_group.id 
_pdbx_refine_tls_group.pdbx_refine_id 
_pdbx_refine_tls_group.refine_tls_id 
_pdbx_refine_tls_group.beg_label_asym_id 
_pdbx_refine_tls_group.beg_label_seq_id 
_pdbx_refine_tls_group.beg_auth_asym_id 
_pdbx_refine_tls_group.beg_auth_seq_id 
_pdbx_refine_tls_group.beg_PDB_ins_code 
_pdbx_refine_tls_group.end_label_asym_id 
_pdbx_refine_tls_group.end_label_seq_id 
_pdbx_refine_tls_group.end_auth_asym_id 
_pdbx_refine_tls_group.end_auth_seq_id 
_pdbx_refine_tls_group.end_PDB_ins_code 
_pdbx_refine_tls_group.selection 
_pdbx_refine_tls_group.selection_details 
1 'X-RAY DIFFRACTION' 1 ? ? A 352 ? ? ? A 430 ? ? all 
2 'X-RAY DIFFRACTION' 1 ? ? S 1   ? ? ? S 81  ? ? all 
# 
loop_
_software.citation_id 
_software.classification 
_software.compiler_name 
_software.compiler_version 
_software.contact_author 
_software.contact_author_email 
_software.date 
_software.description 
_software.dependencies 
_software.hardware 
_software.language 
_software.location 
_software.mods 
_software.name 
_software.os 
_software.os_version 
_software.type 
_software.version 
_software.pdbx_ordinal 
? 'data scaling'    ? ? ? ? ? ? ? ? ? ? ? HKL-2000    ? ? ? .         1 
? refinement        ? ? ? ? ? ? ? ? ? ? ? PHENIX      ? ? ? 1.14_3260 2 
? 'data extraction' ? ? ? ? ? ? ? ? ? ? ? PDB_EXTRACT ? ? ? 3.27      3 
? 'data reduction'  ? ? ? ? ? ? ? ? ? ? ? HKL-2000    ? ? ? .         4 
? phasing           ? ? ? ? ? ? ? ? ? ? ? PHENIX      ? ? ? .         5 
# 
loop_
_pdbx_validate_torsion.id 
_pdbx_validate_torsion.PDB_model_num 
_pdbx_validate_torsion.auth_comp_id 
_pdbx_validate_torsion.auth_asym_id 
_pdbx_validate_torsion.auth_seq_id 
_pdbx_validate_torsion.PDB_ins_code 
_pdbx_validate_torsion.label_alt_id 
_pdbx_validate_torsion.phi 
_pdbx_validate_torsion.psi 
1 1 ALA A 383 ? ? -143.30 -155.27 
2 1 GLU A 422 ? ? 79.56   -1.39   
# 
loop_
_pdbx_distant_solvent_atoms.id 
_pdbx_distant_solvent_atoms.PDB_model_num 
_pdbx_distant_solvent_atoms.auth_atom_id 
_pdbx_distant_solvent_atoms.label_alt_id 
_pdbx_distant_solvent_atoms.auth_asym_id 
_pdbx_distant_solvent_atoms.auth_comp_id 
_pdbx_distant_solvent_atoms.auth_seq_id 
_pdbx_distant_solvent_atoms.PDB_ins_code 
_pdbx_distant_solvent_atoms.neighbor_macromolecule_distance 
_pdbx_distant_solvent_atoms.neighbor_ligand_distance 
1 1 O ? A HOH 571 ? 6.46 . 
2 1 O ? A HOH 572 ? 7.17 . 
# 
loop_
_pdbx_unobs_or_zero_occ_atoms.id 
_pdbx_unobs_or_zero_occ_atoms.PDB_model_num 
_pdbx_unobs_or_zero_occ_atoms.polymer_flag 
_pdbx_unobs_or_zero_occ_atoms.occupancy_flag 
_pdbx_unobs_or_zero_occ_atoms.auth_asym_id 
_pdbx_unobs_or_zero_occ_atoms.auth_comp_id 
_pdbx_unobs_or_zero_occ_atoms.auth_seq_id 
_pdbx_unobs_or_zero_occ_atoms.PDB_ins_code 
_pdbx_unobs_or_zero_occ_atoms.auth_atom_id 
_pdbx_unobs_or_zero_occ_atoms.label_alt_id 
_pdbx_unobs_or_zero_occ_atoms.label_asym_id 
_pdbx_unobs_or_zero_occ_atoms.label_comp_id 
_pdbx_unobs_or_zero_occ_atoms.label_seq_id 
_pdbx_unobs_or_zero_occ_atoms.label_atom_id 
1 1 Y 1 A LYS 369 ? CD  ? A LYS 20 CD  
2 1 Y 1 A LYS 369 ? CE  ? A LYS 20 CE  
3 1 Y 1 A LYS 369 ? NZ  ? A LYS 20 NZ  
4 1 Y 1 A VAL 430 ? CG1 ? A VAL 81 CG1 
5 1 Y 1 A VAL 430 ? CG2 ? A VAL 81 CG2 
# 
loop_
_pdbx_unobs_or_zero_occ_residues.id 
_pdbx_unobs_or_zero_occ_residues.PDB_model_num 
_pdbx_unobs_or_zero_occ_residues.polymer_flag 
_pdbx_unobs_or_zero_occ_residues.occupancy_flag 
_pdbx_unobs_or_zero_occ_residues.auth_asym_id 
_pdbx_unobs_or_zero_occ_residues.auth_comp_id 
_pdbx_unobs_or_zero_occ_residues.auth_seq_id 
_pdbx_unobs_or_zero_occ_residues.PDB_ins_code 
_pdbx_unobs_or_zero_occ_residues.label_asym_id 
_pdbx_unobs_or_zero_occ_residues.label_comp_id 
_pdbx_unobs_or_zero_occ_residues.label_seq_id 
1 1 Y 1 A GLY 350 ? A GLY 1  
2 1 Y 1 A GLU 351 ? A GLU 2  
3 1 Y 1 A SER 431 ? A SER 82 
4 1 Y 1 A GLY 432 ? A GLY 83 
5 1 Y 1 A ARG 433 ? A ARG 84 
# 
loop_
_chem_comp_atom.comp_id 
_chem_comp_atom.atom_id 
_chem_comp_atom.type_symbol 
_chem_comp_atom.pdbx_aromatic_flag 
_chem_comp_atom.pdbx_stereo_config 
_chem_comp_atom.pdbx_ordinal 
ALA N    N N N 1   
ALA CA   C N S 2   
ALA C    C N N 3   
ALA O    O N N 4   
ALA CB   C N N 5   
ALA OXT  O N N 6   
ALA H    H N N 7   
ALA H2   H N N 8   
ALA HA   H N N 9   
ALA HB1  H N N 10  
ALA HB2  H N N 11  
ALA HB3  H N N 12  
ALA HXT  H N N 13  
ARG N    N N N 14  
ARG CA   C N S 15  
ARG C    C N N 16  
ARG O    O N N 17  
ARG CB   C N N 18  
ARG CG   C N N 19  
ARG CD   C N N 20  
ARG NE   N N N 21  
ARG CZ   C N N 22  
ARG NH1  N N N 23  
ARG NH2  N N N 24  
ARG OXT  O N N 25  
ARG H    H N N 26  
ARG H2   H N N 27  
ARG HA   H N N 28  
ARG HB2  H N N 29  
ARG HB3  H N N 30  
ARG HG2  H N N 31  
ARG HG3  H N N 32  
ARG HD2  H N N 33  
ARG HD3  H N N 34  
ARG HE   H N N 35  
ARG HH11 H N N 36  
ARG HH12 H N N 37  
ARG HH21 H N N 38  
ARG HH22 H N N 39  
ARG HXT  H N N 40  
ASN N    N N N 41  
ASN CA   C N S 42  
ASN C    C N N 43  
ASN O    O N N 44  
ASN CB   C N N 45  
ASN CG   C N N 46  
ASN OD1  O N N 47  
ASN ND2  N N N 48  
ASN OXT  O N N 49  
ASN H    H N N 50  
ASN H2   H N N 51  
ASN HA   H N N 52  
ASN HB2  H N N 53  
ASN HB3  H N N 54  
ASN HD21 H N N 55  
ASN HD22 H N N 56  
ASN HXT  H N N 57  
ASP N    N N N 58  
ASP CA   C N S 59  
ASP C    C N N 60  
ASP O    O N N 61  
ASP CB   C N N 62  
ASP CG   C N N 63  
ASP OD1  O N N 64  
ASP OD2  O N N 65  
ASP OXT  O N N 66  
ASP H    H N N 67  
ASP H2   H N N 68  
ASP HA   H N N 69  
ASP HB2  H N N 70  
ASP HB3  H N N 71  
ASP HD2  H N N 72  
ASP HXT  H N N 73  
GLN N    N N N 74  
GLN CA   C N S 75  
GLN C    C N N 76  
GLN O    O N N 77  
GLN CB   C N N 78  
GLN CG   C N N 79  
GLN CD   C N N 80  
GLN OE1  O N N 81  
GLN NE2  N N N 82  
GLN OXT  O N N 83  
GLN H    H N N 84  
GLN H2   H N N 85  
GLN HA   H N N 86  
GLN HB2  H N N 87  
GLN HB3  H N N 88  
GLN HG2  H N N 89  
GLN HG3  H N N 90  
GLN HE21 H N N 91  
GLN HE22 H N N 92  
GLN HXT  H N N 93  
GLU N    N N N 94  
GLU CA   C N S 95  
GLU C    C N N 96  
GLU O    O N N 97  
GLU CB   C N N 98  
GLU CG   C N N 99  
GLU CD   C N N 100 
GLU OE1  O N N 101 
GLU OE2  O N N 102 
GLU OXT  O N N 103 
GLU H    H N N 104 
GLU H2   H N N 105 
GLU HA   H N N 106 
GLU HB2  H N N 107 
GLU HB3  H N N 108 
GLU HG2  H N N 109 
GLU HG3  H N N 110 
GLU HE2  H N N 111 
GLU HXT  H N N 112 
GLY N    N N N 113 
GLY CA   C N N 114 
GLY C    C N N 115 
GLY O    O N N 116 
GLY OXT  O N N 117 
GLY H    H N N 118 
GLY H2   H N N 119 
GLY HA2  H N N 120 
GLY HA3  H N N 121 
GLY HXT  H N N 122 
HIS N    N N N 123 
HIS CA   C N S 124 
HIS C    C N N 125 
HIS O    O N N 126 
HIS CB   C N N 127 
HIS CG   C Y N 128 
HIS ND1  N Y N 129 
HIS CD2  C Y N 130 
HIS CE1  C Y N 131 
HIS NE2  N Y N 132 
HIS OXT  O N N 133 
HIS H    H N N 134 
HIS H2   H N N 135 
HIS HA   H N N 136 
HIS HB2  H N N 137 
HIS HB3  H N N 138 
HIS HD1  H N N 139 
HIS HD2  H N N 140 
HIS HE1  H N N 141 
HIS HE2  H N N 142 
HIS HXT  H N N 143 
HOH O    O N N 144 
HOH H1   H N N 145 
HOH H2   H N N 146 
ILE N    N N N 147 
ILE CA   C N S 148 
ILE C    C N N 149 
ILE O    O N N 150 
ILE CB   C N S 151 
ILE CG1  C N N 152 
ILE CG2  C N N 153 
ILE CD1  C N N 154 
ILE OXT  O N N 155 
ILE H    H N N 156 
ILE H2   H N N 157 
ILE HA   H N N 158 
ILE HB   H N N 159 
ILE HG12 H N N 160 
ILE HG13 H N N 161 
ILE HG21 H N N 162 
ILE HG22 H N N 163 
ILE HG23 H N N 164 
ILE HD11 H N N 165 
ILE HD12 H N N 166 
ILE HD13 H N N 167 
ILE HXT  H N N 168 
LEU N    N N N 169 
LEU CA   C N S 170 
LEU C    C N N 171 
LEU O    O N N 172 
LEU CB   C N N 173 
LEU CG   C N N 174 
LEU CD1  C N N 175 
LEU CD2  C N N 176 
LEU OXT  O N N 177 
LEU H    H N N 178 
LEU H2   H N N 179 
LEU HA   H N N 180 
LEU HB2  H N N 181 
LEU HB3  H N N 182 
LEU HG   H N N 183 
LEU HD11 H N N 184 
LEU HD12 H N N 185 
LEU HD13 H N N 186 
LEU HD21 H N N 187 
LEU HD22 H N N 188 
LEU HD23 H N N 189 
LEU HXT  H N N 190 
LYS N    N N N 191 
LYS CA   C N S 192 
LYS C    C N N 193 
LYS O    O N N 194 
LYS CB   C N N 195 
LYS CG   C N N 196 
LYS CD   C N N 197 
LYS CE   C N N 198 
LYS NZ   N N N 199 
LYS OXT  O N N 200 
LYS H    H N N 201 
LYS H2   H N N 202 
LYS HA   H N N 203 
LYS HB2  H N N 204 
LYS HB3  H N N 205 
LYS HG2  H N N 206 
LYS HG3  H N N 207 
LYS HD2  H N N 208 
LYS HD3  H N N 209 
LYS HE2  H N N 210 
LYS HE3  H N N 211 
LYS HZ1  H N N 212 
LYS HZ2  H N N 213 
LYS HZ3  H N N 214 
LYS HXT  H N N 215 
PHE N    N N N 216 
PHE CA   C N S 217 
PHE C    C N N 218 
PHE O    O N N 219 
PHE CB   C N N 220 
PHE CG   C Y N 221 
PHE CD1  C Y N 222 
PHE CD2  C Y N 223 
PHE CE1  C Y N 224 
PHE CE2  C Y N 225 
PHE CZ   C Y N 226 
PHE OXT  O N N 227 
PHE H    H N N 228 
PHE H2   H N N 229 
PHE HA   H N N 230 
PHE HB2  H N N 231 
PHE HB3  H N N 232 
PHE HD1  H N N 233 
PHE HD2  H N N 234 
PHE HE1  H N N 235 
PHE HE2  H N N 236 
PHE HZ   H N N 237 
PHE HXT  H N N 238 
PRO N    N N N 239 
PRO CA   C N S 240 
PRO C    C N N 241 
PRO O    O N N 242 
PRO CB   C N N 243 
PRO CG   C N N 244 
PRO CD   C N N 245 
PRO OXT  O N N 246 
PRO H    H N N 247 
PRO HA   H N N 248 
PRO HB2  H N N 249 
PRO HB3  H N N 250 
PRO HG2  H N N 251 
PRO HG3  H N N 252 
PRO HD2  H N N 253 
PRO HD3  H N N 254 
PRO HXT  H N N 255 
SER N    N N N 256 
SER CA   C N S 257 
SER C    C N N 258 
SER O    O N N 259 
SER CB   C N N 260 
SER OG   O N N 261 
SER OXT  O N N 262 
SER H    H N N 263 
SER H2   H N N 264 
SER HA   H N N 265 
SER HB2  H N N 266 
SER HB3  H N N 267 
SER HG   H N N 268 
SER HXT  H N N 269 
THR N    N N N 270 
THR CA   C N S 271 
THR C    C N N 272 
THR O    O N N 273 
THR CB   C N R 274 
THR OG1  O N N 275 
THR CG2  C N N 276 
THR OXT  O N N 277 
THR H    H N N 278 
THR H2   H N N 279 
THR HA   H N N 280 
THR HB   H N N 281 
THR HG1  H N N 282 
THR HG21 H N N 283 
THR HG22 H N N 284 
THR HG23 H N N 285 
THR HXT  H N N 286 
TYR N    N N N 287 
TYR CA   C N S 288 
TYR C    C N N 289 
TYR O    O N N 290 
TYR CB   C N N 291 
TYR CG   C Y N 292 
TYR CD1  C Y N 293 
TYR CD2  C Y N 294 
TYR CE1  C Y N 295 
TYR CE2  C Y N 296 
TYR CZ   C Y N 297 
TYR OH   O N N 298 
TYR OXT  O N N 299 
TYR H    H N N 300 
TYR H2   H N N 301 
TYR HA   H N N 302 
TYR HB2  H N N 303 
TYR HB3  H N N 304 
TYR HD1  H N N 305 
TYR HD2  H N N 306 
TYR HE1  H N N 307 
TYR HE2  H N N 308 
TYR HH   H N N 309 
TYR HXT  H N N 310 
VAL N    N N N 311 
VAL CA   C N S 312 
VAL C    C N N 313 
VAL O    O N N 314 
VAL CB   C N N 315 
VAL CG1  C N N 316 
VAL CG2  C N N 317 
VAL OXT  O N N 318 
VAL H    H N N 319 
VAL H2   H N N 320 
VAL HA   H N N 321 
VAL HB   H N N 322 
VAL HG11 H N N 323 
VAL HG12 H N N 324 
VAL HG13 H N N 325 
VAL HG21 H N N 326 
VAL HG22 H N N 327 
VAL HG23 H N N 328 
VAL HXT  H N N 329 
# 
loop_
_chem_comp_bond.comp_id 
_chem_comp_bond.atom_id_1 
_chem_comp_bond.atom_id_2 
_chem_comp_bond.value_order 
_chem_comp_bond.pdbx_aromatic_flag 
_chem_comp_bond.pdbx_stereo_config 
_chem_comp_bond.pdbx_ordinal 
ALA N   CA   sing N N 1   
ALA N   H    sing N N 2   
ALA N   H2   sing N N 3   
ALA CA  C    sing N N 4   
ALA CA  CB   sing N N 5   
ALA CA  HA   sing N N 6   
ALA C   O    doub N N 7   
ALA C   OXT  sing N N 8   
ALA CB  HB1  sing N N 9   
ALA CB  HB2  sing N N 10  
ALA CB  HB3  sing N N 11  
ALA OXT HXT  sing N N 12  
ARG N   CA   sing N N 13  
ARG N   H    sing N N 14  
ARG N   H2   sing N N 15  
ARG CA  C    sing N N 16  
ARG CA  CB   sing N N 17  
ARG CA  HA   sing N N 18  
ARG C   O    doub N N 19  
ARG C   OXT  sing N N 20  
ARG CB  CG   sing N N 21  
ARG CB  HB2  sing N N 22  
ARG CB  HB3  sing N N 23  
ARG CG  CD   sing N N 24  
ARG CG  HG2  sing N N 25  
ARG CG  HG3  sing N N 26  
ARG CD  NE   sing N N 27  
ARG CD  HD2  sing N N 28  
ARG CD  HD3  sing N N 29  
ARG NE  CZ   sing N N 30  
ARG NE  HE   sing N N 31  
ARG CZ  NH1  sing N N 32  
ARG CZ  NH2  doub N N 33  
ARG NH1 HH11 sing N N 34  
ARG NH1 HH12 sing N N 35  
ARG NH2 HH21 sing N N 36  
ARG NH2 HH22 sing N N 37  
ARG OXT HXT  sing N N 38  
ASN N   CA   sing N N 39  
ASN N   H    sing N N 40  
ASN N   H2   sing N N 41  
ASN CA  C    sing N N 42  
ASN CA  CB   sing N N 43  
ASN CA  HA   sing N N 44  
ASN C   O    doub N N 45  
ASN C   OXT  sing N N 46  
ASN CB  CG   sing N N 47  
ASN CB  HB2  sing N N 48  
ASN CB  HB3  sing N N 49  
ASN CG  OD1  doub N N 50  
ASN CG  ND2  sing N N 51  
ASN ND2 HD21 sing N N 52  
ASN ND2 HD22 sing N N 53  
ASN OXT HXT  sing N N 54  
ASP N   CA   sing N N 55  
ASP N   H    sing N N 56  
ASP N   H2   sing N N 57  
ASP CA  C    sing N N 58  
ASP CA  CB   sing N N 59  
ASP CA  HA   sing N N 60  
ASP C   O    doub N N 61  
ASP C   OXT  sing N N 62  
ASP CB  CG   sing N N 63  
ASP CB  HB2  sing N N 64  
ASP CB  HB3  sing N N 65  
ASP CG  OD1  doub N N 66  
ASP CG  OD2  sing N N 67  
ASP OD2 HD2  sing N N 68  
ASP OXT HXT  sing N N 69  
GLN N   CA   sing N N 70  
GLN N   H    sing N N 71  
GLN N   H2   sing N N 72  
GLN CA  C    sing N N 73  
GLN CA  CB   sing N N 74  
GLN CA  HA   sing N N 75  
GLN C   O    doub N N 76  
GLN C   OXT  sing N N 77  
GLN CB  CG   sing N N 78  
GLN CB  HB2  sing N N 79  
GLN CB  HB3  sing N N 80  
GLN CG  CD   sing N N 81  
GLN CG  HG2  sing N N 82  
GLN CG  HG3  sing N N 83  
GLN CD  OE1  doub N N 84  
GLN CD  NE2  sing N N 85  
GLN NE2 HE21 sing N N 86  
GLN NE2 HE22 sing N N 87  
GLN OXT HXT  sing N N 88  
GLU N   CA   sing N N 89  
GLU N   H    sing N N 90  
GLU N   H2   sing N N 91  
GLU CA  C    sing N N 92  
GLU CA  CB   sing N N 93  
GLU CA  HA   sing N N 94  
GLU C   O    doub N N 95  
GLU C   OXT  sing N N 96  
GLU CB  CG   sing N N 97  
GLU CB  HB2  sing N N 98  
GLU CB  HB3  sing N N 99  
GLU CG  CD   sing N N 100 
GLU CG  HG2  sing N N 101 
GLU CG  HG3  sing N N 102 
GLU CD  OE1  doub N N 103 
GLU CD  OE2  sing N N 104 
GLU OE2 HE2  sing N N 105 
GLU OXT HXT  sing N N 106 
GLY N   CA   sing N N 107 
GLY N   H    sing N N 108 
GLY N   H2   sing N N 109 
GLY CA  C    sing N N 110 
GLY CA  HA2  sing N N 111 
GLY CA  HA3  sing N N 112 
GLY C   O    doub N N 113 
GLY C   OXT  sing N N 114 
GLY OXT HXT  sing N N 115 
HIS N   CA   sing N N 116 
HIS N   H    sing N N 117 
HIS N   H2   sing N N 118 
HIS CA  C    sing N N 119 
HIS CA  CB   sing N N 120 
HIS CA  HA   sing N N 121 
HIS C   O    doub N N 122 
HIS C   OXT  sing N N 123 
HIS CB  CG   sing N N 124 
HIS CB  HB2  sing N N 125 
HIS CB  HB3  sing N N 126 
HIS CG  ND1  sing Y N 127 
HIS CG  CD2  doub Y N 128 
HIS ND1 CE1  doub Y N 129 
HIS ND1 HD1  sing N N 130 
HIS CD2 NE2  sing Y N 131 
HIS CD2 HD2  sing N N 132 
HIS CE1 NE2  sing Y N 133 
HIS CE1 HE1  sing N N 134 
HIS NE2 HE2  sing N N 135 
HIS OXT HXT  sing N N 136 
HOH O   H1   sing N N 137 
HOH O   H2   sing N N 138 
ILE N   CA   sing N N 139 
ILE N   H    sing N N 140 
ILE N   H2   sing N N 141 
ILE CA  C    sing N N 142 
ILE CA  CB   sing N N 143 
ILE CA  HA   sing N N 144 
ILE C   O    doub N N 145 
ILE C   OXT  sing N N 146 
ILE CB  CG1  sing N N 147 
ILE CB  CG2  sing N N 148 
ILE CB  HB   sing N N 149 
ILE CG1 CD1  sing N N 150 
ILE CG1 HG12 sing N N 151 
ILE CG1 HG13 sing N N 152 
ILE CG2 HG21 sing N N 153 
ILE CG2 HG22 sing N N 154 
ILE CG2 HG23 sing N N 155 
ILE CD1 HD11 sing N N 156 
ILE CD1 HD12 sing N N 157 
ILE CD1 HD13 sing N N 158 
ILE OXT HXT  sing N N 159 
LEU N   CA   sing N N 160 
LEU N   H    sing N N 161 
LEU N   H2   sing N N 162 
LEU CA  C    sing N N 163 
LEU CA  CB   sing N N 164 
LEU CA  HA   sing N N 165 
LEU C   O    doub N N 166 
LEU C   OXT  sing N N 167 
LEU CB  CG   sing N N 168 
LEU CB  HB2  sing N N 169 
LEU CB  HB3  sing N N 170 
LEU CG  CD1  sing N N 171 
LEU CG  CD2  sing N N 172 
LEU CG  HG   sing N N 173 
LEU CD1 HD11 sing N N 174 
LEU CD1 HD12 sing N N 175 
LEU CD1 HD13 sing N N 176 
LEU CD2 HD21 sing N N 177 
LEU CD2 HD22 sing N N 178 
LEU CD2 HD23 sing N N 179 
LEU OXT HXT  sing N N 180 
LYS N   CA   sing N N 181 
LYS N   H    sing N N 182 
LYS N   H2   sing N N 183 
LYS CA  C    sing N N 184 
LYS CA  CB   sing N N 185 
LYS CA  HA   sing N N 186 
LYS C   O    doub N N 187 
LYS C   OXT  sing N N 188 
LYS CB  CG   sing N N 189 
LYS CB  HB2  sing N N 190 
LYS CB  HB3  sing N N 191 
LYS CG  CD   sing N N 192 
LYS CG  HG2  sing N N 193 
LYS CG  HG3  sing N N 194 
LYS CD  CE   sing N N 195 
LYS CD  HD2  sing N N 196 
LYS CD  HD3  sing N N 197 
LYS CE  NZ   sing N N 198 
LYS CE  HE2  sing N N 199 
LYS CE  HE3  sing N N 200 
LYS NZ  HZ1  sing N N 201 
LYS NZ  HZ2  sing N N 202 
LYS NZ  HZ3  sing N N 203 
LYS OXT HXT  sing N N 204 
PHE N   CA   sing N N 205 
PHE N   H    sing N N 206 
PHE N   H2   sing N N 207 
PHE CA  C    sing N N 208 
PHE CA  CB   sing N N 209 
PHE CA  HA   sing N N 210 
PHE C   O    doub N N 211 
PHE C   OXT  sing N N 212 
PHE CB  CG   sing N N 213 
PHE CB  HB2  sing N N 214 
PHE CB  HB3  sing N N 215 
PHE CG  CD1  doub Y N 216 
PHE CG  CD2  sing Y N 217 
PHE CD1 CE1  sing Y N 218 
PHE CD1 HD1  sing N N 219 
PHE CD2 CE2  doub Y N 220 
PHE CD2 HD2  sing N N 221 
PHE CE1 CZ   doub Y N 222 
PHE CE1 HE1  sing N N 223 
PHE CE2 CZ   sing Y N 224 
PHE CE2 HE2  sing N N 225 
PHE CZ  HZ   sing N N 226 
PHE OXT HXT  sing N N 227 
PRO N   CA   sing N N 228 
PRO N   CD   sing N N 229 
PRO N   H    sing N N 230 
PRO CA  C    sing N N 231 
PRO CA  CB   sing N N 232 
PRO CA  HA   sing N N 233 
PRO C   O    doub N N 234 
PRO C   OXT  sing N N 235 
PRO CB  CG   sing N N 236 
PRO CB  HB2  sing N N 237 
PRO CB  HB3  sing N N 238 
PRO CG  CD   sing N N 239 
PRO CG  HG2  sing N N 240 
PRO CG  HG3  sing N N 241 
PRO CD  HD2  sing N N 242 
PRO CD  HD3  sing N N 243 
PRO OXT HXT  sing N N 244 
SER N   CA   sing N N 245 
SER N   H    sing N N 246 
SER N   H2   sing N N 247 
SER CA  C    sing N N 248 
SER CA  CB   sing N N 249 
SER CA  HA   sing N N 250 
SER C   O    doub N N 251 
SER C   OXT  sing N N 252 
SER CB  OG   sing N N 253 
SER CB  HB2  sing N N 254 
SER CB  HB3  sing N N 255 
SER OG  HG   sing N N 256 
SER OXT HXT  sing N N 257 
THR N   CA   sing N N 258 
THR N   H    sing N N 259 
THR N   H2   sing N N 260 
THR CA  C    sing N N 261 
THR CA  CB   sing N N 262 
THR CA  HA   sing N N 263 
THR C   O    doub N N 264 
THR C   OXT  sing N N 265 
THR CB  OG1  sing N N 266 
THR CB  CG2  sing N N 267 
THR CB  HB   sing N N 268 
THR OG1 HG1  sing N N 269 
THR CG2 HG21 sing N N 270 
THR CG2 HG22 sing N N 271 
THR CG2 HG23 sing N N 272 
THR OXT HXT  sing N N 273 
TYR N   CA   sing N N 274 
TYR N   H    sing N N 275 
TYR N   H2   sing N N 276 
TYR CA  C    sing N N 277 
TYR CA  CB   sing N N 278 
TYR CA  HA   sing N N 279 
TYR C   O    doub N N 280 
TYR C   OXT  sing N N 281 
TYR CB  CG   sing N N 282 
TYR CB  HB2  sing N N 283 
TYR CB  HB3  sing N N 284 
TYR CG  CD1  doub Y N 285 
TYR CG  CD2  sing Y N 286 
TYR CD1 CE1  sing Y N 287 
TYR CD1 HD1  sing N N 288 
TYR CD2 CE2  doub Y N 289 
TYR CD2 HD2  sing N N 290 
TYR CE1 CZ   doub Y N 291 
TYR CE1 HE1  sing N N 292 
TYR CE2 CZ   sing Y N 293 
TYR CE2 HE2  sing N N 294 
TYR CZ  OH   sing N N 295 
TYR OH  HH   sing N N 296 
TYR OXT HXT  sing N N 297 
VAL N   CA   sing N N 298 
VAL N   H    sing N N 299 
VAL N   H2   sing N N 300 
VAL CA  C    sing N N 301 
VAL CA  CB   sing N N 302 
VAL CA  HA   sing N N 303 
VAL C   O    doub N N 304 
VAL C   OXT  sing N N 305 
VAL CB  CG1  sing N N 306 
VAL CB  CG2  sing N N 307 
VAL CB  HB   sing N N 308 
VAL CG1 HG11 sing N N 309 
VAL CG1 HG12 sing N N 310 
VAL CG1 HG13 sing N N 311 
VAL CG2 HG21 sing N N 312 
VAL CG2 HG22 sing N N 313 
VAL CG2 HG23 sing N N 314 
VAL OXT HXT  sing N N 315 
# 
loop_
_pdbx_audit_support.funding_organization 
_pdbx_audit_support.country 
_pdbx_audit_support.grant_number 
_pdbx_audit_support.ordinal 
'Other government' China 2018YFA0900701     1 
'Other government' China JCYJ-SHFY-2022-012 2 
# 
_pdbx_entity_nonpoly.entity_id   2 
_pdbx_entity_nonpoly.name        water 
_pdbx_entity_nonpoly.comp_id     HOH 
# 
_pdbx_initial_refinement_model.id               1 
_pdbx_initial_refinement_model.entity_id_list   ? 
_pdbx_initial_refinement_model.type             'experimental model' 
_pdbx_initial_refinement_model.source_name      PDB 
_pdbx_initial_refinement_model.accession_code   2AUK 
_pdbx_initial_refinement_model.details          ? 
# 
_pdbx_struct_assembly_auth_evidence.id                     1 
_pdbx_struct_assembly_auth_evidence.assembly_id            1 
_pdbx_struct_assembly_auth_evidence.experimental_support   'gel filtration' 
_pdbx_struct_assembly_auth_evidence.details                ? 
# 
